data_5X0M
#
_entry.id   5X0M
#
_cell.length_a   1.0
_cell.length_b   1.0
_cell.length_c   1.0
_cell.angle_alpha   90.0
_cell.angle_beta   90.0
_cell.angle_gamma   90.0
#
_symmetry.space_group_name_H-M   'P 1'
#
loop_
_entity.id
_entity.type
_entity.pdbx_description
1 polymer 'Sodium channel protein'
2 branched beta-D-mannopyranose-(1-3)-[beta-D-mannopyranose-(1-6)]beta-D-mannopyranose-(1-4)-2-acetamido-2-deoxy-beta-D-glucopyranose-(1-4)-2-acetamido-2-deoxy-beta-D-glucopyranose
3 branched beta-D-mannopyranose-(1-4)-2-acetamido-2-deoxy-beta-D-glucopyranose-(1-4)-2-acetamido-2-deoxy-beta-D-glucopyranose
4 branched 2-acetamido-2-deoxy-beta-D-glucopyranose-(1-4)-2-acetamido-2-deoxy-beta-D-glucopyranose
5 non-polymer 2-acetamido-2-deoxy-beta-D-glucopyranose
#
_entity_poly.entity_id   1
_entity_poly.type   'polypeptide(L)'
_entity_poly.pdbx_seq_one_letter_code
;MASWSHPQFEKGGGARGGSGGGSWSHPQFEKGFDYKDDDDKGTMADNSPLIREERQRLFRPYTRAMLTAPSAQPAKENGK
TEENKDNSRDKGRGANKDRDGSAHPDQALEQGSRLPARMRNIFPAELASTPLEDFDPFYKNKKTFVVVTKAGDIFRFSGE
KSLWMLDPFTPIRRVAISTMVQPIFSYFIMITILIHCIFMIMPATQTTYILELVFLSIYTIEVVVKVLARGFILHPFAYL
RDPWNWLDFLVTLIGYITLVVDLGHLYALRAFRVLRSWRTVTIVPGWRTIVDALSLSITSLKDLVLLLLFSLFVFAVLGL
QIYMGVLTQKCVKHFPADGSWGNFTDERWFNYTSNSSHWYIPDDWIEYPLCGNSSGAGMCPPGYTCLQGYGGNPNYGYTS
FDTFGWAFLSVFRLVTLDYWEDLYQLALRSAGPWHILFFIIVVFYGTFCFLNFILAVVVMSYTHMVKRADEEKAAERELK
KEKKAASVANNTANGQEQTTIEMNGDEAVVIDNNDQAARQQSDPETPAPSVTQRLTDFLCVWDCCVPWQKLQGAIGAVVL
SPFFELFIAVIIVLNITFMALDHHDMNIEFERILRTGNYIFTSIYIVEAVLKIIALSPKFYFKDSWNVFDFIIVVFAILE
LGLEGVQGLSVFRSFRLLRVFRLAKFWPTLNNFMSVMTKSYGAFVNVMYVMFLLLFIFAIIGMQLFGMNYIDNMERFPDG
DLPRWNFTDFLHSFMIVFRALCGEWIESMWDCMLVGDWSCIPFFVAVFFVGNLVILNLLIALLLNNYGSFCTSPTSDEED
SKDEDALAQIVRIFKRFKPNLNAVKLSPMKPDSEDIVESQEIQGNNIADAEDVLAGEFPPDCCCNAFYKCFPSRPARDSS
VQRMWSNIRRVCFLLAKNKYFQKFVTAVLVITSVLLALEDIYLPQRPVLVNITLYVDYVLTAFFVIEMIIMLFAVGFKKY
FTSKWYWLDFIVVVAYLLNFVLMCAGIEALQTLRLLRVFRLFRPLSKVNGMQVVTSTLVEAVPHIFNVILVGIFFWLVFA
IMGVQLFAGKFYKCVDENSTVLSHEITMDRNDCLHENYTWENSPMNFDHVGNAYLSLLQVATFKGWLQIMNDAIDSREVH
KQPIRETNIYMYLYFIFFIVFGSFFILKLFVCILIDIFRQQRRKAEGLSATDSRTQLIYRRAVMRTMSAKPVKRIPKPTC
HPQSLMYDISVNRKFEYTMMILIILNVAVMAIDHYGQSMEFSEVLDYLNLIFIIIFFVECVIKVSGLRHHYFKDPWNIID
FLYVVLAIAGLMLSDVIEKYFISPTLLRILRILRVGRLLRYFQSARGMRLLLLALRKALRTLFNVSFLLFVIMFVYAVFG
MEFFMHIRDAGAIDDVYNFKTFGQSIILLFQLATSAGWDGVYFAIANEEDCRAPDHELGYPGNCGSRALGIAYLVSYLII
TCLVVINMYAAVILDYVLEVYEDSKEGLTDDDYDMFFEVWQQFDPEATQYIRYDQLSELLEALQPPLQVQKPNKYKILSM
NIPICKDDHIFYKDVLEALVKDVFSRRGSPVEAGDVQAPNVDEAEYKPVSSTLQRQREEYCVRLIQNAWRKHKQQN
;
_entity_poly.pdbx_strand_id   A
#
loop_
_chem_comp.id
_chem_comp.type
_chem_comp.name
_chem_comp.formula
BMA D-saccharide, beta linking beta-D-mannopyranose 'C6 H12 O6'
NAG D-saccharide, beta linking 2-acetamido-2-deoxy-beta-D-glucopyranose 'C8 H15 N O6'
#
# COMPACT_ATOMS: atom_id res chain seq x y z
N ASP A 90 35.88 -0.64 9.82
CA ASP A 90 37.14 -1.14 10.42
C ASP A 90 37.56 -2.44 9.73
N LYS A 91 36.58 -3.32 9.61
CA LYS A 91 36.76 -4.63 8.98
C LYS A 91 37.29 -4.48 7.55
N GLY A 92 36.65 -3.57 6.84
CA GLY A 92 36.98 -3.25 5.45
C GLY A 92 38.45 -2.79 5.36
N ARG A 93 38.79 -1.90 6.27
CA ARG A 93 40.14 -1.33 6.37
C ARG A 93 41.17 -2.45 6.56
N GLY A 94 40.83 -3.33 7.48
CA GLY A 94 41.68 -4.49 7.83
C GLY A 94 41.92 -5.35 6.59
N ALA A 95 40.83 -5.60 5.88
CA ALA A 95 40.84 -6.41 4.65
C ALA A 95 41.79 -5.79 3.63
N ASN A 96 41.64 -4.49 3.47
CA ASN A 96 42.45 -3.68 2.55
C ASN A 96 43.94 -3.84 2.88
N LYS A 97 44.21 -3.70 4.16
CA LYS A 97 45.58 -3.81 4.70
C LYS A 97 46.18 -5.18 4.35
N ASP A 98 45.36 -6.20 4.58
CA ASP A 98 45.74 -7.59 4.32
C ASP A 98 46.10 -7.76 2.84
N ARG A 99 45.27 -7.22 1.97
CA ARG A 99 45.50 -7.30 0.53
C ARG A 99 46.79 -6.61 0.12
N ASP A 100 47.01 -5.42 0.69
CA ASP A 100 48.27 -4.72 0.52
C ASP A 100 49.45 -5.62 0.88
N GLY A 101 49.43 -6.16 2.09
CA GLY A 101 50.16 -7.39 2.39
C GLY A 101 50.02 -8.40 1.25
N SER A 102 48.90 -9.11 1.22
CA SER A 102 48.83 -10.46 1.75
C SER A 102 48.82 -11.50 0.64
N ALA A 103 48.03 -11.25 -0.39
CA ALA A 103 48.02 -12.09 -1.59
C ALA A 103 46.90 -11.70 -2.53
N HIS A 104 46.54 -10.42 -2.52
CA HIS A 104 46.09 -9.73 -3.72
C HIS A 104 46.99 -8.54 -4.05
N PRO A 105 47.02 -8.17 -5.32
CA PRO A 105 47.90 -7.11 -5.79
C PRO A 105 47.01 -6.00 -6.35
N ASP A 106 47.34 -4.76 -6.01
CA ASP A 106 46.73 -3.62 -6.69
C ASP A 106 47.52 -3.34 -7.95
N GLN A 107 46.88 -3.58 -9.08
CA GLN A 107 47.52 -3.44 -10.38
C GLN A 107 47.66 -1.99 -10.86
N ALA A 108 46.56 -1.23 -10.77
CA ALA A 108 46.56 0.20 -11.01
C ALA A 108 45.52 0.80 -10.09
N LEU A 109 45.69 2.09 -9.82
CA LEU A 109 44.67 2.88 -9.20
C LEU A 109 44.37 4.00 -10.19
N GLU A 110 43.12 4.07 -10.62
CA GLU A 110 42.72 5.11 -11.54
C GLU A 110 42.12 6.24 -10.74
N GLN A 111 42.74 7.42 -10.84
CA GLN A 111 42.39 8.56 -9.99
C GLN A 111 42.51 9.83 -10.82
N GLY A 112 41.42 10.59 -10.92
CA GLY A 112 41.46 11.91 -11.55
C GLY A 112 42.20 11.90 -12.87
N SER A 113 41.71 11.13 -13.84
CA SER A 113 42.36 11.02 -15.15
C SER A 113 43.82 10.53 -15.18
N ARG A 114 44.24 9.77 -14.16
CA ARG A 114 45.58 9.18 -14.16
C ARG A 114 45.56 7.74 -13.64
N LEU A 115 46.36 6.89 -14.28
CA LEU A 115 46.48 5.49 -13.86
C LEU A 115 47.81 5.25 -13.14
N PRO A 116 47.77 5.29 -11.82
CA PRO A 116 48.99 5.17 -11.02
C PRO A 116 49.24 3.72 -10.63
N ALA A 117 50.52 3.34 -10.55
CA ALA A 117 50.97 2.04 -11.04
C ALA A 117 51.73 1.28 -9.97
N ARG A 118 51.03 0.42 -9.25
CA ARG A 118 51.67 -0.55 -8.37
C ARG A 118 52.36 -1.65 -9.18
N MET A 119 53.59 -1.97 -8.81
CA MET A 119 54.26 -3.16 -9.32
C MET A 119 54.98 -3.92 -8.21
N ARG A 120 56.02 -4.65 -8.58
CA ARG A 120 56.00 -6.11 -8.50
C ARG A 120 57.13 -6.63 -7.61
N ASN A 121 57.44 -5.87 -6.56
CA ASN A 121 58.19 -6.40 -5.43
C ASN A 121 59.55 -6.93 -5.85
N ILE A 122 59.86 -6.79 -7.14
CA ILE A 122 61.24 -6.72 -7.60
C ILE A 122 61.45 -5.52 -8.52
N PHE A 123 60.43 -4.68 -8.63
CA PHE A 123 60.20 -3.90 -9.84
C PHE A 123 58.99 -2.99 -9.70
N PRO A 124 59.00 -1.87 -10.41
CA PRO A 124 58.48 -0.62 -9.89
C PRO A 124 57.40 -0.05 -10.80
N ALA A 125 56.83 1.09 -10.41
CA ALA A 125 56.96 2.31 -11.18
C ALA A 125 56.25 3.48 -10.49
N GLU A 126 57.03 4.30 -9.79
CA GLU A 126 56.49 5.50 -9.16
C GLU A 126 55.87 5.19 -7.80
N LEU A 127 56.67 4.61 -6.92
CA LEU A 127 56.17 4.16 -5.62
C LEU A 127 55.75 5.34 -4.74
N ALA A 128 56.51 6.43 -4.85
CA ALA A 128 56.77 7.29 -3.69
C ALA A 128 55.92 8.55 -3.74
N SER A 129 55.54 9.04 -2.57
CA SER A 129 56.25 10.13 -1.92
C SER A 129 55.99 10.13 -0.42
N THR A 130 55.01 10.93 0.01
CA THR A 130 54.05 10.49 1.02
C THR A 130 53.12 11.62 1.43
N PRO A 131 53.22 12.75 0.73
CA PRO A 131 53.80 13.96 1.29
C PRO A 131 53.73 15.12 0.30
N LEU A 132 53.13 14.86 -0.86
CA LEU A 132 53.27 15.75 -2.00
C LEU A 132 54.72 16.00 -2.34
N GLU A 133 55.39 14.99 -2.89
CA GLU A 133 56.58 15.20 -3.70
C GLU A 133 56.23 15.27 -5.18
N ASP A 134 57.26 15.17 -6.03
CA ASP A 134 57.07 15.32 -7.47
C ASP A 134 58.30 14.83 -8.23
N PHE A 135 58.70 13.60 -7.97
CA PHE A 135 60.08 13.18 -8.18
C PHE A 135 60.49 13.37 -9.64
N ASP A 136 59.93 12.55 -10.53
CA ASP A 136 60.15 12.71 -11.96
C ASP A 136 59.53 14.00 -12.47
N PRO A 137 58.23 13.97 -12.73
CA PRO A 137 57.71 14.09 -14.10
C PRO A 137 56.28 14.62 -14.09
N PHE A 138 55.84 15.10 -15.25
CA PHE A 138 54.47 15.61 -15.40
C PHE A 138 53.44 14.54 -15.04
N TYR A 139 53.74 13.30 -15.41
CA TYR A 139 53.04 12.13 -14.83
C TYR A 139 53.20 12.13 -13.32
N LYS A 140 54.44 12.34 -12.90
CA LYS A 140 54.81 12.38 -11.48
C LYS A 140 54.00 13.45 -10.75
N ASN A 141 53.96 14.62 -11.39
CA ASN A 141 53.24 15.78 -10.86
C ASN A 141 51.76 15.44 -10.66
N LYS A 142 51.20 14.82 -11.69
CA LYS A 142 49.80 14.39 -11.69
C LYS A 142 49.53 13.46 -10.52
N LYS A 143 50.43 12.50 -10.36
CA LYS A 143 50.35 11.50 -9.29
C LYS A 143 50.32 12.19 -7.93
N THR A 144 51.23 13.14 -7.78
CA THR A 144 51.37 13.94 -6.55
C THR A 144 50.06 14.65 -6.24
N PHE A 145 49.52 15.26 -7.27
CA PHE A 145 48.25 16.00 -7.18
C PHE A 145 47.13 15.09 -6.67
N VAL A 146 47.09 13.92 -7.28
CA VAL A 146 46.09 12.89 -6.96
C VAL A 146 46.19 12.52 -5.47
N VAL A 147 47.43 12.30 -5.06
CA VAL A 147 47.75 11.93 -3.67
C VAL A 147 47.22 13.01 -2.71
N VAL A 148 47.51 14.24 -3.08
CA VAL A 148 47.11 15.42 -2.30
C VAL A 148 45.60 15.44 -2.13
N THR A 149 44.93 15.22 -3.26
CA THR A 149 43.46 15.20 -3.32
C THR A 149 42.91 14.15 -2.37
N LYS A 150 43.52 12.97 -2.44
CA LYS A 150 43.14 11.83 -1.60
C LYS A 150 43.26 12.19 -0.12
N ALA A 151 44.36 12.81 0.24
CA ALA A 151 44.60 13.22 1.63
C ALA A 151 43.54 14.19 2.11
N GLY A 152 43.22 15.18 1.27
CA GLY A 152 42.11 16.07 1.54
C GLY A 152 40.84 15.29 1.85
N ASP A 153 40.53 14.29 1.01
CA ASP A 153 39.16 14.06 0.58
C ASP A 153 38.51 12.93 1.38
N ILE A 154 38.73 11.70 0.93
CA ILE A 154 39.53 10.75 1.70
C ILE A 154 39.70 9.44 0.93
N PHE A 155 38.83 8.48 1.19
CA PHE A 155 38.62 7.34 0.29
C PHE A 155 38.06 7.81 -1.06
N ARG A 156 36.95 8.55 -1.00
CA ARG A 156 36.15 8.82 -2.19
C ARG A 156 36.06 7.57 -3.08
N PHE A 157 36.94 7.50 -4.08
CA PHE A 157 36.55 7.78 -5.46
C PHE A 157 37.45 7.03 -6.43
N SER A 158 38.56 6.50 -5.92
CA SER A 158 39.54 5.83 -6.77
C SER A 158 38.93 4.60 -7.45
N GLY A 159 39.40 4.31 -8.66
CA GLY A 159 39.06 3.06 -9.33
C GLY A 159 40.23 2.10 -9.16
N GLU A 160 40.00 1.02 -8.40
CA GLU A 160 41.05 0.07 -8.09
C GLU A 160 41.02 -1.12 -9.04
N LYS A 161 42.02 -1.23 -9.89
CA LYS A 161 42.34 -2.47 -10.58
C LYS A 161 43.44 -3.23 -9.84
N SER A 162 43.10 -4.43 -9.36
CA SER A 162 44.03 -5.21 -8.55
C SER A 162 44.27 -6.59 -9.16
N LEU A 163 45.42 -7.18 -8.86
CA LEU A 163 46.39 -7.54 -9.88
C LEU A 163 47.30 -8.66 -9.40
N TRP A 164 47.79 -9.47 -10.34
CA TRP A 164 49.14 -10.01 -10.26
C TRP A 164 49.56 -10.67 -11.57
N MET A 165 48.72 -11.57 -12.08
CA MET A 165 48.14 -12.60 -11.25
C MET A 165 47.80 -13.85 -12.07
N LEU A 166 47.97 -13.74 -13.39
CA LEU A 166 49.29 -13.84 -14.00
C LEU A 166 49.31 -13.17 -15.37
N ASP A 167 49.80 -11.94 -15.41
CA ASP A 167 51.11 -11.64 -15.97
C ASP A 167 51.43 -10.15 -15.93
N PRO A 168 52.10 -9.66 -16.97
CA PRO A 168 51.83 -8.32 -17.48
C PRO A 168 52.53 -7.25 -16.64
N PHE A 169 53.80 -6.99 -16.95
CA PHE A 169 54.49 -5.82 -16.44
C PHE A 169 54.73 -4.80 -17.55
N THR A 170 53.75 -3.92 -17.76
CA THR A 170 54.03 -2.54 -18.15
C THR A 170 54.64 -2.47 -19.55
N PRO A 171 53.99 -3.11 -20.51
CA PRO A 171 53.78 -2.51 -21.83
C PRO A 171 52.30 -2.51 -22.23
N ILE A 172 51.85 -3.61 -22.82
CA ILE A 172 50.70 -3.57 -23.72
C ILE A 172 49.41 -3.81 -22.96
N ARG A 173 49.37 -4.89 -22.18
CA ARG A 173 48.30 -5.10 -21.22
C ARG A 173 48.16 -3.92 -20.27
N ARG A 174 49.30 -3.46 -19.74
CA ARG A 174 49.30 -2.38 -18.74
C ARG A 174 48.62 -1.14 -19.31
N VAL A 175 49.03 -0.82 -20.54
CA VAL A 175 48.50 0.34 -21.27
C VAL A 175 46.98 0.23 -21.42
N ALA A 176 46.56 -0.97 -21.81
CA ALA A 176 45.15 -1.29 -22.01
C ALA A 176 44.37 -1.06 -20.73
N ILE A 177 44.94 -1.57 -19.65
CA ILE A 177 44.36 -1.46 -18.30
C ILE A 177 44.16 0.02 -17.94
N SER A 178 45.21 0.78 -18.19
CA SER A 178 45.24 2.23 -17.92
C SER A 178 44.10 2.92 -18.67
N THR A 179 43.99 2.57 -19.93
CA THR A 179 42.96 3.10 -20.84
C THR A 179 41.56 2.83 -20.27
N MET A 180 41.35 1.59 -19.84
CA MET A 180 40.06 1.20 -19.27
C MET A 180 39.76 1.98 -17.99
N VAL A 181 40.76 2.03 -17.10
CA VAL A 181 40.62 2.77 -15.85
C VAL A 181 39.99 4.14 -16.08
N GLN A 182 40.41 4.80 -17.15
CA GLN A 182 40.15 6.23 -17.31
C GLN A 182 38.84 6.47 -18.04
N PRO A 183 38.20 7.69 -17.77
CA PRO A 183 36.77 7.50 -17.53
C PRO A 183 35.93 7.85 -18.76
N ILE A 184 36.50 8.64 -19.66
CA ILE A 184 35.77 9.12 -20.84
C ILE A 184 35.44 7.96 -21.77
N PHE A 185 36.31 6.96 -21.80
CA PHE A 185 36.00 5.70 -22.47
C PHE A 185 34.77 5.03 -21.85
N SER A 186 34.78 4.88 -20.54
CA SER A 186 33.64 4.35 -19.81
C SER A 186 32.37 5.15 -20.12
N TYR A 187 32.54 6.45 -20.34
CA TYR A 187 31.46 7.30 -20.81
C TYR A 187 31.00 6.87 -22.20
N PHE A 188 31.91 6.26 -22.96
CA PHE A 188 31.60 5.81 -24.32
C PHE A 188 30.60 4.66 -24.29
N ILE A 189 30.95 3.59 -23.58
CA ILE A 189 30.15 2.37 -23.61
C ILE A 189 28.72 2.62 -23.15
N MET A 190 28.57 3.49 -22.13
CA MET A 190 27.26 3.99 -21.75
C MET A 190 26.49 4.51 -22.96
N ILE A 191 27.16 5.29 -23.79
CA ILE A 191 26.51 5.91 -24.95
C ILE A 191 26.01 4.85 -25.92
N THR A 192 26.90 3.97 -26.35
CA THR A 192 26.52 2.82 -27.15
C THR A 192 25.45 1.99 -26.46
N ILE A 193 25.31 2.20 -25.14
CA ILE A 193 24.20 1.62 -24.40
C ILE A 193 22.92 2.41 -24.61
N LEU A 194 22.98 3.72 -24.40
CA LEU A 194 21.85 4.59 -24.62
C LEU A 194 21.43 4.60 -26.09
N ILE A 195 22.37 4.27 -26.97
CA ILE A 195 22.10 4.21 -28.40
C ILE A 195 21.30 2.97 -28.77
N HIS A 196 21.50 1.90 -28.01
CA HIS A 196 20.73 0.67 -28.18
C HIS A 196 19.28 0.87 -27.74
N CYS A 197 19.09 1.69 -26.71
CA CYS A 197 17.76 1.90 -26.15
C CYS A 197 16.85 2.62 -27.14
N ILE A 198 17.37 3.68 -27.75
CA ILE A 198 16.63 4.41 -28.76
C ILE A 198 16.47 3.59 -30.04
N PHE A 199 17.36 2.63 -30.24
CA PHE A 199 17.35 1.80 -31.43
C PHE A 199 16.42 0.61 -31.27
N MET A 200 16.29 0.13 -30.03
CA MET A 200 15.49 -1.05 -29.75
C MET A 200 14.01 -0.69 -29.62
N ILE A 201 13.73 0.58 -29.35
CA ILE A 201 12.39 1.01 -28.95
C ILE A 201 11.48 1.18 -30.16
N MET A 202 12.07 1.51 -31.30
CA MET A 202 11.35 1.49 -32.57
C MET A 202 10.65 0.15 -32.77
N PRO A 203 10.12 -0.08 -34.04
CA PRO A 203 10.13 -1.51 -34.38
C PRO A 203 11.30 -1.88 -35.29
N ALA A 204 11.08 -2.84 -36.18
CA ALA A 204 12.12 -3.82 -36.50
C ALA A 204 12.92 -3.39 -37.73
N THR A 205 13.21 -2.09 -37.81
CA THR A 205 12.66 -1.26 -38.88
C THR A 205 13.71 -0.27 -39.39
N GLN A 206 14.02 -0.37 -40.67
CA GLN A 206 15.32 -0.88 -41.11
C GLN A 206 15.61 -2.25 -40.49
N THR A 207 15.89 -3.22 -41.34
CA THR A 207 16.79 -4.31 -40.99
C THR A 207 18.24 -3.97 -41.33
N THR A 208 18.81 -3.04 -40.56
CA THR A 208 20.10 -3.26 -39.93
C THR A 208 20.00 -4.24 -38.77
N TYR A 209 19.98 -5.53 -39.10
CA TYR A 209 20.81 -6.51 -38.39
C TYR A 209 22.29 -6.15 -38.50
N ILE A 210 22.63 -5.37 -39.52
CA ILE A 210 24.00 -4.90 -39.70
C ILE A 210 24.41 -3.95 -38.59
N LEU A 211 23.48 -3.11 -38.15
CA LEU A 211 23.73 -2.20 -37.03
C LEU A 211 23.65 -2.94 -35.70
N GLU A 212 22.80 -3.98 -35.64
CA GLU A 212 22.80 -4.88 -34.50
C GLU A 212 24.16 -5.55 -34.33
N LEU A 213 24.79 -5.92 -35.45
CA LEU A 213 26.06 -6.64 -35.39
C LEU A 213 27.20 -5.75 -34.93
N VAL A 214 27.03 -4.44 -35.04
CA VAL A 214 28.03 -3.46 -34.65
C VAL A 214 28.25 -3.50 -33.15
N PHE A 215 27.16 -3.34 -32.39
CA PHE A 215 27.28 -3.07 -30.96
C PHE A 215 27.82 -4.26 -30.20
N LEU A 216 27.61 -5.46 -30.73
CA LEU A 216 28.20 -6.66 -30.15
C LEU A 216 29.71 -6.59 -30.22
N SER A 217 30.23 -6.26 -31.40
CA SER A 217 31.68 -6.21 -31.61
C SER A 217 32.32 -5.08 -30.81
N ILE A 218 31.55 -4.03 -30.53
CA ILE A 218 31.96 -2.99 -29.62
C ILE A 218 32.14 -3.61 -28.23
N TYR A 219 31.15 -4.39 -27.82
CA TYR A 219 31.18 -4.95 -26.49
C TYR A 219 32.07 -6.18 -26.44
N THR A 220 32.26 -6.82 -27.58
CA THR A 220 33.20 -7.93 -27.69
C THR A 220 34.63 -7.48 -27.43
N ILE A 221 34.97 -6.30 -27.95
CA ILE A 221 36.22 -5.64 -27.59
C ILE A 221 36.25 -5.31 -26.10
N GLU A 222 35.14 -4.79 -25.59
CA GLU A 222 35.08 -4.27 -24.23
C GLU A 222 35.16 -5.39 -23.21
N VAL A 223 34.51 -6.52 -23.52
CA VAL A 223 34.68 -7.75 -22.75
C VAL A 223 36.14 -8.18 -22.71
N VAL A 224 36.94 -7.64 -23.63
CA VAL A 224 38.34 -8.05 -23.77
C VAL A 224 39.26 -7.14 -22.97
N VAL A 225 38.95 -5.84 -22.98
CA VAL A 225 39.77 -4.86 -22.26
C VAL A 225 39.82 -5.17 -20.77
N LYS A 226 38.69 -5.60 -20.22
CA LYS A 226 38.51 -5.66 -18.77
C LYS A 226 39.19 -6.90 -18.20
N VAL A 227 39.13 -8.00 -18.94
CA VAL A 227 39.78 -9.24 -18.52
C VAL A 227 41.28 -9.19 -18.77
N LEU A 228 41.69 -8.29 -19.66
CA LEU A 228 43.11 -8.09 -19.94
C LEU A 228 43.76 -7.17 -18.91
N ALA A 229 42.94 -6.36 -18.25
CA ALA A 229 43.45 -5.36 -17.31
C ALA A 229 43.92 -6.02 -16.02
N ARG A 230 43.25 -7.11 -15.63
CA ARG A 230 43.13 -7.48 -14.24
C ARG A 230 43.74 -8.85 -13.97
N GLY A 231 43.06 -9.89 -14.40
CA GLY A 231 43.72 -11.08 -14.90
C GLY A 231 42.80 -12.29 -14.94
N PHE A 232 43.38 -13.48 -14.80
CA PHE A 232 43.55 -14.39 -15.93
C PHE A 232 42.54 -15.53 -15.87
N ILE A 233 42.69 -16.40 -14.87
CA ILE A 233 41.70 -17.42 -14.59
C ILE A 233 41.03 -17.19 -13.24
N LEU A 234 41.77 -16.55 -12.33
CA LEU A 234 41.24 -16.22 -11.01
C LEU A 234 40.22 -15.08 -11.10
N HIS A 235 40.40 -14.21 -12.09
CA HIS A 235 39.69 -12.93 -12.12
C HIS A 235 38.56 -12.95 -13.14
N PRO A 236 38.73 -13.81 -14.23
CA PRO A 236 37.44 -14.32 -14.73
C PRO A 236 36.61 -14.98 -13.63
N PHE A 237 37.28 -15.53 -12.63
CA PHE A 237 36.62 -15.99 -11.42
C PHE A 237 36.26 -14.81 -10.51
N ALA A 238 37.03 -13.75 -10.61
CA ALA A 238 36.65 -12.47 -10.00
C ALA A 238 35.77 -11.65 -10.95
N TYR A 239 35.83 -11.97 -12.24
CA TYR A 239 34.97 -11.33 -13.23
C TYR A 239 33.54 -11.87 -13.14
N LEU A 240 33.40 -13.12 -12.72
CA LEU A 240 32.12 -13.63 -12.24
C LEU A 240 31.62 -12.82 -11.05
N ARG A 241 32.55 -12.23 -10.30
CA ARG A 241 32.39 -12.07 -8.87
C ARG A 241 31.78 -10.72 -8.52
N ASP A 242 32.30 -9.66 -9.15
CA ASP A 242 31.99 -8.29 -8.73
C ASP A 242 31.01 -7.64 -9.68
N PRO A 243 29.78 -7.44 -9.21
CA PRO A 243 28.61 -8.14 -9.75
C PRO A 243 27.91 -7.35 -10.84
N TRP A 244 28.15 -6.04 -10.85
CA TRP A 244 27.81 -5.21 -12.01
C TRP A 244 28.41 -5.77 -13.29
N ASN A 245 29.60 -6.36 -13.16
CA ASN A 245 30.28 -6.95 -14.31
C ASN A 245 29.71 -8.32 -14.67
N TRP A 246 29.07 -8.97 -13.71
CA TRP A 246 28.33 -10.19 -13.98
C TRP A 246 27.44 -10.05 -15.19
N LEU A 247 26.81 -8.89 -15.34
CA LEU A 247 25.70 -8.73 -16.28
C LEU A 247 26.22 -8.36 -17.67
N ASP A 248 27.49 -7.95 -17.73
CA ASP A 248 28.09 -7.54 -19.00
C ASP A 248 28.62 -8.74 -19.77
N PHE A 249 29.34 -9.62 -19.07
CA PHE A 249 29.59 -10.97 -19.57
C PHE A 249 28.29 -11.70 -19.88
N LEU A 250 27.50 -11.97 -18.85
CA LEU A 250 26.41 -12.94 -18.94
C LEU A 250 25.52 -12.66 -20.14
N VAL A 251 25.09 -11.40 -20.27
CA VAL A 251 24.09 -11.03 -21.26
C VAL A 251 24.67 -11.11 -22.68
N THR A 252 25.98 -10.93 -22.78
CA THR A 252 26.61 -10.64 -24.06
C THR A 252 27.21 -11.90 -24.69
N LEU A 253 27.45 -12.91 -23.87
CA LEU A 253 27.50 -14.29 -24.33
C LEU A 253 26.21 -14.67 -25.07
N ILE A 254 25.08 -14.38 -24.45
CA ILE A 254 23.78 -14.67 -25.05
C ILE A 254 23.53 -13.79 -26.27
N GLY A 255 24.08 -12.57 -26.23
CA GLY A 255 24.08 -11.70 -27.40
C GLY A 255 25.08 -12.16 -28.45
N TYR A 256 26.14 -12.83 -27.99
CA TYR A 256 27.02 -13.57 -28.89
C TYR A 256 26.37 -14.88 -29.35
N ILE A 257 25.56 -15.46 -28.47
CA ILE A 257 24.81 -16.67 -28.81
C ILE A 257 23.86 -16.43 -29.97
N THR A 258 23.40 -15.19 -30.10
CA THR A 258 22.25 -14.88 -30.94
C THR A 258 22.64 -14.80 -32.42
N LEU A 259 23.90 -14.48 -32.67
CA LEU A 259 24.47 -14.64 -33.99
C LEU A 259 24.63 -16.11 -34.36
N VAL A 260 24.51 -16.98 -33.35
CA VAL A 260 24.96 -18.36 -33.47
C VAL A 260 24.00 -19.20 -34.29
N VAL A 261 22.72 -18.79 -34.30
CA VAL A 261 21.75 -19.37 -35.20
C VAL A 261 21.67 -20.89 -35.02
N ASP A 262 21.00 -21.32 -33.97
CA ASP A 262 19.65 -21.88 -34.09
C ASP A 262 18.60 -20.80 -33.89
N LEU A 263 18.01 -20.35 -34.99
CA LEU A 263 16.55 -20.27 -35.12
C LEU A 263 15.91 -21.63 -34.83
N GLY A 264 16.13 -22.13 -33.62
CA GLY A 264 15.65 -23.45 -33.26
C GLY A 264 14.58 -23.40 -32.18
N HIS A 265 14.74 -22.48 -31.24
CA HIS A 265 14.34 -22.72 -29.86
C HIS A 265 15.09 -21.80 -28.90
N LEU A 266 14.80 -20.50 -28.99
CA LEU A 266 13.70 -19.91 -28.24
C LEU A 266 13.25 -18.59 -28.85
N TYR A 267 14.21 -17.80 -29.30
CA TYR A 267 14.05 -16.35 -29.35
C TYR A 267 14.02 -15.75 -27.94
N ALA A 268 14.43 -16.55 -26.96
CA ALA A 268 14.75 -16.03 -25.63
C ALA A 268 16.10 -15.34 -25.62
N LEU A 269 16.88 -15.57 -26.67
CA LEU A 269 18.14 -14.85 -26.86
C LEU A 269 17.89 -13.36 -27.08
N ARG A 270 16.87 -13.04 -27.86
CA ARG A 270 16.33 -11.68 -27.92
C ARG A 270 15.81 -11.24 -26.54
N ALA A 271 15.33 -12.21 -25.77
CA ALA A 271 14.71 -11.92 -24.48
C ALA A 271 15.61 -11.03 -23.62
N PHE A 272 16.70 -11.61 -23.12
CA PHE A 272 17.45 -11.00 -22.02
C PHE A 272 18.56 -10.07 -22.53
N ARG A 273 18.48 -9.71 -23.81
CA ARG A 273 19.44 -8.78 -24.40
C ARG A 273 19.37 -7.42 -23.74
N VAL A 274 18.16 -6.98 -23.42
CA VAL A 274 17.91 -5.58 -23.11
C VAL A 274 18.39 -5.23 -21.70
N LEU A 275 18.62 -6.26 -20.90
CA LEU A 275 19.04 -6.07 -19.51
C LEU A 275 20.29 -5.21 -19.42
N ARG A 276 20.94 -4.99 -20.56
CA ARG A 276 22.16 -4.21 -20.61
C ARG A 276 21.97 -2.82 -20.00
N SER A 277 20.73 -2.34 -20.03
CA SER A 277 20.45 -0.93 -19.80
C SER A 277 20.34 -0.62 -18.31
N TRP A 278 20.54 -1.64 -17.49
CA TRP A 278 20.57 -1.47 -16.04
C TRP A 278 21.90 -0.85 -15.59
N ARG A 279 22.85 -0.76 -16.52
CA ARG A 279 24.03 0.06 -16.32
C ARG A 279 23.67 1.53 -16.16
N THR A 280 22.63 1.95 -16.88
CA THR A 280 22.41 3.37 -17.13
C THR A 280 21.93 4.09 -15.87
N VAL A 281 21.72 3.32 -14.81
CA VAL A 281 21.37 3.90 -13.51
C VAL A 281 22.51 4.77 -12.98
N THR A 282 23.74 4.40 -13.28
CA THR A 282 24.90 4.95 -12.61
C THR A 282 25.00 6.46 -12.85
N ILE A 283 24.27 6.94 -13.84
CA ILE A 283 24.73 8.07 -14.65
C ILE A 283 24.56 9.39 -13.91
N VAL A 284 23.94 9.32 -12.74
CA VAL A 284 22.87 10.26 -12.37
C VAL A 284 22.63 10.25 -10.86
N PRO A 285 22.72 11.49 -10.23
CA PRO A 285 24.02 11.66 -9.56
C PRO A 285 23.93 11.40 -8.06
N GLY A 286 23.93 10.12 -7.69
CA GLY A 286 24.17 9.72 -6.31
C GLY A 286 23.31 8.56 -5.88
N TRP A 287 22.47 8.07 -6.79
CA TRP A 287 22.78 6.87 -7.54
C TRP A 287 22.83 5.64 -6.65
N ARG A 288 23.04 5.88 -5.35
CA ARG A 288 23.89 5.01 -4.55
C ARG A 288 23.19 4.62 -3.24
N THR A 289 22.42 5.55 -2.69
CA THR A 289 21.55 5.25 -1.56
C THR A 289 20.36 4.39 -1.97
N ILE A 290 20.08 4.39 -3.27
CA ILE A 290 18.78 3.94 -3.77
C ILE A 290 18.90 2.61 -4.50
N VAL A 291 19.80 2.57 -5.48
CA VAL A 291 20.35 1.30 -5.95
C VAL A 291 20.80 0.43 -4.78
N ASP A 292 21.43 1.05 -3.79
CA ASP A 292 21.84 0.34 -2.58
C ASP A 292 20.70 0.27 -1.58
N ALA A 293 19.68 1.11 -1.78
CA ALA A 293 18.41 0.96 -1.08
C ALA A 293 17.69 -0.31 -1.51
N LEU A 294 17.40 -0.41 -2.80
CA LEU A 294 16.60 -1.51 -3.32
C LEU A 294 17.32 -2.85 -3.20
N SER A 295 18.65 -2.79 -3.15
CA SER A 295 19.46 -3.97 -2.91
C SER A 295 19.36 -4.44 -1.46
N LEU A 296 19.37 -3.47 -0.54
CA LEU A 296 19.13 -3.77 0.88
C LEU A 296 17.65 -3.85 1.19
N SER A 297 16.83 -3.35 0.28
CA SER A 297 15.38 -3.49 0.39
C SER A 297 14.96 -4.95 0.26
N ILE A 298 15.60 -5.66 -0.65
CA ILE A 298 15.03 -6.88 -1.22
C ILE A 298 15.54 -8.12 -0.48
N THR A 299 16.79 -8.08 -0.05
CA THR A 299 17.44 -9.23 0.54
C THR A 299 17.22 -9.30 2.05
N SER A 300 16.60 -8.25 2.59
CA SER A 300 15.99 -8.32 3.92
C SER A 300 14.60 -8.93 3.84
N LEU A 301 13.94 -8.74 2.70
CA LEU A 301 12.56 -9.22 2.53
C LEU A 301 12.53 -10.72 2.25
N LYS A 302 13.71 -11.30 2.06
CA LYS A 302 13.82 -12.73 1.77
C LYS A 302 13.35 -13.57 2.95
N ASP A 303 13.79 -13.20 4.15
CA ASP A 303 13.21 -13.73 5.37
C ASP A 303 11.69 -13.62 5.35
N LEU A 304 11.19 -12.42 5.14
CA LEU A 304 9.76 -12.13 5.29
C LEU A 304 8.93 -12.92 4.27
N VAL A 305 9.53 -13.19 3.11
CA VAL A 305 8.84 -13.91 2.05
C VAL A 305 8.53 -15.32 2.48
N LEU A 306 9.42 -15.89 3.31
CA LEU A 306 9.21 -17.23 3.82
C LEU A 306 8.04 -17.28 4.78
N LEU A 307 7.74 -16.14 5.39
CA LEU A 307 6.47 -15.96 6.09
C LEU A 307 5.21 -16.10 5.23
N LEU A 308 5.08 -15.23 4.23
CA LEU A 308 3.83 -15.15 3.48
C LEU A 308 3.59 -16.27 2.46
N LEU A 309 4.66 -16.82 1.94
CA LEU A 309 4.63 -18.07 1.18
C LEU A 309 4.03 -19.20 2.01
N PHE A 310 4.14 -19.08 3.32
CA PHE A 310 3.27 -19.82 4.24
C PHE A 310 1.96 -19.08 4.47
N SER A 311 2.05 -17.77 4.65
CA SER A 311 0.85 -16.94 4.81
C SER A 311 -0.26 -17.02 3.77
N LEU A 312 0.14 -17.12 2.51
CA LEU A 312 -0.79 -17.43 1.42
C LEU A 312 -1.29 -18.87 1.52
N PHE A 313 -0.42 -19.77 1.96
CA PHE A 313 -0.57 -21.19 1.69
C PHE A 313 -1.63 -21.82 2.61
N VAL A 314 -1.98 -21.10 3.67
CA VAL A 314 -3.06 -21.52 4.55
C VAL A 314 -4.41 -21.10 4.00
N PHE A 315 -4.46 -19.93 3.39
CA PHE A 315 -5.73 -19.31 3.01
C PHE A 315 -6.20 -19.81 1.65
N ALA A 316 -5.26 -20.07 0.77
CA ALA A 316 -5.58 -20.67 -0.53
C ALA A 316 -6.04 -22.11 -0.38
N VAL A 317 -5.47 -22.81 0.61
CA VAL A 317 -6.10 -24.00 1.17
C VAL A 317 -7.56 -23.73 1.51
N LEU A 318 -7.78 -22.76 2.39
CA LEU A 318 -9.13 -22.44 2.85
C LEU A 318 -10.07 -22.20 1.67
N GLY A 319 -9.64 -21.34 0.75
CA GLY A 319 -10.39 -21.10 -0.47
C GLY A 319 -10.59 -22.37 -1.28
N LEU A 320 -9.52 -23.16 -1.42
CA LEU A 320 -9.62 -24.47 -2.03
C LEU A 320 -10.75 -25.30 -1.41
N GLN A 321 -10.87 -25.20 -0.09
CA GLN A 321 -11.57 -26.24 0.68
C GLN A 321 -13.00 -25.81 0.99
N ILE A 322 -13.19 -24.51 1.19
CA ILE A 322 -14.53 -23.93 1.14
C ILE A 322 -15.04 -23.85 -0.30
N TYR A 323 -14.22 -23.29 -1.17
CA TYR A 323 -14.71 -22.58 -2.35
C TYR A 323 -14.57 -23.42 -3.61
N MET A 324 -13.99 -24.62 -3.46
CA MET A 324 -13.82 -25.54 -4.58
C MET A 324 -15.12 -25.67 -5.38
N GLY A 325 -15.11 -25.16 -6.60
CA GLY A 325 -16.21 -25.36 -7.52
C GLY A 325 -17.53 -24.87 -6.97
N VAL A 326 -17.46 -23.98 -5.99
CA VAL A 326 -18.51 -22.99 -5.77
C VAL A 326 -18.57 -22.00 -6.92
N LEU A 327 -17.42 -21.68 -7.49
CA LEU A 327 -17.29 -20.54 -8.41
C LEU A 327 -17.64 -20.96 -9.84
N THR A 328 -18.32 -22.08 -9.97
CA THR A 328 -18.89 -22.47 -11.25
C THR A 328 -20.40 -22.62 -11.22
N GLN A 329 -21.11 -22.09 -10.22
CA GLN A 329 -22.56 -22.20 -10.23
C GLN A 329 -23.15 -21.28 -11.31
N LYS A 330 -23.54 -21.86 -12.43
CA LYS A 330 -24.38 -21.19 -13.39
C LYS A 330 -25.79 -21.47 -12.96
N CYS A 331 -26.76 -20.99 -13.73
CA CYS A 331 -28.17 -21.30 -13.44
C CYS A 331 -28.86 -21.96 -14.64
N VAL A 332 -29.30 -23.20 -14.47
CA VAL A 332 -29.70 -24.01 -15.60
C VAL A 332 -31.19 -24.34 -15.50
N LYS A 333 -31.90 -24.37 -16.63
CA LYS A 333 -33.33 -24.67 -16.65
C LYS A 333 -33.58 -26.12 -16.29
N HIS A 334 -34.84 -26.48 -16.05
CA HIS A 334 -35.09 -27.84 -15.61
C HIS A 334 -35.34 -28.75 -16.81
N PHE A 335 -36.44 -28.51 -17.48
CA PHE A 335 -37.02 -29.37 -18.50
C PHE A 335 -38.19 -28.71 -19.21
N PRO A 336 -38.43 -29.07 -20.46
CA PRO A 336 -39.85 -29.08 -20.75
C PRO A 336 -40.41 -30.33 -20.08
N ALA A 337 -41.14 -30.19 -18.98
CA ALA A 337 -41.64 -31.36 -18.28
C ALA A 337 -42.94 -31.75 -18.94
N ASP A 338 -43.07 -33.04 -19.25
CA ASP A 338 -44.04 -33.58 -20.22
C ASP A 338 -43.98 -32.78 -21.51
N GLY A 339 -42.77 -32.56 -22.00
CA GLY A 339 -42.54 -31.61 -23.08
C GLY A 339 -42.03 -32.30 -24.31
N SER A 340 -40.84 -31.90 -24.74
CA SER A 340 -40.33 -32.29 -26.05
C SER A 340 -39.03 -33.05 -25.98
N TRP A 341 -38.28 -32.90 -24.90
CA TRP A 341 -36.90 -33.29 -24.91
C TRP A 341 -36.67 -34.69 -24.37
N GLY A 342 -37.05 -34.92 -23.12
CA GLY A 342 -36.60 -36.10 -22.40
C GLY A 342 -37.54 -36.88 -21.47
N ASN A 343 -37.10 -38.08 -21.15
CA ASN A 343 -37.90 -39.04 -20.43
C ASN A 343 -37.31 -39.49 -19.14
N PHE A 344 -36.13 -40.09 -19.23
CA PHE A 344 -35.69 -41.01 -18.21
C PHE A 344 -34.50 -40.41 -17.52
N THR A 345 -34.15 -39.20 -17.98
CA THR A 345 -33.40 -38.17 -17.27
C THR A 345 -32.06 -38.64 -16.69
N ASP A 346 -31.36 -39.50 -17.40
CA ASP A 346 -30.12 -40.03 -16.83
C ASP A 346 -28.92 -39.66 -17.68
N GLU A 347 -28.99 -39.99 -18.96
CA GLU A 347 -27.93 -39.68 -19.91
C GLU A 347 -28.38 -38.52 -20.79
N ARG A 348 -29.61 -38.04 -20.57
CA ARG A 348 -30.08 -36.86 -21.26
C ARG A 348 -30.22 -35.67 -20.33
N TRP A 349 -30.54 -35.89 -19.05
CA TRP A 349 -30.53 -34.77 -18.11
C TRP A 349 -29.13 -34.28 -17.87
N PHE A 350 -28.16 -35.19 -17.83
CA PHE A 350 -26.79 -34.74 -17.87
C PHE A 350 -26.43 -34.15 -19.22
N ASN A 351 -27.18 -34.47 -20.27
CA ASN A 351 -26.95 -33.82 -21.55
C ASN A 351 -27.69 -32.50 -21.69
N TYR A 352 -28.94 -32.40 -21.21
CA TYR A 352 -29.70 -31.18 -21.43
C TYR A 352 -29.17 -30.03 -20.59
N THR A 353 -28.44 -30.35 -19.52
CA THR A 353 -27.82 -29.29 -18.74
C THR A 353 -26.41 -29.02 -19.21
N SER A 354 -25.81 -29.93 -19.96
CA SER A 354 -24.41 -29.76 -20.33
C SER A 354 -24.25 -28.80 -21.50
N ASN A 355 -25.27 -28.70 -22.32
CA ASN A 355 -25.24 -27.87 -23.51
C ASN A 355 -25.23 -26.41 -23.11
N SER A 356 -24.32 -25.64 -23.69
CA SER A 356 -24.21 -24.24 -23.33
C SER A 356 -25.17 -23.40 -24.16
N SER A 357 -26.42 -23.84 -24.27
CA SER A 357 -27.34 -23.13 -25.13
C SER A 357 -28.50 -22.65 -24.29
N HIS A 358 -28.77 -23.38 -23.22
CA HIS A 358 -29.69 -22.90 -22.20
C HIS A 358 -29.05 -23.03 -20.84
N TRP A 359 -28.25 -22.04 -20.48
CA TRP A 359 -28.23 -21.59 -19.11
C TRP A 359 -28.00 -20.09 -19.13
N TYR A 360 -28.51 -19.44 -18.09
CA TYR A 360 -29.06 -18.08 -18.18
C TYR A 360 -28.04 -17.04 -18.60
N ILE A 361 -28.41 -16.24 -19.59
CA ILE A 361 -27.69 -15.02 -19.97
C ILE A 361 -28.68 -13.89 -20.12
N PRO A 362 -28.42 -12.70 -19.57
CA PRO A 362 -29.49 -11.72 -19.79
C PRO A 362 -29.40 -10.92 -21.09
N ASP A 363 -28.26 -10.27 -21.38
CA ASP A 363 -28.00 -9.60 -22.65
C ASP A 363 -26.48 -9.54 -22.86
N ASP A 364 -25.92 -10.61 -23.41
CA ASP A 364 -24.53 -10.69 -23.88
C ASP A 364 -23.48 -10.23 -22.86
N TRP A 365 -23.74 -10.38 -21.57
CA TRP A 365 -22.72 -10.03 -20.57
C TRP A 365 -21.59 -11.05 -20.55
N ILE A 366 -20.68 -11.04 -21.52
CA ILE A 366 -20.09 -12.21 -22.19
C ILE A 366 -19.99 -13.47 -21.32
N GLU A 367 -19.57 -13.31 -20.07
CA GLU A 367 -19.53 -14.39 -19.08
C GLU A 367 -20.92 -14.81 -18.56
N TYR A 368 -20.93 -15.61 -17.50
CA TYR A 368 -22.13 -16.32 -17.09
C TYR A 368 -22.45 -16.06 -15.62
N PRO A 369 -23.74 -15.85 -15.33
CA PRO A 369 -24.14 -14.97 -14.23
C PRO A 369 -24.36 -15.74 -12.94
N LEU A 370 -23.36 -15.73 -12.06
CA LEU A 370 -23.32 -16.65 -10.92
C LEU A 370 -24.46 -16.37 -9.94
N CYS A 371 -24.93 -17.41 -9.27
CA CYS A 371 -26.33 -17.49 -8.86
C CYS A 371 -26.44 -17.66 -7.34
N GLY A 372 -26.38 -18.90 -6.88
CA GLY A 372 -26.51 -19.21 -5.47
C GLY A 372 -27.64 -20.16 -5.18
N ASN A 373 -27.72 -20.64 -3.94
CA ASN A 373 -28.99 -20.79 -3.25
C ASN A 373 -28.81 -21.05 -1.76
N SER A 374 -27.75 -20.50 -1.19
CA SER A 374 -27.76 -20.05 0.18
C SER A 374 -28.46 -18.69 0.17
N SER A 375 -29.34 -18.45 1.14
CA SER A 375 -30.22 -17.30 1.11
C SER A 375 -29.46 -15.99 1.24
N GLY A 376 -29.95 -14.94 0.62
CA GLY A 376 -29.23 -13.69 0.54
C GLY A 376 -28.35 -13.60 -0.68
N ALA A 377 -27.62 -14.68 -0.95
CA ALA A 377 -26.59 -14.68 -1.98
C ALA A 377 -27.19 -14.93 -3.36
N GLY A 378 -27.56 -13.85 -4.04
CA GLY A 378 -28.18 -13.95 -5.35
C GLY A 378 -29.31 -14.98 -5.37
N MET A 379 -29.21 -15.92 -6.29
CA MET A 379 -30.35 -16.31 -7.13
C MET A 379 -30.65 -15.22 -8.17
N CYS A 380 -31.72 -15.43 -8.92
CA CYS A 380 -31.66 -16.20 -10.16
C CYS A 380 -33.05 -16.60 -10.64
N PRO A 381 -33.31 -16.41 -12.00
CA PRO A 381 -34.72 -16.11 -12.23
C PRO A 381 -35.49 -17.34 -12.72
N PRO A 382 -36.88 -17.21 -12.82
CA PRO A 382 -37.58 -18.30 -12.15
C PRO A 382 -38.04 -19.36 -13.15
N GLY A 383 -38.22 -20.59 -12.66
CA GLY A 383 -38.19 -21.75 -13.53
C GLY A 383 -36.82 -22.38 -13.59
N TYR A 384 -35.90 -21.97 -12.72
CA TYR A 384 -34.55 -22.47 -12.78
C TYR A 384 -34.15 -23.14 -11.47
N THR A 385 -32.93 -23.67 -11.47
CA THR A 385 -32.21 -24.06 -10.26
C THR A 385 -30.74 -23.92 -10.62
N CYS A 386 -29.89 -24.16 -9.62
CA CYS A 386 -28.51 -23.68 -9.55
C CYS A 386 -27.49 -24.82 -9.35
N LEU A 387 -26.76 -25.21 -10.44
CA LEU A 387 -25.98 -26.43 -10.25
C LEU A 387 -24.52 -26.04 -10.28
N GLN A 388 -23.64 -26.92 -9.80
CA GLN A 388 -22.22 -26.59 -9.74
C GLN A 388 -21.42 -27.00 -10.96
N GLY A 389 -21.34 -28.28 -11.26
CA GLY A 389 -20.22 -28.75 -12.05
C GLY A 389 -20.34 -28.59 -13.55
N TYR A 390 -20.90 -27.48 -14.01
CA TYR A 390 -21.22 -27.40 -15.42
C TYR A 390 -20.34 -26.35 -16.06
N GLY A 391 -20.01 -26.61 -17.32
CA GLY A 391 -18.84 -26.09 -18.02
C GLY A 391 -18.33 -24.69 -17.85
N GLY A 392 -17.00 -24.58 -17.80
CA GLY A 392 -16.36 -23.31 -17.64
C GLY A 392 -16.45 -22.79 -16.22
N ASN A 393 -16.00 -21.57 -16.03
CA ASN A 393 -15.87 -20.84 -14.78
C ASN A 393 -15.49 -19.42 -15.18
N PRO A 394 -15.35 -18.43 -14.27
CA PRO A 394 -15.11 -17.07 -14.77
C PRO A 394 -13.76 -16.71 -15.42
N ASN A 395 -13.36 -15.45 -15.24
CA ASN A 395 -12.93 -14.54 -16.30
C ASN A 395 -12.33 -15.11 -17.57
N TYR A 396 -11.24 -15.84 -17.53
CA TYR A 396 -11.07 -16.73 -18.67
C TYR A 396 -10.63 -18.07 -18.08
N GLY A 397 -11.56 -18.76 -17.45
CA GLY A 397 -11.19 -20.01 -16.82
C GLY A 397 -10.17 -19.98 -15.70
N TYR A 398 -9.72 -18.80 -15.24
CA TYR A 398 -8.59 -18.82 -14.32
C TYR A 398 -8.91 -18.12 -13.00
N THR A 399 -10.17 -17.88 -12.66
CA THR A 399 -10.45 -17.35 -11.33
C THR A 399 -10.48 -18.41 -10.27
N SER A 400 -11.15 -19.54 -10.56
CA SER A 400 -11.75 -20.41 -9.56
C SER A 400 -10.78 -20.96 -8.54
N PHE A 401 -11.32 -21.33 -7.38
CA PHE A 401 -10.52 -21.82 -6.28
C PHE A 401 -10.18 -23.29 -6.35
N ASP A 402 -10.62 -24.00 -7.37
CA ASP A 402 -10.25 -25.41 -7.39
C ASP A 402 -8.86 -25.57 -7.98
N THR A 403 -8.27 -26.75 -7.80
CA THR A 403 -6.97 -27.06 -8.37
C THR A 403 -5.91 -26.07 -7.91
N PHE A 404 -5.04 -26.52 -7.01
CA PHE A 404 -4.49 -25.65 -5.98
C PHE A 404 -3.85 -24.41 -6.60
N GLY A 405 -3.21 -24.60 -7.75
CA GLY A 405 -2.26 -23.62 -8.26
C GLY A 405 -2.92 -22.34 -8.69
N TRP A 406 -4.16 -22.45 -9.17
CA TRP A 406 -4.98 -21.27 -9.44
C TRP A 406 -5.46 -20.63 -8.14
N ALA A 407 -5.66 -21.45 -7.11
CA ALA A 407 -6.12 -20.96 -5.82
C ALA A 407 -5.04 -20.15 -5.12
N PHE A 408 -3.79 -20.35 -5.53
CA PHE A 408 -2.69 -19.50 -5.09
C PHE A 408 -2.78 -18.12 -5.70
N LEU A 409 -2.97 -18.06 -7.02
CA LEU A 409 -2.93 -16.80 -7.75
C LEU A 409 -4.02 -15.84 -7.27
N SER A 410 -5.24 -16.36 -7.16
CA SER A 410 -6.41 -15.52 -6.96
C SER A 410 -6.55 -15.09 -5.51
N VAL A 411 -6.06 -15.92 -4.61
CA VAL A 411 -5.91 -15.54 -3.21
C VAL A 411 -4.81 -14.50 -3.04
N PHE A 412 -3.73 -14.65 -3.81
CA PHE A 412 -2.66 -13.66 -3.82
C PHE A 412 -3.12 -12.36 -4.47
N ARG A 413 -4.13 -12.46 -5.33
CA ARG A 413 -4.92 -11.30 -5.71
C ARG A 413 -5.41 -10.53 -4.48
N LEU A 414 -5.89 -11.27 -3.49
CA LEU A 414 -6.53 -10.66 -2.32
C LEU A 414 -5.51 -9.92 -1.46
N VAL A 415 -4.33 -10.50 -1.31
CA VAL A 415 -3.27 -9.87 -0.53
C VAL A 415 -2.75 -8.62 -1.20
N THR A 416 -3.00 -8.50 -2.50
CA THR A 416 -2.71 -7.27 -3.24
C THR A 416 -3.84 -6.27 -3.12
N LEU A 417 -5.06 -6.77 -2.97
CA LEU A 417 -6.22 -5.92 -2.74
C LEU A 417 -6.70 -5.28 -4.04
N ASP A 418 -6.96 -6.11 -5.05
CA ASP A 418 -6.81 -5.69 -6.44
C ASP A 418 -7.89 -6.30 -7.32
N TYR A 419 -8.70 -5.45 -7.94
CA TYR A 419 -9.77 -5.91 -8.83
C TYR A 419 -10.61 -6.99 -8.17
N TRP A 420 -10.45 -7.15 -6.86
CA TRP A 420 -11.22 -8.12 -6.10
C TRP A 420 -12.71 -7.75 -6.07
N GLU A 421 -13.04 -6.63 -6.70
CA GLU A 421 -14.42 -6.16 -6.76
C GLU A 421 -15.29 -7.15 -7.54
N ASP A 422 -14.71 -7.80 -8.54
CA ASP A 422 -15.27 -9.03 -9.09
C ASP A 422 -15.23 -10.16 -8.08
N LEU A 423 -14.01 -10.56 -7.69
CA LEU A 423 -13.82 -11.75 -6.88
C LEU A 423 -14.47 -11.60 -5.51
N TYR A 424 -14.69 -10.36 -5.10
CA TYR A 424 -15.69 -10.05 -4.09
C TYR A 424 -17.07 -10.53 -4.52
N GLN A 425 -17.62 -9.90 -5.54
CA GLN A 425 -19.05 -10.00 -5.84
C GLN A 425 -19.41 -11.41 -6.31
N LEU A 426 -18.65 -11.91 -7.28
CA LEU A 426 -18.96 -13.20 -7.89
C LEU A 426 -19.04 -14.31 -6.85
N ALA A 427 -18.26 -14.16 -5.78
CA ALA A 427 -18.31 -15.10 -4.67
C ALA A 427 -19.63 -15.01 -3.93
N LEU A 428 -20.17 -13.81 -3.84
CA LEU A 428 -21.34 -13.55 -2.99
C LEU A 428 -22.64 -13.70 -3.77
N ARG A 429 -22.54 -13.56 -5.10
CA ARG A 429 -23.51 -14.16 -5.99
C ARG A 429 -23.56 -15.67 -5.84
N SER A 430 -22.38 -16.29 -5.79
CA SER A 430 -22.28 -17.72 -5.51
C SER A 430 -22.81 -18.04 -4.11
N ALA A 431 -21.96 -17.86 -3.10
CA ALA A 431 -22.08 -18.62 -1.87
C ALA A 431 -23.10 -18.02 -0.93
N GLY A 432 -22.82 -16.84 -0.41
CA GLY A 432 -23.72 -16.21 0.51
C GLY A 432 -23.17 -14.88 0.92
N PRO A 433 -23.96 -14.07 1.57
CA PRO A 433 -23.43 -12.84 2.15
C PRO A 433 -22.78 -13.01 3.52
N TRP A 434 -22.46 -14.24 3.93
CA TRP A 434 -21.69 -14.41 5.15
C TRP A 434 -20.20 -14.47 4.88
N HIS A 435 -19.82 -14.81 3.65
CA HIS A 435 -18.41 -15.01 3.37
C HIS A 435 -17.70 -13.71 3.05
N ILE A 436 -17.87 -12.70 3.88
CA ILE A 436 -16.95 -11.57 3.92
C ILE A 436 -16.12 -11.79 5.16
N LEU A 437 -16.65 -12.63 6.05
CA LEU A 437 -15.90 -13.04 7.23
C LEU A 437 -14.64 -13.78 6.83
N PHE A 438 -14.68 -14.52 5.73
CA PHE A 438 -13.46 -14.97 5.09
C PHE A 438 -12.68 -13.79 4.53
N PHE A 439 -13.35 -12.94 3.75
CA PHE A 439 -12.65 -11.86 3.05
C PHE A 439 -12.14 -10.79 3.99
N ILE A 440 -12.68 -10.68 5.20
CA ILE A 440 -12.01 -9.84 6.17
C ILE A 440 -10.69 -10.45 6.56
N ILE A 441 -10.70 -11.71 6.98
CA ILE A 441 -9.47 -12.46 7.17
C ILE A 441 -8.45 -12.17 6.08
N VAL A 442 -8.85 -12.43 4.82
CA VAL A 442 -7.92 -12.39 3.70
C VAL A 442 -7.38 -10.98 3.48
N VAL A 443 -8.30 -10.00 3.48
CA VAL A 443 -7.94 -8.62 3.17
C VAL A 443 -7.42 -7.89 4.40
N PHE A 444 -8.15 -8.03 5.51
CA PHE A 444 -7.76 -7.40 6.76
C PHE A 444 -6.45 -7.97 7.28
N TYR A 445 -6.33 -9.29 7.30
CA TYR A 445 -5.27 -9.96 8.01
C TYR A 445 -4.01 -10.05 7.16
N GLY A 446 -4.18 -10.31 5.87
CA GLY A 446 -3.07 -10.52 4.97
C GLY A 446 -2.54 -9.22 4.39
N THR A 447 -3.43 -8.45 3.77
CA THR A 447 -3.01 -7.41 2.84
C THR A 447 -3.03 -6.04 3.50
N PHE A 448 -3.56 -5.98 4.72
CA PHE A 448 -3.43 -4.79 5.55
C PHE A 448 -2.27 -4.92 6.53
N CYS A 449 -1.91 -6.16 6.84
CA CYS A 449 -0.64 -6.45 7.51
C CYS A 449 0.49 -6.51 6.49
N PHE A 450 0.39 -7.43 5.54
CA PHE A 450 1.57 -7.99 4.89
C PHE A 450 1.99 -7.16 3.69
N LEU A 451 1.23 -6.10 3.41
CA LEU A 451 1.69 -5.04 2.53
C LEU A 451 2.29 -3.88 3.31
N ASN A 452 1.98 -3.82 4.61
CA ASN A 452 2.66 -2.93 5.52
C ASN A 452 4.01 -3.47 5.98
N PHE A 453 4.05 -4.77 6.25
CA PHE A 453 5.27 -5.43 6.71
C PHE A 453 6.40 -5.25 5.70
N ILE A 454 6.03 -5.03 4.44
CA ILE A 454 7.01 -4.79 3.39
C ILE A 454 7.45 -3.33 3.38
N LEU A 455 6.49 -2.42 3.41
CA LEU A 455 6.76 -1.02 3.67
C LEU A 455 7.61 -0.84 4.92
N ALA A 456 7.31 -1.64 5.94
CA ALA A 456 8.11 -1.65 7.16
C ALA A 456 9.58 -1.90 6.87
N VAL A 457 9.85 -2.86 5.99
CA VAL A 457 11.21 -3.23 5.66
C VAL A 457 11.84 -2.16 4.79
N VAL A 458 11.06 -1.59 3.89
CA VAL A 458 11.55 -0.63 2.93
C VAL A 458 12.01 0.65 3.61
N VAL A 459 11.14 1.21 4.46
CA VAL A 459 11.46 2.45 5.15
C VAL A 459 12.65 2.26 6.08
N MET A 460 12.70 1.11 6.76
CA MET A 460 13.83 0.79 7.63
C MET A 460 15.12 0.71 6.84
N SER A 461 15.07 0.02 5.70
CA SER A 461 16.27 -0.14 4.88
C SER A 461 16.63 1.16 4.19
N TYR A 462 15.65 2.03 3.99
CA TYR A 462 15.96 3.29 3.36
C TYR A 462 16.63 4.25 4.34
N THR A 463 16.08 4.36 5.54
CA THR A 463 16.65 5.22 6.56
C THR A 463 18.05 4.78 6.96
N HIS A 464 18.31 3.47 6.97
CA HIS A 464 19.60 2.93 7.36
C HIS A 464 20.71 3.33 6.39
N MET A 465 20.35 3.62 5.15
CA MET A 465 21.37 3.98 4.18
C MET A 465 21.54 5.49 4.09
N VAL A 466 20.50 6.24 4.40
CA VAL A 466 20.61 7.70 4.33
C VAL A 466 21.47 8.21 5.47
N LYS A 467 21.27 7.67 6.67
CA LYS A 467 22.12 8.03 7.81
C LYS A 467 23.54 7.53 7.59
N ARG A 468 23.67 6.40 6.91
CA ARG A 468 24.96 5.95 6.40
C ARG A 468 25.54 6.95 5.41
N ALA A 469 24.69 7.50 4.55
CA ALA A 469 25.14 8.49 3.57
C ALA A 469 25.30 9.87 4.18
N ASP A 470 24.84 10.08 5.41
CA ASP A 470 25.02 11.39 6.04
C ASP A 470 26.45 11.59 6.53
N GLU A 471 27.21 10.51 6.65
CA GLU A 471 28.59 10.62 7.12
C GLU A 471 29.45 11.31 6.08
N GLU A 472 29.18 11.05 4.80
CA GLU A 472 29.79 11.84 3.74
C GLU A 472 29.28 13.27 3.78
N LYS A 473 28.00 13.43 4.10
CA LYS A 473 27.39 14.75 4.11
C LYS A 473 27.86 15.55 5.30
N ALA A 474 28.23 14.88 6.39
CA ALA A 474 28.73 15.60 7.56
C ALA A 474 30.21 15.96 7.40
N ALA A 475 30.98 15.10 6.75
CA ALA A 475 32.42 15.30 6.71
C ALA A 475 32.80 16.37 5.69
N GLU A 476 32.11 16.40 4.56
CA GLU A 476 32.52 17.32 3.49
C GLU A 476 32.10 18.75 3.80
N ARG A 477 31.07 18.92 4.61
CA ARG A 477 30.68 20.24 5.08
C ARG A 477 31.69 20.79 6.08
N GLU A 478 31.94 20.02 7.14
CA GLU A 478 32.94 20.36 8.13
C GLU A 478 33.78 19.14 8.49
N CYS A 545 15.96 65.36 -15.47
CA CYS A 545 16.70 64.34 -14.72
C CYS A 545 16.09 64.16 -13.33
N VAL A 546 15.86 65.30 -12.69
CA VAL A 546 15.29 65.36 -11.35
C VAL A 546 13.93 64.67 -11.33
N PRO A 547 13.12 65.01 -12.32
CA PRO A 547 11.79 64.46 -12.49
C PRO A 547 11.85 62.93 -12.59
N TRP A 548 12.78 62.48 -13.41
CA TRP A 548 13.01 61.05 -13.66
C TRP A 548 13.33 60.34 -12.34
N GLN A 549 14.23 60.98 -11.60
CA GLN A 549 14.69 60.47 -10.30
C GLN A 549 13.50 60.30 -9.36
N LYS A 550 12.68 61.35 -9.34
CA LYS A 550 11.48 61.39 -8.49
C LYS A 550 10.56 60.22 -8.83
N LEU A 551 10.37 60.05 -10.13
CA LEU A 551 9.51 58.97 -10.68
C LEU A 551 10.01 57.61 -10.19
N GLN A 552 11.32 57.44 -10.31
CA GLN A 552 12.01 56.21 -9.92
C GLN A 552 11.75 55.92 -8.43
N GLY A 553 11.91 56.97 -7.65
CA GLY A 553 11.71 56.90 -6.19
C GLY A 553 10.29 56.43 -5.88
N ALA A 554 9.35 57.05 -6.57
CA ALA A 554 7.92 56.74 -6.43
C ALA A 554 7.66 55.26 -6.72
N ILE A 555 8.25 54.81 -7.81
CA ILE A 555 8.14 53.43 -8.27
C ILE A 555 8.64 52.47 -7.18
N GLY A 556 9.79 52.83 -6.64
CA GLY A 556 10.45 52.06 -5.58
C GLY A 556 9.52 51.93 -4.37
N ALA A 557 8.96 53.06 -4.01
CA ALA A 557 8.03 53.16 -2.88
C ALA A 557 6.84 52.23 -3.08
N VAL A 558 6.26 52.26 -4.28
CA VAL A 558 5.10 51.44 -4.59
C VAL A 558 5.46 49.95 -4.57
N VAL A 559 6.66 49.64 -5.02
CA VAL A 559 7.18 48.26 -4.96
C VAL A 559 7.24 47.78 -3.51
N LEU A 560 7.79 48.63 -2.64
CA LEU A 560 7.87 48.31 -1.22
C LEU A 560 6.51 47.96 -0.64
N SER A 561 5.47 48.59 -1.18
CA SER A 561 4.33 49.03 -0.39
C SER A 561 3.45 47.85 0.01
N PRO A 562 2.47 48.11 0.87
CA PRO A 562 1.34 47.21 1.04
C PRO A 562 0.41 47.20 -0.16
N PHE A 563 0.71 48.06 -1.13
CA PHE A 563 -0.09 48.12 -2.35
C PHE A 563 0.07 46.85 -3.18
N PHE A 564 1.30 46.56 -3.58
CA PHE A 564 1.58 46.09 -4.93
C PHE A 564 1.42 44.58 -5.03
N GLU A 565 2.06 43.86 -4.12
CA GLU A 565 1.93 42.41 -4.06
C GLU A 565 0.48 41.99 -3.82
N LEU A 566 -0.23 42.80 -3.03
CA LEU A 566 -1.66 42.58 -2.80
C LEU A 566 -2.42 42.57 -4.12
N PHE A 567 -2.36 43.68 -4.85
CA PHE A 567 -3.06 43.81 -6.12
C PHE A 567 -2.54 42.81 -7.14
N ILE A 568 -1.23 42.56 -7.11
CA ILE A 568 -0.65 41.42 -7.81
C ILE A 568 -1.40 40.14 -7.49
N ALA A 569 -1.52 39.83 -6.21
CA ALA A 569 -2.14 38.58 -5.77
C ALA A 569 -3.64 38.60 -6.00
N VAL A 570 -4.20 39.81 -6.11
CA VAL A 570 -5.58 39.96 -6.58
C VAL A 570 -5.70 39.57 -8.05
N ILE A 571 -4.91 40.22 -8.90
CA ILE A 571 -5.03 40.05 -10.34
C ILE A 571 -5.03 38.58 -10.73
N ILE A 572 -4.28 37.78 -9.97
CA ILE A 572 -4.04 36.38 -10.34
C ILE A 572 -5.20 35.49 -9.90
N VAL A 573 -5.53 35.56 -8.61
CA VAL A 573 -6.72 34.88 -8.09
C VAL A 573 -7.95 35.22 -8.92
N LEU A 574 -7.85 36.29 -9.71
CA LEU A 574 -8.88 36.62 -10.69
C LEU A 574 -8.59 35.96 -12.03
N ASN A 575 -7.33 36.03 -12.46
CA ASN A 575 -6.90 35.39 -13.70
C ASN A 575 -7.03 33.87 -13.64
N ILE A 576 -6.54 33.28 -12.56
CA ILE A 576 -6.85 31.90 -12.23
C ILE A 576 -8.32 31.58 -12.49
N THR A 577 -9.19 32.51 -12.13
CA THR A 577 -10.63 32.28 -12.23
C THR A 577 -11.12 32.38 -13.67
N PHE A 578 -10.34 33.05 -14.50
CA PHE A 578 -10.71 33.25 -15.91
C PHE A 578 -10.44 31.99 -16.73
N MET A 579 -9.25 31.42 -16.55
CA MET A 579 -8.96 30.09 -17.05
C MET A 579 -9.86 29.06 -16.41
N ALA A 580 -10.39 29.36 -15.23
CA ALA A 580 -11.16 28.37 -14.49
C ALA A 580 -12.60 28.23 -14.98
N LEU A 581 -12.96 28.68 -16.18
CA LEU A 581 -14.32 28.41 -16.60
C LEU A 581 -14.39 27.49 -17.81
N ASP A 582 -13.94 28.02 -18.96
CA ASP A 582 -13.61 27.35 -20.22
C ASP A 582 -14.55 26.18 -20.58
N HIS A 583 -15.84 26.52 -20.66
CA HIS A 583 -16.84 25.51 -20.96
C HIS A 583 -16.71 25.02 -22.40
N HIS A 584 -17.39 23.91 -22.69
CA HIS A 584 -17.65 23.56 -24.07
C HIS A 584 -18.59 24.55 -24.72
N ASP A 585 -19.72 24.81 -24.06
CA ASP A 585 -20.73 25.71 -24.59
C ASP A 585 -20.22 27.15 -24.61
N MET A 586 -19.98 27.70 -23.43
CA MET A 586 -19.14 28.89 -23.29
C MET A 586 -19.66 30.03 -24.16
N ASN A 587 -20.78 30.61 -23.77
CA ASN A 587 -21.59 31.41 -24.68
C ASN A 587 -20.77 32.44 -25.43
N ILE A 588 -21.22 32.78 -26.65
CA ILE A 588 -20.51 33.74 -27.49
C ILE A 588 -20.09 34.96 -26.69
N GLU A 589 -20.99 35.45 -25.83
CA GLU A 589 -20.68 36.58 -24.97
C GLU A 589 -19.71 36.19 -23.87
N PHE A 590 -19.81 34.95 -23.39
CA PHE A 590 -18.89 34.42 -22.39
C PHE A 590 -17.49 34.24 -22.97
N GLU A 591 -17.45 33.76 -24.21
CA GLU A 591 -16.20 33.57 -24.95
C GLU A 591 -15.49 34.91 -25.12
N ARG A 592 -16.24 35.93 -25.53
CA ARG A 592 -15.66 37.25 -25.76
C ARG A 592 -15.17 37.88 -24.46
N ILE A 593 -15.89 37.61 -23.37
CA ILE A 593 -15.48 38.05 -22.03
C ILE A 593 -14.12 37.43 -21.68
N LEU A 594 -14.00 36.14 -21.91
CA LEU A 594 -12.78 35.40 -21.60
C LEU A 594 -11.61 35.92 -22.42
N ARG A 595 -11.85 36.21 -23.69
CA ARG A 595 -10.81 36.75 -24.57
C ARG A 595 -10.37 38.13 -24.11
N THR A 596 -11.33 38.92 -23.63
CA THR A 596 -11.04 40.22 -23.05
C THR A 596 -10.22 40.09 -21.77
N GLY A 597 -10.42 38.98 -21.06
CA GLY A 597 -9.85 38.80 -19.74
C GLY A 597 -8.34 38.89 -19.74
N ASN A 598 -7.72 38.42 -20.81
CA ASN A 598 -6.29 38.14 -20.83
C ASN A 598 -5.48 39.29 -21.41
N TYR A 599 -6.04 39.97 -22.40
CA TYR A 599 -5.44 41.18 -22.94
C TYR A 599 -5.42 42.29 -21.90
N ILE A 600 -6.47 42.37 -21.10
CA ILE A 600 -6.48 43.23 -19.92
C ILE A 600 -5.42 42.80 -18.92
N PHE A 601 -5.33 41.49 -18.69
CA PHE A 601 -4.55 40.96 -17.56
C PHE A 601 -3.10 40.76 -17.94
N THR A 602 -2.85 40.54 -19.23
CA THR A 602 -1.49 40.41 -19.74
C THR A 602 -0.75 41.75 -19.66
N SER A 603 -1.46 42.84 -19.92
CA SER A 603 -0.86 44.16 -19.89
C SER A 603 -0.43 44.54 -18.47
N ILE A 604 -1.27 44.22 -17.50
CA ILE A 604 -0.95 44.46 -16.09
C ILE A 604 0.36 43.75 -15.71
N TYR A 605 0.57 42.56 -16.25
CA TYR A 605 1.75 41.77 -15.93
C TYR A 605 3.01 42.47 -16.43
N ILE A 606 2.97 42.92 -17.69
CA ILE A 606 4.09 43.65 -18.27
C ILE A 606 4.37 44.93 -17.47
N VAL A 607 3.31 45.65 -17.11
CA VAL A 607 3.44 46.89 -16.38
C VAL A 607 4.08 46.67 -15.01
N GLU A 608 3.48 45.80 -14.22
CA GLU A 608 4.07 45.39 -12.94
C GLU A 608 5.50 44.89 -13.13
N ALA A 609 5.72 44.17 -14.22
CA ALA A 609 7.03 43.59 -14.49
C ALA A 609 7.98 44.62 -15.11
N VAL A 610 7.45 45.43 -16.01
CA VAL A 610 8.26 46.44 -16.69
C VAL A 610 8.67 47.55 -15.73
N LEU A 611 7.91 47.72 -14.66
CA LEU A 611 8.15 48.79 -13.70
C LEU A 611 9.13 48.36 -12.62
N LYS A 612 8.93 47.17 -12.07
CA LYS A 612 9.84 46.61 -11.10
C LYS A 612 11.28 46.60 -11.61
N ILE A 613 11.48 45.99 -12.77
CA ILE A 613 12.79 45.95 -13.41
C ILE A 613 13.38 47.35 -13.54
N ILE A 614 12.51 48.32 -13.83
CA ILE A 614 12.95 49.71 -13.99
C ILE A 614 13.04 50.40 -12.64
N ALA A 615 12.15 50.01 -11.71
CA ALA A 615 12.13 50.61 -10.39
C ALA A 615 13.40 50.23 -9.61
N LEU A 616 13.79 48.96 -9.69
CA LEU A 616 15.08 48.49 -9.18
C LEU A 616 15.84 47.57 -10.16
N SER A 617 16.78 48.14 -10.91
CA SER A 617 18.16 47.64 -11.06
C SER A 617 18.40 46.41 -11.92
N PRO A 618 18.67 46.65 -13.30
CA PRO A 618 18.38 45.50 -14.12
C PRO A 618 19.13 44.23 -13.84
N LYS A 619 20.44 44.38 -13.86
CA LYS A 619 21.32 43.26 -13.57
C LYS A 619 21.04 42.67 -12.19
N PHE A 620 20.75 43.55 -11.23
CA PHE A 620 20.35 43.12 -9.90
C PHE A 620 18.98 42.44 -9.92
N TYR A 621 18.13 42.89 -10.84
CA TYR A 621 16.76 42.36 -10.90
C TYR A 621 16.73 40.88 -11.21
N PHE A 622 17.68 40.41 -12.02
CA PHE A 622 17.68 38.99 -12.33
C PHE A 622 18.44 38.15 -11.32
N LYS A 623 18.67 38.69 -10.12
CA LYS A 623 19.19 37.89 -9.02
C LYS A 623 18.10 37.05 -8.38
N ASP A 624 16.92 37.63 -8.23
CA ASP A 624 15.77 36.95 -7.64
C ASP A 624 15.16 36.01 -8.67
N SER A 625 15.11 34.72 -8.31
CA SER A 625 14.64 33.70 -9.25
C SER A 625 13.17 33.87 -9.55
N TRP A 626 12.42 34.38 -8.58
CA TRP A 626 10.99 34.63 -8.76
C TRP A 626 10.74 35.74 -9.77
N ASN A 627 11.57 36.77 -9.74
CA ASN A 627 11.50 37.85 -10.72
C ASN A 627 12.01 37.39 -12.07
N VAL A 628 12.98 36.47 -12.05
CA VAL A 628 13.32 35.69 -13.23
C VAL A 628 12.11 34.89 -13.72
N PHE A 629 11.44 34.23 -12.78
CA PHE A 629 10.22 33.48 -13.10
C PHE A 629 9.11 34.40 -13.57
N ASP A 630 9.04 35.59 -12.96
CA ASP A 630 8.05 36.59 -13.34
C ASP A 630 8.29 37.09 -14.76
N PHE A 631 9.55 37.20 -15.13
CA PHE A 631 9.92 37.66 -16.48
C PHE A 631 9.58 36.60 -17.52
N ILE A 632 9.69 35.34 -17.15
CA ILE A 632 9.43 34.24 -18.06
C ILE A 632 7.94 34.14 -18.40
N ILE A 633 7.10 34.70 -17.52
CA ILE A 633 5.67 34.77 -17.77
C ILE A 633 5.37 35.53 -19.06
N VAL A 634 5.86 36.76 -19.15
CA VAL A 634 5.32 37.74 -20.08
C VAL A 634 6.08 37.72 -21.41
N VAL A 635 7.29 37.19 -21.36
CA VAL A 635 7.97 36.72 -22.57
C VAL A 635 7.10 35.72 -23.33
N PHE A 636 6.65 34.68 -22.62
CA PHE A 636 5.80 33.66 -23.22
C PHE A 636 4.35 34.12 -23.30
N ALA A 637 4.01 35.12 -22.49
CA ALA A 637 2.73 35.82 -22.62
C ALA A 637 2.67 36.59 -23.94
N ILE A 638 3.74 37.31 -24.25
CA ILE A 638 3.79 38.10 -25.47
C ILE A 638 4.06 37.21 -26.70
N LEU A 639 4.68 36.06 -26.45
CA LEU A 639 4.54 34.92 -27.34
C LEU A 639 3.08 34.62 -27.63
N GLU A 640 2.30 34.40 -26.57
CA GLU A 640 0.91 33.97 -26.72
C GLU A 640 0.16 34.85 -27.72
N LEU A 641 0.28 36.16 -27.55
CA LEU A 641 -0.62 37.10 -28.24
C LEU A 641 -0.39 37.08 -29.74
N GLY A 642 0.88 36.92 -30.14
CA GLY A 642 1.25 37.02 -31.55
C GLY A 642 0.75 35.84 -32.35
N LEU A 643 1.01 34.64 -31.85
CA LEU A 643 0.46 33.42 -32.45
C LEU A 643 -1.00 33.62 -32.85
N GLU A 644 -1.76 34.28 -31.97
CA GLU A 644 -3.21 34.34 -32.12
C GLU A 644 -3.64 35.65 -32.77
N GLY A 645 -2.69 36.55 -32.96
CA GLY A 645 -2.76 37.52 -34.05
C GLY A 645 -2.53 36.85 -35.40
N VAL A 646 -1.73 35.79 -35.40
CA VAL A 646 -0.86 35.50 -36.52
C VAL A 646 -1.33 34.27 -37.30
N GLN A 647 -1.49 33.16 -36.58
CA GLN A 647 -2.79 32.54 -36.39
C GLN A 647 -2.67 31.20 -35.68
N GLY A 648 -1.44 30.77 -35.44
CA GLY A 648 -1.13 29.35 -35.34
C GLY A 648 0.13 29.10 -34.53
N LEU A 649 -0.05 28.78 -33.25
CA LEU A 649 -0.85 27.63 -32.86
C LEU A 649 -0.77 27.41 -31.34
N SER A 650 -1.92 27.13 -30.74
CA SER A 650 -2.14 25.85 -30.08
C SER A 650 -1.55 25.83 -28.68
N VAL A 651 -0.30 25.40 -28.59
CA VAL A 651 0.27 24.95 -27.32
C VAL A 651 0.87 26.11 -26.53
N PHE A 652 1.06 27.24 -27.21
CA PHE A 652 1.45 28.48 -26.55
C PHE A 652 0.45 28.87 -25.47
N ARG A 653 -0.74 28.27 -25.53
CA ARG A 653 -1.87 28.71 -24.71
C ARG A 653 -1.75 28.20 -23.28
N SER A 654 -1.06 27.07 -23.12
CA SER A 654 -1.05 26.35 -21.85
C SER A 654 0.10 26.83 -20.97
N PHE A 655 0.93 27.71 -21.51
CA PHE A 655 1.94 28.40 -20.71
C PHE A 655 1.31 29.52 -19.90
N ARG A 656 0.05 29.81 -20.17
CA ARG A 656 -0.79 30.54 -19.23
C ARG A 656 -0.78 29.88 -17.85
N LEU A 657 -0.59 28.57 -17.84
CA LEU A 657 -0.66 27.80 -16.60
C LEU A 657 0.63 27.92 -15.79
N LEU A 658 1.62 28.57 -16.38
CA LEU A 658 2.84 28.86 -15.65
C LEU A 658 2.63 30.03 -14.71
N ARG A 659 1.65 30.88 -15.03
CA ARG A 659 1.17 31.89 -14.10
C ARG A 659 0.77 31.27 -12.76
N VAL A 660 0.03 30.17 -12.83
CA VAL A 660 -0.61 29.60 -11.65
C VAL A 660 0.41 29.38 -10.53
N PHE A 661 1.67 29.22 -10.91
CA PHE A 661 2.73 28.95 -9.94
C PHE A 661 3.10 30.21 -9.16
N ARG A 662 2.87 31.37 -9.77
CA ARG A 662 3.12 32.64 -9.11
C ARG A 662 2.46 32.68 -7.73
N LEU A 663 1.45 31.84 -7.54
CA LEU A 663 0.67 31.85 -6.30
C LEU A 663 1.52 31.37 -5.12
N ALA A 664 2.52 30.56 -5.41
CA ALA A 664 3.28 29.87 -4.36
C ALA A 664 3.97 30.87 -3.44
N LYS A 665 4.48 31.95 -4.03
CA LYS A 665 5.18 32.98 -3.27
C LYS A 665 4.23 33.71 -2.33
N PHE A 666 2.98 33.87 -2.77
CA PHE A 666 1.98 34.56 -1.98
C PHE A 666 1.43 33.66 -0.87
N TRP A 667 1.52 32.35 -1.08
CA TRP A 667 1.15 31.39 -0.06
C TRP A 667 2.04 31.49 1.16
N PRO A 668 1.56 30.89 2.33
CA PRO A 668 2.65 30.42 3.18
C PRO A 668 2.87 28.91 3.03
N THR A 669 1.80 28.13 3.23
CA THR A 669 1.92 26.70 3.37
C THR A 669 2.57 26.08 2.14
N LEU A 670 2.58 26.82 1.03
CA LEU A 670 2.82 26.24 -0.28
C LEU A 670 4.25 26.53 -0.75
N ASN A 671 4.73 27.73 -0.46
CA ASN A 671 6.15 28.02 -0.51
C ASN A 671 6.96 27.10 0.42
N ASN A 672 6.37 26.80 1.58
CA ASN A 672 6.92 25.78 2.47
C ASN A 672 7.00 24.41 1.80
N PHE A 673 5.90 24.00 1.17
CA PHE A 673 5.82 22.68 0.54
C PHE A 673 6.74 22.58 -0.66
N MET A 674 6.78 23.65 -1.46
CA MET A 674 7.62 23.68 -2.65
C MET A 674 9.10 23.75 -2.29
N SER A 675 9.38 24.14 -1.05
CA SER A 675 10.75 24.41 -0.62
C SER A 675 11.49 23.13 -0.28
N VAL A 676 10.77 22.17 0.29
CA VAL A 676 11.39 20.95 0.79
C VAL A 676 11.79 20.03 -0.37
N MET A 677 11.12 20.19 -1.50
CA MET A 677 11.46 19.42 -2.70
C MET A 677 12.65 20.02 -3.43
N THR A 678 12.83 21.34 -3.29
CA THR A 678 14.07 21.99 -3.66
C THR A 678 15.22 21.51 -2.79
N LYS A 679 14.90 20.72 -1.78
CA LYS A 679 15.91 19.93 -1.06
C LYS A 679 16.23 18.64 -1.81
N SER A 680 15.21 18.04 -2.41
CA SER A 680 15.40 16.88 -3.28
C SER A 680 14.93 17.17 -4.69
N TYR A 681 15.53 18.16 -5.33
CA TYR A 681 15.71 18.16 -6.78
C TYR A 681 16.42 16.89 -7.24
N GLY A 682 17.09 16.22 -6.31
CA GLY A 682 18.01 15.14 -6.66
C GLY A 682 17.49 13.79 -6.24
N ALA A 683 17.46 13.55 -4.93
CA ALA A 683 16.99 12.27 -4.39
C ALA A 683 15.69 11.84 -5.04
N PHE A 684 14.83 12.82 -5.32
CA PHE A 684 13.51 12.55 -5.88
C PHE A 684 13.60 12.04 -7.32
N VAL A 685 14.36 12.77 -8.13
CA VAL A 685 14.43 12.48 -9.56
C VAL A 685 15.31 11.25 -9.82
N ASN A 686 16.24 10.98 -8.90
CA ASN A 686 16.99 9.73 -8.93
C ASN A 686 16.11 8.52 -8.64
N VAL A 687 15.35 8.59 -7.56
CA VAL A 687 14.26 7.65 -7.33
C VAL A 687 13.35 7.54 -8.54
N MET A 688 13.08 8.67 -9.17
CA MET A 688 12.20 8.70 -10.34
C MET A 688 12.81 7.94 -11.51
N TYR A 689 14.12 8.07 -11.68
CA TYR A 689 14.78 7.63 -12.89
C TYR A 689 14.83 6.11 -12.98
N VAL A 690 15.01 5.46 -11.83
CA VAL A 690 15.01 4.01 -11.76
C VAL A 690 13.61 3.45 -11.99
N MET A 691 12.61 4.13 -11.42
CA MET A 691 11.22 3.70 -11.56
C MET A 691 10.82 3.58 -13.03
N PHE A 692 11.31 4.51 -13.84
CA PHE A 692 11.12 4.43 -15.28
C PHE A 692 12.03 3.38 -15.91
N LEU A 693 13.26 3.31 -15.39
CA LEU A 693 14.27 2.42 -15.97
C LEU A 693 13.91 0.95 -15.76
N LEU A 694 13.71 0.57 -14.49
CA LEU A 694 13.19 -0.75 -14.17
C LEU A 694 11.98 -1.10 -15.02
N LEU A 695 11.07 -0.15 -15.17
CA LEU A 695 9.85 -0.35 -15.94
C LEU A 695 10.16 -0.47 -17.43
N PHE A 696 11.03 0.41 -17.92
CA PHE A 696 11.52 0.30 -19.28
C PHE A 696 12.21 -1.04 -19.52
N ILE A 697 12.98 -1.49 -18.55
CA ILE A 697 13.62 -2.80 -18.61
C ILE A 697 12.59 -3.91 -18.81
N PHE A 698 11.47 -3.81 -18.09
CA PHE A 698 10.38 -4.75 -18.24
C PHE A 698 9.51 -4.52 -19.44
N ALA A 699 9.52 -3.29 -19.96
CA ALA A 699 8.68 -2.94 -21.10
C ALA A 699 9.15 -3.63 -22.37
N ILE A 700 10.45 -3.59 -22.61
CA ILE A 700 11.01 -4.03 -23.88
C ILE A 700 11.27 -5.53 -23.87
N ILE A 701 11.40 -6.10 -22.68
CA ILE A 701 11.41 -7.55 -22.52
C ILE A 701 10.01 -8.14 -22.67
N GLY A 702 9.01 -7.35 -22.27
CA GLY A 702 7.62 -7.74 -22.47
C GLY A 702 7.24 -7.81 -23.94
N MET A 703 7.75 -6.86 -24.73
CA MET A 703 7.37 -6.74 -26.13
C MET A 703 7.91 -7.91 -26.94
N GLN A 704 9.20 -8.21 -26.76
CA GLN A 704 9.87 -9.23 -27.55
C GLN A 704 9.55 -10.62 -27.03
N LEU A 705 8.87 -10.69 -25.89
CA LEU A 705 8.68 -11.95 -25.19
C LEU A 705 7.26 -12.47 -25.37
N PHE A 706 6.29 -11.56 -25.42
CA PHE A 706 4.88 -11.93 -25.45
C PHE A 706 4.24 -11.58 -26.78
N GLY A 707 4.45 -10.35 -27.24
CA GLY A 707 5.18 -10.11 -28.48
C GLY A 707 4.41 -10.54 -29.70
N MET A 708 4.95 -11.51 -30.43
CA MET A 708 4.32 -11.99 -31.66
C MET A 708 3.25 -13.03 -31.36
N ASN A 709 2.64 -12.92 -30.18
CA ASN A 709 1.51 -13.76 -29.83
C ASN A 709 0.18 -13.06 -30.03
N TYR A 710 0.14 -11.77 -29.73
CA TYR A 710 -1.06 -10.97 -29.90
C TYR A 710 -1.44 -10.83 -31.37
N ILE A 711 -0.45 -10.74 -32.26
CA ILE A 711 -0.79 -10.57 -33.65
C ILE A 711 -1.13 -11.89 -34.31
N ASP A 712 -0.43 -12.97 -33.97
CA ASP A 712 -0.64 -14.23 -34.67
C ASP A 712 -1.90 -14.97 -34.22
N ASN A 713 -2.13 -15.05 -32.91
CA ASN A 713 -3.28 -15.84 -32.44
C ASN A 713 -4.59 -15.11 -32.68
N MET A 714 -4.72 -13.88 -32.17
CA MET A 714 -5.58 -12.84 -32.74
C MET A 714 -7.08 -13.08 -32.53
N GLU A 715 -7.46 -14.29 -32.10
CA GLU A 715 -8.85 -14.71 -32.26
C GLU A 715 -9.36 -15.44 -31.02
N ARG A 716 -8.48 -15.79 -30.10
CA ARG A 716 -8.99 -16.33 -28.85
C ARG A 716 -9.57 -15.25 -27.98
N PHE A 717 -9.22 -14.01 -28.23
CA PHE A 717 -9.78 -12.83 -27.59
C PHE A 717 -11.27 -12.73 -27.87
N PRO A 718 -12.14 -11.95 -26.96
CA PRO A 718 -13.61 -12.04 -27.07
C PRO A 718 -14.16 -11.44 -28.36
N ASP A 719 -13.96 -12.18 -29.45
CA ASP A 719 -14.39 -11.86 -30.82
C ASP A 719 -13.83 -10.51 -31.26
N GLY A 720 -12.67 -10.18 -30.72
CA GLY A 720 -12.09 -8.88 -30.93
C GLY A 720 -10.75 -9.09 -31.57
N ASP A 721 -10.26 -8.08 -32.24
CA ASP A 721 -9.02 -8.24 -32.96
C ASP A 721 -7.87 -8.11 -32.00
N LEU A 722 -7.75 -6.94 -31.40
CA LEU A 722 -6.73 -6.75 -30.39
C LEU A 722 -7.39 -5.99 -29.23
N PRO A 723 -6.95 -6.21 -28.00
CA PRO A 723 -7.47 -5.40 -26.91
C PRO A 723 -6.71 -4.09 -26.79
N ARG A 724 -7.13 -3.27 -25.84
CA ARG A 724 -6.64 -1.90 -25.79
C ARG A 724 -5.29 -1.80 -25.09
N TRP A 725 -4.82 -2.89 -24.51
CA TRP A 725 -3.65 -2.89 -23.63
C TRP A 725 -2.66 -3.97 -24.03
N ASN A 726 -2.33 -4.03 -25.32
CA ASN A 726 -1.54 -5.11 -25.84
C ASN A 726 -0.05 -4.84 -25.69
N PHE A 727 0.75 -5.77 -26.21
CA PHE A 727 2.20 -5.68 -26.33
C PHE A 727 2.67 -5.64 -27.78
N THR A 728 2.23 -4.67 -28.57
CA THR A 728 2.68 -4.66 -29.95
C THR A 728 3.76 -3.63 -30.24
N ASP A 729 3.54 -2.38 -29.85
CA ASP A 729 4.53 -1.33 -30.06
C ASP A 729 5.19 -1.07 -28.72
N PHE A 730 5.97 0.00 -28.64
CA PHE A 730 6.56 0.43 -27.38
C PHE A 730 5.51 1.02 -26.44
N LEU A 731 4.71 1.93 -26.97
CA LEU A 731 3.92 2.83 -26.13
C LEU A 731 2.77 2.09 -25.45
N HIS A 732 2.20 1.13 -26.17
CA HIS A 732 1.34 0.12 -25.54
C HIS A 732 2.11 -0.70 -24.51
N SER A 733 3.29 -1.17 -24.90
CA SER A 733 4.05 -2.11 -24.07
C SER A 733 4.76 -1.40 -22.93
N PHE A 734 4.79 -0.07 -22.99
CA PHE A 734 5.18 0.73 -21.84
C PHE A 734 3.98 1.02 -20.93
N MET A 735 2.80 1.14 -21.54
CA MET A 735 1.60 1.52 -20.80
C MET A 735 1.03 0.32 -20.04
N ILE A 736 1.18 -0.86 -20.62
CA ILE A 736 0.65 -2.08 -20.00
C ILE A 736 1.48 -2.50 -18.80
N VAL A 737 2.77 -2.18 -18.83
CA VAL A 737 3.65 -2.44 -17.70
C VAL A 737 3.52 -1.37 -16.62
N PHE A 738 3.16 -0.16 -17.04
CA PHE A 738 2.88 0.92 -16.10
C PHE A 738 1.55 0.72 -15.39
N ARG A 739 0.58 0.20 -16.13
CA ARG A 739 -0.71 -0.16 -15.54
C ARG A 739 -0.55 -1.14 -14.39
N ALA A 740 0.43 -2.03 -14.50
CA ALA A 740 0.64 -3.06 -13.51
C ALA A 740 1.45 -2.53 -12.32
N LEU A 741 2.04 -1.36 -12.49
CA LEU A 741 2.89 -0.77 -11.46
C LEU A 741 2.06 -0.13 -10.36
N CYS A 742 1.20 0.81 -10.74
CA CYS A 742 0.15 1.30 -9.85
C CYS A 742 -0.60 0.15 -9.20
N GLY A 743 -0.97 -0.84 -10.01
CA GLY A 743 -1.53 -2.09 -9.49
C GLY A 743 -3.02 -2.19 -9.71
N GLU A 744 -3.42 -2.34 -10.97
CA GLU A 744 -4.11 -3.55 -11.41
C GLU A 744 -3.27 -4.30 -12.45
N TRP A 745 -3.32 -5.63 -12.37
CA TRP A 745 -2.32 -6.46 -13.03
C TRP A 745 -2.88 -7.85 -13.35
N ILE A 746 -4.12 -8.08 -12.97
CA ILE A 746 -4.81 -9.32 -13.30
C ILE A 746 -5.35 -9.29 -14.73
N GLU A 747 -6.01 -8.18 -15.08
CA GLU A 747 -6.76 -8.10 -16.33
C GLU A 747 -5.82 -8.06 -17.53
N SER A 748 -4.61 -7.54 -17.31
CA SER A 748 -3.50 -7.82 -18.22
C SER A 748 -3.19 -9.31 -18.28
N MET A 749 -3.15 -9.95 -17.11
CA MET A 749 -2.50 -11.25 -16.97
C MET A 749 -3.50 -12.38 -17.18
N TRP A 750 -4.77 -12.03 -17.31
CA TRP A 750 -5.74 -12.85 -18.02
C TRP A 750 -5.42 -12.76 -19.50
N ASP A 751 -5.28 -11.52 -19.94
CA ASP A 751 -5.14 -11.21 -21.34
C ASP A 751 -3.82 -11.72 -21.89
N CYS A 752 -2.82 -11.87 -21.04
CA CYS A 752 -1.54 -12.38 -21.49
C CYS A 752 -1.52 -13.89 -21.53
N MET A 753 -2.01 -14.54 -20.48
CA MET A 753 -1.89 -15.98 -20.35
C MET A 753 -2.91 -16.72 -21.20
N LEU A 754 -4.03 -16.06 -21.50
CA LEU A 754 -5.04 -16.65 -22.36
C LEU A 754 -4.45 -17.07 -23.70
N VAL A 755 -3.38 -16.39 -24.12
CA VAL A 755 -2.92 -16.46 -25.49
C VAL A 755 -1.43 -16.79 -25.56
N GLY A 756 -0.76 -16.73 -24.41
CA GLY A 756 0.68 -16.66 -24.37
C GLY A 756 1.31 -17.84 -23.65
N ASP A 757 0.45 -18.71 -23.11
CA ASP A 757 0.89 -20.03 -22.67
C ASP A 757 1.96 -19.92 -21.59
N TRP A 758 1.54 -19.98 -20.33
CA TRP A 758 2.46 -20.20 -19.23
C TRP A 758 3.23 -18.93 -18.88
N SER A 759 4.19 -18.57 -19.72
CA SER A 759 5.43 -17.95 -19.26
C SER A 759 5.16 -16.57 -18.67
N CYS A 760 3.89 -16.17 -18.67
CA CYS A 760 3.51 -14.81 -18.32
C CYS A 760 3.38 -14.63 -16.82
N ILE A 761 3.27 -15.75 -16.11
CA ILE A 761 2.90 -15.72 -14.69
C ILE A 761 4.04 -15.16 -13.84
N PRO A 762 5.27 -15.53 -14.19
CA PRO A 762 6.44 -14.97 -13.52
C PRO A 762 6.63 -13.52 -13.89
N PHE A 763 6.17 -13.09 -15.05
CA PHE A 763 6.47 -11.73 -15.45
C PHE A 763 5.64 -10.67 -14.76
N PHE A 764 4.33 -10.89 -14.62
CA PHE A 764 3.52 -9.91 -13.93
C PHE A 764 3.45 -10.10 -12.42
N VAL A 765 4.09 -11.11 -11.87
CA VAL A 765 4.39 -11.05 -10.45
C VAL A 765 5.72 -10.34 -10.23
N ALA A 766 6.64 -10.50 -11.18
CA ALA A 766 7.91 -9.80 -11.14
C ALA A 766 7.76 -8.32 -11.40
N VAL A 767 6.69 -7.88 -12.04
CA VAL A 767 6.46 -6.45 -12.12
C VAL A 767 5.73 -5.96 -10.89
N PHE A 768 5.22 -6.87 -10.07
CA PHE A 768 4.48 -6.37 -8.92
C PHE A 768 5.39 -6.18 -7.73
N PHE A 769 6.09 -7.25 -7.32
CA PHE A 769 7.07 -7.16 -6.22
C PHE A 769 8.12 -6.11 -6.51
N VAL A 770 8.87 -6.32 -7.59
CA VAL A 770 10.00 -5.45 -7.92
C VAL A 770 9.49 -4.07 -8.32
N GLY A 771 8.29 -4.00 -8.84
CA GLY A 771 7.71 -2.72 -9.18
C GLY A 771 7.04 -1.99 -8.03
N ASN A 772 5.98 -2.58 -7.47
CA ASN A 772 5.08 -1.83 -6.59
C ASN A 772 5.52 -1.92 -5.14
N LEU A 773 5.73 -3.13 -4.65
CA LEU A 773 6.07 -3.30 -3.24
C LEU A 773 7.51 -2.90 -2.92
N VAL A 774 8.34 -2.67 -3.91
CA VAL A 774 9.74 -2.32 -3.67
C VAL A 774 10.03 -0.86 -4.02
N ILE A 775 9.47 -0.39 -5.13
CA ILE A 775 9.72 0.96 -5.60
C ILE A 775 8.70 1.95 -5.03
N LEU A 776 7.43 1.56 -5.09
CA LEU A 776 6.33 2.48 -4.78
C LEU A 776 6.11 2.59 -3.28
N ASN A 777 6.66 1.64 -2.53
CA ASN A 777 6.80 1.78 -1.09
C ASN A 777 8.06 2.53 -0.70
N LEU A 778 9.08 2.44 -1.56
CA LEU A 778 10.28 3.26 -1.41
C LEU A 778 9.96 4.75 -1.52
N LEU A 779 8.99 5.08 -2.37
CA LEU A 779 8.65 6.47 -2.63
C LEU A 779 7.79 7.05 -1.50
N ILE A 780 7.35 6.19 -0.60
CA ILE A 780 6.81 6.63 0.68
C ILE A 780 7.95 6.89 1.65
N ALA A 781 9.03 6.10 1.56
CA ALA A 781 10.18 6.34 2.42
C ALA A 781 10.94 7.57 2.00
N LEU A 782 10.79 7.99 0.74
CA LEU A 782 11.42 9.22 0.31
C LEU A 782 10.69 10.42 0.87
N LEU A 783 9.36 10.41 0.78
CA LEU A 783 8.57 11.48 1.35
C LEU A 783 8.64 11.49 2.87
N LEU A 784 8.99 10.38 3.50
CA LEU A 784 9.01 10.35 4.95
C LEU A 784 10.30 10.90 5.52
N ASN A 785 11.43 10.56 4.91
CA ASN A 785 12.71 11.06 5.40
C ASN A 785 12.96 12.49 4.97
N ASN A 786 12.10 13.04 4.11
CA ASN A 786 12.29 14.41 3.65
C ASN A 786 11.31 15.35 4.35
N TYR A 787 10.06 14.92 4.52
CA TYR A 787 9.03 15.71 5.18
C TYR A 787 8.82 15.29 6.64
N GLY A 788 9.91 15.22 7.41
CA GLY A 788 9.79 14.95 8.83
C GLY A 788 9.21 16.12 9.61
N SER A 789 9.24 17.32 9.02
CA SER A 789 8.72 18.53 9.63
C SER A 789 7.21 18.47 9.86
N ALA A 876 -31.48 33.63 53.78
CA ALA A 876 -30.99 32.26 53.68
C ALA A 876 -30.79 31.87 52.22
N ARG A 877 -31.57 32.48 51.33
CA ARG A 877 -31.62 32.10 49.93
C ARG A 877 -30.32 32.39 49.17
N ASP A 878 -29.45 33.25 49.72
CA ASP A 878 -28.11 33.38 49.18
C ASP A 878 -27.32 32.09 49.39
N SER A 879 -27.68 31.34 50.44
CA SER A 879 -27.13 30.01 50.62
C SER A 879 -28.14 28.91 50.34
N SER A 880 -29.44 29.16 50.55
CA SER A 880 -30.44 28.09 50.44
C SER A 880 -30.70 27.71 48.98
N VAL A 881 -30.88 28.71 48.13
CA VAL A 881 -30.93 28.45 46.69
C VAL A 881 -29.57 27.96 46.21
N GLN A 882 -28.51 28.49 46.82
CA GLN A 882 -27.17 27.96 46.57
C GLN A 882 -27.04 26.54 47.10
N ARG A 883 -27.76 26.21 48.18
CA ARG A 883 -27.82 24.81 48.61
C ARG A 883 -28.59 23.98 47.61
N MET A 884 -29.64 24.53 47.02
CA MET A 884 -30.28 23.88 45.88
C MET A 884 -29.35 23.89 44.68
N TRP A 885 -28.57 24.96 44.50
CA TRP A 885 -27.52 24.96 43.49
C TRP A 885 -26.39 24.04 43.89
N SER A 886 -26.24 23.77 45.18
CA SER A 886 -25.40 22.67 45.62
C SER A 886 -26.10 21.33 45.52
N ASN A 887 -27.42 21.30 45.77
CA ASN A 887 -28.18 20.06 45.59
C ASN A 887 -28.18 19.66 44.14
N ILE A 888 -28.23 20.63 43.23
CA ILE A 888 -28.16 20.27 41.82
C ILE A 888 -26.73 19.88 41.46
N ARG A 889 -25.77 20.36 42.24
CA ARG A 889 -24.37 20.01 42.03
C ARG A 889 -24.07 18.61 42.53
N ARG A 890 -24.89 18.12 43.45
CA ARG A 890 -24.67 16.83 44.08
C ARG A 890 -25.66 15.79 43.55
N VAL A 891 -26.79 16.26 43.06
CA VAL A 891 -27.63 15.46 42.17
C VAL A 891 -26.87 15.09 40.89
N CYS A 892 -26.32 16.09 40.23
CA CYS A 892 -25.77 15.91 38.88
C CYS A 892 -24.31 15.50 38.99
N PHE A 893 -23.49 16.38 39.53
CA PHE A 893 -22.05 16.11 39.67
C PHE A 893 -21.82 14.86 40.50
N LEU A 894 -22.72 14.59 41.43
CA LEU A 894 -22.75 13.31 42.14
C LEU A 894 -23.03 12.16 41.17
N LEU A 895 -24.22 12.17 40.57
CA LEU A 895 -24.74 11.01 39.89
C LEU A 895 -23.94 10.71 38.62
N ALA A 896 -22.97 11.57 38.32
CA ALA A 896 -22.55 11.81 36.95
C ALA A 896 -21.24 11.12 36.64
N LYS A 897 -20.23 11.36 37.47
CA LYS A 897 -18.98 10.62 37.41
C LYS A 897 -19.22 9.11 37.47
N ASN A 898 -20.34 8.72 38.08
CA ASN A 898 -20.58 7.33 38.41
C ASN A 898 -20.67 6.45 37.17
N LYS A 899 -20.02 5.28 37.24
CA LYS A 899 -20.18 4.27 36.21
C LYS A 899 -21.65 3.99 35.92
N TYR A 900 -22.43 3.81 36.98
CA TYR A 900 -23.59 2.92 36.96
C TYR A 900 -24.76 3.57 36.23
N PHE A 901 -24.81 4.90 36.27
CA PHE A 901 -25.60 5.65 35.30
C PHE A 901 -24.86 5.78 33.96
N GLN A 902 -23.58 6.09 34.02
CA GLN A 902 -22.83 6.48 32.84
C GLN A 902 -22.89 5.39 31.77
N LYS A 903 -22.71 4.14 32.20
CA LYS A 903 -22.85 2.99 31.31
C LYS A 903 -24.31 2.75 30.94
N PHE A 904 -25.22 3.25 31.78
CA PHE A 904 -26.64 3.15 31.50
C PHE A 904 -27.05 4.04 30.34
N VAL A 905 -26.37 5.18 30.20
CA VAL A 905 -26.54 6.03 29.03
C VAL A 905 -25.98 5.37 27.78
N THR A 906 -24.77 4.83 27.89
CA THR A 906 -24.04 4.34 26.72
C THR A 906 -24.70 3.09 26.14
N ALA A 907 -25.13 2.18 27.03
CA ALA A 907 -25.84 0.98 26.61
C ALA A 907 -27.09 1.33 25.82
N VAL A 908 -27.74 2.42 26.19
CA VAL A 908 -29.02 2.81 25.59
C VAL A 908 -28.81 3.31 24.16
N LEU A 909 -27.89 4.25 23.99
CA LEU A 909 -27.53 4.74 22.67
C LEU A 909 -27.25 3.59 21.71
N VAL A 910 -26.81 2.46 22.26
CA VAL A 910 -26.44 1.31 21.45
C VAL A 910 -27.67 0.56 20.97
N ILE A 911 -28.54 0.18 21.89
CA ILE A 911 -29.69 -0.66 21.58
C ILE A 911 -30.79 0.15 20.91
N THR A 912 -30.72 1.47 21.05
CA THR A 912 -31.57 2.37 20.28
C THR A 912 -31.09 2.49 18.85
N SER A 913 -29.78 2.53 18.67
CA SER A 913 -29.18 2.61 17.34
C SER A 913 -29.10 1.24 16.68
N VAL A 914 -29.08 0.20 17.50
CA VAL A 914 -29.17 -1.17 17.00
C VAL A 914 -30.56 -1.45 16.43
N LEU A 915 -31.59 -0.94 17.10
CA LEU A 915 -32.92 -0.88 16.53
C LEU A 915 -32.94 -0.13 15.21
N LEU A 916 -32.05 0.86 15.09
CA LEU A 916 -32.06 1.76 13.94
C LEU A 916 -31.52 1.06 12.70
N ALA A 917 -30.76 -0.01 12.90
CA ALA A 917 -30.23 -0.79 11.80
C ALA A 917 -31.36 -1.41 10.96
N LEU A 918 -32.27 -2.10 11.63
CA LEU A 918 -33.18 -3.01 10.96
C LEU A 918 -34.31 -2.26 10.27
N GLU A 919 -34.11 -0.96 10.05
CA GLU A 919 -35.13 -0.11 9.47
C GLU A 919 -35.61 -0.67 8.12
N ASP A 920 -34.82 -0.41 7.08
CA ASP A 920 -35.39 -0.06 5.77
C ASP A 920 -35.34 -1.25 4.82
N ILE A 921 -35.57 -0.98 3.54
CA ILE A 921 -36.74 -1.49 2.84
C ILE A 921 -36.94 -2.98 3.10
N TYR A 922 -37.23 -3.32 4.34
CA TYR A 922 -38.61 -3.42 4.81
C TYR A 922 -38.73 -2.91 6.25
N LEU A 923 -39.05 -1.63 6.38
CA LEU A 923 -40.02 -1.18 7.38
C LEU A 923 -41.42 -1.70 7.06
N PRO A 924 -42.05 -1.13 5.95
CA PRO A 924 -43.52 -1.13 6.10
C PRO A 924 -44.09 -2.54 6.12
N GLN A 925 -43.22 -3.54 6.04
CA GLN A 925 -43.50 -4.86 6.59
C GLN A 925 -44.25 -4.75 7.92
N ARG A 926 -45.58 -4.69 7.84
CA ARG A 926 -46.43 -5.33 8.82
C ARG A 926 -46.03 -4.97 10.24
N PRO A 927 -46.62 -3.90 10.78
CA PRO A 927 -45.85 -2.77 11.28
C PRO A 927 -45.57 -2.89 12.77
N VAL A 928 -44.95 -4.00 13.16
CA VAL A 928 -44.42 -4.14 14.52
C VAL A 928 -43.28 -3.17 14.78
N LEU A 929 -42.41 -3.01 13.78
CA LEU A 929 -41.27 -2.10 13.90
C LEU A 929 -41.64 -0.69 13.48
N VAL A 930 -42.52 -0.59 12.50
CA VAL A 930 -43.19 0.68 12.19
C VAL A 930 -43.59 1.41 13.48
N ASN A 931 -43.92 0.64 14.51
CA ASN A 931 -44.52 1.21 15.71
C ASN A 931 -43.48 1.45 16.81
N ILE A 932 -42.57 0.50 16.96
CA ILE A 932 -41.55 0.57 18.01
C ILE A 932 -40.46 1.57 17.63
N THR A 933 -40.05 1.54 16.37
CA THR A 933 -39.21 2.59 15.82
C THR A 933 -39.83 3.97 16.04
N LEU A 934 -41.12 3.99 16.32
CA LEU A 934 -41.84 5.24 16.54
C LEU A 934 -42.03 5.53 18.03
N TYR A 935 -42.24 4.46 18.81
CA TYR A 935 -42.06 4.52 20.24
C TYR A 935 -40.65 4.96 20.62
N VAL A 936 -39.66 4.18 20.17
CA VAL A 936 -38.26 4.51 20.41
C VAL A 936 -37.95 5.93 19.93
N ASP A 937 -38.73 6.42 18.98
CA ASP A 937 -38.64 7.81 18.54
C ASP A 937 -38.97 8.77 19.68
N TYR A 938 -40.13 8.59 20.29
CA TYR A 938 -40.62 9.50 21.31
C TYR A 938 -39.80 9.38 22.59
N VAL A 939 -39.61 8.14 23.05
CA VAL A 939 -39.12 7.90 24.40
C VAL A 939 -37.61 8.08 24.48
N LEU A 940 -36.96 8.15 23.32
CA LEU A 940 -35.56 8.58 23.25
C LEU A 940 -35.43 10.07 23.52
N THR A 941 -36.20 10.88 22.79
CA THR A 941 -36.18 12.32 22.97
C THR A 941 -36.62 12.72 24.37
N ALA A 942 -37.36 11.84 25.03
CA ALA A 942 -37.67 12.00 26.44
C ALA A 942 -36.43 11.79 27.31
N PHE A 943 -35.51 10.96 26.82
CA PHE A 943 -34.30 10.63 27.57
C PHE A 943 -33.18 11.62 27.28
N PHE A 944 -33.28 12.31 26.15
CA PHE A 944 -32.22 13.19 25.69
C PHE A 944 -32.38 14.59 26.28
N VAL A 945 -33.61 14.95 26.60
CA VAL A 945 -33.90 16.25 27.19
C VAL A 945 -33.64 16.26 28.69
N ILE A 946 -33.56 15.07 29.27
CA ILE A 946 -33.17 14.92 30.67
C ILE A 946 -31.67 14.73 30.81
N GLU A 947 -31.12 13.79 30.03
CA GLU A 947 -29.70 13.80 29.72
C GLU A 947 -29.12 15.21 29.74
N MET A 948 -29.91 16.17 29.25
CA MET A 948 -29.39 17.48 28.90
C MET A 948 -29.48 18.45 30.07
N ILE A 949 -30.59 18.38 30.81
CA ILE A 949 -30.68 19.03 32.11
C ILE A 949 -29.50 18.64 33.01
N ILE A 950 -29.32 17.34 33.20
CA ILE A 950 -28.50 16.84 34.30
C ILE A 950 -27.01 17.06 34.01
N MET A 951 -26.64 16.97 32.73
CA MET A 951 -25.33 17.40 32.29
C MET A 951 -25.20 18.92 32.29
N LEU A 952 -26.25 19.59 31.82
CA LEU A 952 -26.28 21.05 31.78
C LEU A 952 -25.85 21.63 33.12
N PHE A 953 -26.40 21.09 34.21
CA PHE A 953 -26.31 21.73 35.52
C PHE A 953 -25.16 21.15 36.33
N ALA A 954 -24.77 19.92 36.01
CA ALA A 954 -23.85 19.17 36.85
C ALA A 954 -22.42 19.66 36.67
N VAL A 955 -21.94 19.64 35.43
CA VAL A 955 -20.54 19.91 35.13
C VAL A 955 -20.27 21.40 35.00
N GLY A 956 -20.84 22.00 33.97
CA GLY A 956 -20.40 23.31 33.50
C GLY A 956 -21.35 23.91 32.48
N PHE A 957 -22.08 24.94 32.89
CA PHE A 957 -22.75 25.83 31.95
C PHE A 957 -21.77 26.32 30.88
N LYS A 958 -20.65 26.89 31.32
CA LYS A 958 -19.80 27.68 30.44
C LYS A 958 -19.09 26.80 29.42
N LYS A 959 -18.72 25.59 29.83
CA LYS A 959 -17.88 24.72 29.01
C LYS A 959 -18.68 23.55 28.45
N TYR A 960 -19.98 23.51 28.76
CA TYR A 960 -20.88 22.53 28.18
C TYR A 960 -21.39 23.00 26.82
N PHE A 961 -21.84 24.25 26.76
CA PHE A 961 -22.17 24.90 25.50
C PHE A 961 -20.92 25.05 24.63
N THR A 962 -19.79 24.58 25.13
CA THR A 962 -18.49 25.01 24.64
C THR A 962 -17.91 24.00 23.66
N SER A 963 -17.58 22.81 24.16
CA SER A 963 -16.66 21.91 23.48
C SER A 963 -17.41 20.88 22.64
N LYS A 964 -16.66 20.10 21.87
CA LYS A 964 -17.15 19.57 20.61
C LYS A 964 -18.04 18.35 20.82
N TRP A 965 -17.59 17.44 21.66
CA TRP A 965 -18.31 16.19 21.89
C TRP A 965 -19.60 16.43 22.66
N TYR A 966 -19.65 17.54 23.39
CA TYR A 966 -20.88 17.96 24.05
C TYR A 966 -21.72 18.85 23.15
N TRP A 967 -21.11 19.31 22.06
CA TRP A 967 -21.87 19.92 20.97
C TRP A 967 -22.74 18.90 20.25
N LEU A 968 -22.18 17.72 20.01
CA LEU A 968 -22.85 16.69 19.23
C LEU A 968 -24.03 16.11 20.00
N ASP A 969 -24.07 16.35 21.30
CA ASP A 969 -25.24 16.03 22.11
C ASP A 969 -26.31 17.09 21.97
N PHE A 970 -25.94 18.34 22.27
CA PHE A 970 -26.88 19.46 22.19
C PHE A 970 -27.61 19.47 20.84
N ILE A 971 -26.93 18.97 19.81
CA ILE A 971 -27.44 19.09 18.45
C ILE A 971 -28.37 17.92 18.11
N VAL A 972 -28.08 16.76 18.67
CA VAL A 972 -29.06 15.68 18.74
C VAL A 972 -30.33 16.13 19.47
N VAL A 973 -30.15 16.81 20.60
CA VAL A 973 -31.26 17.16 21.47
C VAL A 973 -32.09 18.29 20.89
N VAL A 974 -31.41 19.29 20.33
CA VAL A 974 -31.98 20.09 19.26
C VAL A 974 -32.77 19.23 18.28
N ALA A 975 -32.11 18.22 17.71
CA ALA A 975 -32.60 17.57 16.49
C ALA A 975 -33.85 16.76 16.77
N TYR A 976 -33.87 16.09 17.93
CA TYR A 976 -35.04 15.31 18.34
C TYR A 976 -36.12 16.20 18.93
N LEU A 977 -35.75 17.44 19.24
CA LEU A 977 -36.73 18.43 19.69
C LEU A 977 -37.57 18.94 18.53
N LEU A 978 -36.96 19.10 17.36
CA LEU A 978 -37.68 19.48 16.16
C LEU A 978 -38.79 18.49 15.84
N ASN A 979 -38.54 17.03 15.92
CA ASN A 979 -39.44 15.96 15.47
C ASN A 979 -40.72 15.92 16.29
N PHE A 980 -40.59 15.93 17.61
CA PHE A 980 -41.70 16.23 18.49
C PHE A 980 -42.47 17.47 18.03
N VAL A 981 -41.72 18.52 17.68
CA VAL A 981 -42.33 19.75 17.22
C VAL A 981 -43.20 19.53 15.99
N LEU A 982 -42.96 18.41 15.30
CA LEU A 982 -43.71 18.09 14.09
C LEU A 982 -44.48 16.79 14.26
N MET A 983 -44.85 16.48 15.50
CA MET A 983 -45.76 15.38 15.78
C MET A 983 -47.20 15.85 15.87
N CYS A 984 -47.38 17.16 16.03
CA CYS A 984 -48.71 17.74 16.18
C CYS A 984 -48.90 18.90 15.20
N ALA A 985 -47.97 19.85 15.23
CA ALA A 985 -48.16 21.13 14.55
C ALA A 985 -47.38 21.18 13.24
N GLY A 986 -47.97 20.67 12.19
CA GLY A 986 -47.22 19.89 11.21
C GLY A 986 -48.06 18.81 10.56
N ILE A 987 -47.46 18.06 9.64
CA ILE A 987 -46.77 16.82 9.99
C ILE A 987 -45.95 16.30 8.81
N GLU A 988 -44.64 16.22 9.01
CA GLU A 988 -43.87 15.08 8.51
C GLU A 988 -42.69 14.78 9.44
N ALA A 989 -42.18 13.55 9.35
CA ALA A 989 -40.81 13.27 9.77
C ALA A 989 -39.81 13.74 8.72
N LEU A 990 -39.12 14.84 9.03
CA LEU A 990 -37.73 15.02 8.63
C LEU A 990 -36.89 13.82 9.04
N GLN A 991 -36.58 12.96 8.07
CA GLN A 991 -36.03 11.64 8.36
C GLN A 991 -34.59 11.76 8.87
N THR A 992 -33.85 12.71 8.33
CA THR A 992 -32.40 12.74 8.49
C THR A 992 -32.00 13.43 9.78
N LEU A 993 -32.88 14.29 10.29
CA LEU A 993 -32.78 14.76 11.65
C LEU A 993 -32.64 13.60 12.64
N ARG A 994 -33.49 12.59 12.47
CA ARG A 994 -33.59 11.51 13.44
C ARG A 994 -32.50 10.46 13.22
N LEU A 995 -31.60 10.74 12.29
CA LEU A 995 -30.51 9.82 12.00
C LEU A 995 -29.19 10.35 12.55
N LEU A 996 -29.23 11.55 13.12
CA LEU A 996 -28.11 12.05 13.91
C LEU A 996 -28.15 11.52 15.34
N ARG A 997 -29.02 10.55 15.58
CA ARG A 997 -28.95 9.71 16.77
C ARG A 997 -27.74 8.79 16.73
N VAL A 998 -27.44 8.29 15.53
CA VAL A 998 -26.33 7.35 15.35
C VAL A 998 -25.00 8.02 15.63
N PHE A 999 -25.00 9.36 15.68
CA PHE A 999 -23.77 10.13 15.63
C PHE A 999 -23.03 10.10 16.97
N ARG A 1000 -23.73 9.68 18.01
CA ARG A 1000 -23.27 9.86 19.38
C ARG A 1000 -22.56 8.62 19.89
N LEU A 1001 -22.72 7.51 19.19
CA LEU A 1001 -22.03 6.28 19.52
C LEU A 1001 -20.51 6.45 19.47
N PHE A 1002 -20.08 7.67 19.15
CA PHE A 1002 -18.66 7.94 18.93
C PHE A 1002 -17.86 7.76 20.21
N ARG A 1003 -18.44 8.15 21.34
CA ARG A 1003 -17.68 8.52 22.52
C ARG A 1003 -17.84 7.48 23.62
N PRO A 1004 -18.84 6.52 23.43
CA PRO A 1004 -18.43 5.21 23.95
C PRO A 1004 -17.10 4.74 23.37
N LEU A 1005 -16.85 5.09 22.11
CA LEU A 1005 -15.92 4.34 21.27
C LEU A 1005 -14.48 4.73 21.56
N SER A 1006 -14.24 6.03 21.66
CA SER A 1006 -12.91 6.54 22.01
C SER A 1006 -12.48 6.04 23.39
N LYS A 1007 -13.44 5.87 24.29
CA LYS A 1007 -13.16 5.43 25.64
C LYS A 1007 -12.63 3.99 25.64
N VAL A 1008 -13.13 3.18 24.71
CA VAL A 1008 -12.76 1.78 24.65
C VAL A 1008 -11.25 1.59 24.73
N ASN A 1009 -10.82 0.40 25.14
CA ASN A 1009 -9.60 0.25 25.93
C ASN A 1009 -8.35 0.54 25.11
N GLY A 1010 -8.54 1.04 23.90
CA GLY A 1010 -7.44 1.28 22.99
C GLY A 1010 -7.55 2.62 22.29
N MET A 1011 -8.73 2.90 21.73
CA MET A 1011 -8.85 3.89 20.67
C MET A 1011 -8.39 5.26 21.14
N GLN A 1012 -8.27 5.42 22.45
CA GLN A 1012 -7.68 6.63 23.02
C GLN A 1012 -6.43 7.05 22.25
N VAL A 1013 -5.60 6.08 21.88
CA VAL A 1013 -4.46 6.32 21.02
C VAL A 1013 -4.91 6.72 19.62
N VAL A 1014 -5.73 5.88 19.00
CA VAL A 1014 -6.06 6.02 17.59
C VAL A 1014 -6.96 7.23 17.35
N THR A 1015 -7.93 7.43 18.25
CA THR A 1015 -8.76 8.62 18.22
C THR A 1015 -7.91 9.89 18.23
N SER A 1016 -7.03 9.99 19.23
CA SER A 1016 -6.23 11.19 19.42
C SER A 1016 -5.39 11.50 18.18
N THR A 1017 -5.19 10.50 17.34
CA THR A 1017 -4.33 10.63 16.17
C THR A 1017 -5.13 11.00 14.93
N LEU A 1018 -6.42 10.68 14.94
CA LEU A 1018 -7.34 11.14 13.91
C LEU A 1018 -7.61 12.64 14.05
N VAL A 1019 -8.15 13.03 15.20
CA VAL A 1019 -8.71 14.37 15.36
C VAL A 1019 -7.62 15.42 15.51
N GLU A 1020 -6.40 14.95 15.82
CA GLU A 1020 -5.20 15.77 15.66
C GLU A 1020 -4.78 15.83 14.20
N ALA A 1021 -4.83 14.70 13.53
CA ALA A 1021 -4.43 14.61 12.13
C ALA A 1021 -5.07 15.71 11.30
N VAL A 1022 -6.31 16.03 11.61
CA VAL A 1022 -7.21 16.66 10.64
C VAL A 1022 -6.80 18.09 10.35
N PRO A 1023 -6.06 18.73 11.35
CA PRO A 1023 -5.58 20.07 10.95
C PRO A 1023 -4.53 19.97 9.86
N HIS A 1024 -3.58 19.05 10.01
CA HIS A 1024 -2.50 18.91 9.05
C HIS A 1024 -2.98 18.26 7.75
N ILE A 1025 -4.02 17.43 7.86
CA ILE A 1025 -4.68 16.87 6.67
C ILE A 1025 -5.20 17.97 5.76
N PHE A 1026 -6.06 18.84 6.31
CA PHE A 1026 -6.67 19.91 5.55
C PHE A 1026 -5.60 20.92 5.19
N ASN A 1027 -4.37 20.70 5.65
CA ASN A 1027 -3.30 21.51 5.08
C ASN A 1027 -2.83 20.92 3.75
N VAL A 1028 -2.64 19.61 3.73
CA VAL A 1028 -2.28 18.91 2.51
C VAL A 1028 -3.32 19.13 1.42
N ILE A 1029 -4.59 19.17 1.81
CA ILE A 1029 -5.69 19.09 0.85
C ILE A 1029 -5.82 20.39 0.07
N LEU A 1030 -5.85 21.51 0.79
CA LEU A 1030 -5.62 22.82 0.17
C LEU A 1030 -4.52 22.75 -0.88
N VAL A 1031 -3.51 21.93 -0.63
CA VAL A 1031 -2.41 21.75 -1.57
C VAL A 1031 -2.83 20.86 -2.74
N GLY A 1032 -3.69 19.90 -2.47
CA GLY A 1032 -3.90 18.78 -3.37
C GLY A 1032 -5.01 19.02 -4.36
N ILE A 1033 -5.97 19.85 -3.98
CA ILE A 1033 -6.66 20.73 -4.92
C ILE A 1033 -5.69 21.31 -5.94
N PHE A 1034 -4.57 21.84 -5.44
CA PHE A 1034 -3.86 22.90 -6.14
C PHE A 1034 -3.22 22.39 -7.43
N PHE A 1035 -2.52 21.26 -7.34
CA PHE A 1035 -1.89 20.64 -8.50
C PHE A 1035 -2.94 20.09 -9.46
N TRP A 1036 -3.98 19.47 -8.91
CA TRP A 1036 -5.12 19.03 -9.71
C TRP A 1036 -5.79 20.20 -10.40
N LEU A 1037 -5.82 21.35 -9.74
CA LEU A 1037 -6.31 22.58 -10.35
C LEU A 1037 -5.49 22.94 -11.58
N VAL A 1038 -4.18 22.71 -11.51
CA VAL A 1038 -3.31 22.85 -12.67
C VAL A 1038 -3.67 21.84 -13.76
N PHE A 1039 -3.70 20.56 -13.38
CA PHE A 1039 -3.85 19.48 -14.35
C PHE A 1039 -5.22 19.53 -15.01
N ALA A 1040 -6.24 19.89 -14.23
CA ALA A 1040 -7.60 19.94 -14.75
C ALA A 1040 -7.72 20.92 -15.91
N ILE A 1041 -7.37 22.18 -15.66
CA ILE A 1041 -7.66 23.25 -16.60
C ILE A 1041 -6.81 23.13 -17.86
N MET A 1042 -5.64 22.52 -17.72
CA MET A 1042 -4.94 21.94 -18.86
C MET A 1042 -5.89 21.09 -19.72
N GLY A 1043 -6.43 20.05 -19.13
CA GLY A 1043 -7.17 19.04 -19.88
C GLY A 1043 -8.42 19.60 -20.53
N VAL A 1044 -8.92 20.70 -19.99
CA VAL A 1044 -10.03 21.42 -20.60
C VAL A 1044 -9.62 22.08 -21.91
N GLN A 1045 -8.36 22.53 -21.97
CA GLN A 1045 -7.89 23.32 -23.09
C GLN A 1045 -7.61 22.44 -24.31
N LEU A 1046 -7.79 21.13 -24.15
CA LEU A 1046 -7.57 20.18 -25.22
C LEU A 1046 -8.52 18.99 -25.13
N PHE A 1047 -8.98 18.71 -23.91
CA PHE A 1047 -9.88 17.59 -23.69
C PHE A 1047 -11.34 18.05 -23.77
N ALA A 1048 -11.64 19.19 -23.16
CA ALA A 1048 -12.99 19.73 -23.17
C ALA A 1048 -13.55 19.78 -24.58
N GLY A 1049 -14.84 19.44 -24.71
CA GLY A 1049 -15.50 19.45 -26.00
C GLY A 1049 -15.60 18.06 -26.61
N LYS A 1050 -14.58 17.24 -26.35
CA LYS A 1050 -14.55 15.88 -26.88
C LYS A 1050 -15.35 14.93 -25.99
N PHE A 1051 -15.09 13.63 -26.14
CA PHE A 1051 -15.78 12.62 -25.36
C PHE A 1051 -17.25 12.52 -25.75
N TYR A 1052 -17.53 12.81 -27.02
CA TYR A 1052 -18.90 12.76 -27.52
C TYR A 1052 -18.98 11.79 -28.68
N LYS A 1053 -19.07 10.49 -28.37
CA LYS A 1053 -19.11 9.46 -29.40
C LYS A 1053 -20.54 9.26 -29.91
N CYS A 1054 -20.66 8.94 -31.19
CA CYS A 1054 -21.95 8.64 -31.78
C CYS A 1054 -22.44 7.31 -31.24
N VAL A 1055 -23.73 7.20 -31.02
CA VAL A 1055 -24.29 5.98 -30.44
C VAL A 1055 -25.73 5.78 -30.92
N ASP A 1056 -26.03 4.55 -31.33
CA ASP A 1056 -27.41 4.07 -31.43
C ASP A 1056 -27.86 3.61 -30.06
N GLU A 1057 -29.15 3.76 -29.77
CA GLU A 1057 -29.78 3.60 -28.43
C GLU A 1057 -29.27 2.46 -27.52
N ASN A 1058 -29.21 1.25 -28.05
CA ASN A 1058 -28.46 0.21 -27.38
C ASN A 1058 -26.98 0.43 -27.65
N SER A 1059 -26.21 0.59 -26.58
CA SER A 1059 -24.99 1.40 -26.59
C SER A 1059 -23.89 0.86 -27.47
N THR A 1060 -23.82 1.39 -28.68
CA THR A 1060 -22.82 0.99 -29.66
C THR A 1060 -22.21 2.24 -30.29
N VAL A 1061 -20.90 2.37 -30.13
CA VAL A 1061 -20.10 3.33 -30.88
C VAL A 1061 -19.97 2.69 -32.24
N LEU A 1062 -20.41 3.37 -33.30
CA LEU A 1062 -20.74 2.68 -34.56
C LEU A 1062 -19.56 1.98 -35.24
N SER A 1063 -18.70 2.68 -35.98
CA SER A 1063 -17.26 2.54 -35.79
C SER A 1063 -16.55 3.80 -36.19
N HIS A 1064 -16.91 4.15 -37.42
CA HIS A 1064 -16.18 5.03 -38.32
C HIS A 1064 -16.98 4.93 -39.60
N GLU A 1065 -16.62 5.76 -40.61
CA GLU A 1065 -17.11 5.68 -41.98
C GLU A 1065 -18.60 5.96 -42.15
N ILE A 1066 -19.31 6.11 -41.04
CA ILE A 1066 -20.75 6.31 -40.99
C ILE A 1066 -20.88 7.52 -40.07
N THR A 1067 -19.76 7.89 -39.46
CA THR A 1067 -19.80 8.61 -38.19
C THR A 1067 -19.16 9.99 -38.21
N MET A 1068 -18.10 10.17 -38.99
CA MET A 1068 -17.03 11.04 -38.53
C MET A 1068 -17.28 12.55 -38.63
N ASP A 1069 -18.36 13.02 -37.99
CA ASP A 1069 -18.54 14.37 -37.40
C ASP A 1069 -19.87 14.38 -36.65
N ARG A 1070 -20.21 15.45 -35.94
CA ARG A 1070 -21.51 15.44 -35.29
C ARG A 1070 -22.64 15.67 -36.27
N ASN A 1071 -22.33 16.15 -37.49
CA ASN A 1071 -23.32 16.16 -38.56
C ASN A 1071 -23.86 14.78 -38.88
N ASP A 1072 -23.00 13.87 -39.35
CA ASP A 1072 -23.45 12.64 -40.00
C ASP A 1072 -24.10 11.67 -39.00
N CYS A 1073 -24.00 11.95 -37.71
CA CYS A 1073 -24.79 11.23 -36.73
C CYS A 1073 -26.07 11.95 -36.37
N LEU A 1074 -26.08 13.28 -36.46
CA LEU A 1074 -27.32 14.01 -36.21
C LEU A 1074 -28.07 14.28 -37.50
N HIS A 1075 -27.41 14.12 -38.65
CA HIS A 1075 -28.15 14.27 -39.89
C HIS A 1075 -28.90 13.01 -40.24
N GLU A 1076 -28.40 11.84 -39.81
CA GLU A 1076 -29.21 10.64 -40.02
C GLU A 1076 -30.45 10.66 -39.15
N ASN A 1077 -30.36 10.34 -37.85
CA ASN A 1077 -31.22 10.94 -36.83
C ASN A 1077 -30.62 11.10 -35.43
N TYR A 1078 -29.70 10.22 -35.04
CA TYR A 1078 -29.72 9.70 -33.68
C TYR A 1078 -28.53 10.12 -32.81
N THR A 1079 -28.86 10.68 -31.65
CA THR A 1079 -28.20 10.45 -30.36
C THR A 1079 -26.69 10.57 -30.27
N TRP A 1080 -26.19 11.78 -30.36
CA TRP A 1080 -24.79 12.04 -30.11
C TRP A 1080 -24.60 12.37 -28.64
N GLU A 1081 -24.27 11.36 -27.82
CA GLU A 1081 -24.44 11.45 -26.38
C GLU A 1081 -23.10 11.25 -25.68
N ASN A 1082 -23.02 11.72 -24.44
CA ASN A 1082 -21.80 11.90 -23.66
C ASN A 1082 -21.35 10.64 -22.93
N SER A 1083 -20.12 10.64 -22.42
CA SER A 1083 -19.65 9.67 -21.45
C SER A 1083 -19.74 10.32 -20.07
N PRO A 1084 -20.12 9.56 -19.02
CA PRO A 1084 -20.46 10.16 -17.73
C PRO A 1084 -19.33 10.82 -16.93
N MET A 1085 -18.09 10.48 -17.23
CA MET A 1085 -16.94 11.12 -16.60
C MET A 1085 -16.13 11.91 -17.63
N ASN A 1086 -16.57 13.13 -17.90
CA ASN A 1086 -16.02 13.92 -18.98
C ASN A 1086 -15.02 14.93 -18.44
N PHE A 1087 -14.50 15.75 -19.34
CA PHE A 1087 -13.66 16.88 -19.00
C PHE A 1087 -14.26 18.19 -19.48
N ASP A 1088 -15.58 18.33 -19.41
CA ASP A 1088 -16.21 19.53 -19.94
C ASP A 1088 -16.01 20.72 -19.02
N HIS A 1089 -16.45 20.62 -17.78
CA HIS A 1089 -16.26 21.70 -16.83
C HIS A 1089 -14.85 21.69 -16.26
N VAL A 1090 -14.67 22.41 -15.17
CA VAL A 1090 -13.65 22.08 -14.20
C VAL A 1090 -14.21 21.10 -13.17
N GLY A 1091 -15.25 21.13 -12.53
CA GLY A 1091 -15.63 20.14 -11.53
C GLY A 1091 -15.92 18.79 -12.13
N ASN A 1092 -16.44 18.79 -13.36
CA ASN A 1092 -16.58 17.57 -14.14
C ASN A 1092 -15.22 16.99 -14.54
N ALA A 1093 -14.29 17.86 -14.87
CA ALA A 1093 -12.92 17.45 -15.16
C ALA A 1093 -12.20 17.09 -13.87
N TYR A 1094 -12.62 17.69 -12.76
CA TYR A 1094 -11.96 17.47 -11.48
C TYR A 1094 -12.23 16.07 -10.93
N LEU A 1095 -13.51 15.70 -10.93
CA LEU A 1095 -13.94 14.41 -10.42
C LEU A 1095 -13.44 13.28 -11.30
N SER A 1096 -13.54 13.48 -12.62
CA SER A 1096 -13.05 12.51 -13.56
C SER A 1096 -11.53 12.39 -13.53
N LEU A 1097 -10.84 13.35 -12.93
CA LEU A 1097 -9.42 13.18 -12.68
C LEU A 1097 -9.19 12.34 -11.44
N LEU A 1098 -10.13 12.38 -10.51
CA LEU A 1098 -9.96 11.58 -9.29
C LEU A 1098 -10.14 10.10 -9.56
N GLN A 1099 -10.78 9.73 -10.67
CA GLN A 1099 -10.90 8.32 -10.99
C GLN A 1099 -9.57 7.75 -11.46
N VAL A 1100 -8.73 8.59 -12.03
CA VAL A 1100 -7.37 8.20 -12.40
C VAL A 1100 -6.39 8.48 -11.27
N ALA A 1101 -6.83 9.26 -10.29
CA ALA A 1101 -6.10 9.41 -9.04
C ALA A 1101 -5.92 8.07 -8.33
N THR A 1102 -7.05 7.44 -8.00
CA THR A 1102 -7.04 6.26 -7.14
C THR A 1102 -7.08 4.97 -7.95
N PHE A 1103 -6.74 5.08 -9.24
CA PHE A 1103 -6.78 3.93 -10.13
C PHE A 1103 -8.09 3.14 -10.08
N LYS A 1104 -9.20 3.83 -10.29
CA LYS A 1104 -10.47 3.15 -10.51
C LYS A 1104 -11.22 3.74 -11.71
N GLY A 1105 -11.52 2.89 -12.68
CA GLY A 1105 -12.35 3.28 -13.80
C GLY A 1105 -11.60 4.13 -14.80
N TRP A 1106 -10.28 4.09 -14.74
CA TRP A 1106 -9.44 5.03 -15.47
C TRP A 1106 -8.88 4.42 -16.74
N LEU A 1107 -9.11 3.11 -16.91
CA LEU A 1107 -9.14 2.51 -18.23
C LEU A 1107 -10.27 3.10 -19.08
N GLN A 1108 -11.42 3.32 -18.45
CA GLN A 1108 -12.65 3.60 -19.19
C GLN A 1108 -12.70 5.04 -19.65
N ILE A 1109 -12.12 5.94 -18.86
CA ILE A 1109 -11.79 7.28 -19.32
C ILE A 1109 -10.77 7.24 -20.45
N MET A 1110 -9.71 6.48 -20.26
CA MET A 1110 -8.45 6.73 -20.94
C MET A 1110 -8.47 6.23 -22.38
N ASN A 1111 -9.32 5.24 -22.63
CA ASN A 1111 -9.63 4.82 -24.00
C ASN A 1111 -10.39 5.89 -24.76
N ASP A 1112 -11.41 6.46 -24.12
CA ASP A 1112 -12.19 7.55 -24.72
C ASP A 1112 -11.32 8.78 -24.92
N ALA A 1113 -10.35 8.97 -24.02
CA ALA A 1113 -9.48 10.14 -24.07
C ALA A 1113 -8.52 10.05 -25.25
N ILE A 1114 -7.88 8.90 -25.41
CA ILE A 1114 -7.14 8.59 -26.61
C ILE A 1114 -7.89 9.05 -27.86
N ASP A 1115 -9.14 8.64 -27.98
CA ASP A 1115 -9.73 8.33 -29.27
C ASP A 1115 -10.28 9.57 -29.96
N SER A 1116 -10.30 10.66 -28.82
CA SER A 1116 -11.00 11.86 -29.24
C SER A 1116 -10.04 12.83 -29.90
N ARG A 1117 -10.44 13.39 -31.03
CA ARG A 1117 -9.41 14.11 -31.77
C ARG A 1117 -9.83 15.42 -32.43
N GLU A 1118 -11.11 15.78 -32.38
CA GLU A 1118 -11.55 17.16 -32.59
C GLU A 1118 -12.80 17.45 -31.76
N VAL A 1119 -13.22 18.70 -31.73
CA VAL A 1119 -14.31 19.14 -30.88
C VAL A 1119 -15.64 18.57 -31.33
N HIS A 1120 -15.98 18.74 -32.60
CA HIS A 1120 -17.26 18.30 -33.12
C HIS A 1120 -17.05 17.23 -34.18
N LYS A 1121 -16.19 16.27 -33.89
CA LYS A 1121 -16.13 15.10 -34.75
C LYS A 1121 -16.14 13.85 -33.89
N GLN A 1122 -16.09 12.71 -34.56
CA GLN A 1122 -16.37 11.45 -33.91
C GLN A 1122 -15.07 10.73 -33.57
N PRO A 1123 -14.93 10.17 -32.37
CA PRO A 1123 -13.63 9.63 -31.94
C PRO A 1123 -13.34 8.25 -32.53
N ILE A 1124 -12.07 8.01 -32.89
CA ILE A 1124 -11.65 6.80 -33.59
C ILE A 1124 -10.63 6.06 -32.73
N ARG A 1125 -10.58 4.73 -32.89
CA ARG A 1125 -10.04 3.80 -31.90
C ARG A 1125 -8.54 3.91 -31.66
N GLU A 1126 -7.74 4.38 -32.61
CA GLU A 1126 -6.30 4.31 -32.44
C GLU A 1126 -5.61 5.65 -32.32
N THR A 1127 -6.15 6.70 -32.94
CA THR A 1127 -5.38 7.90 -33.15
C THR A 1127 -5.21 8.69 -31.87
N ASN A 1128 -4.22 9.59 -31.90
CA ASN A 1128 -3.89 10.53 -30.84
C ASN A 1128 -3.52 9.82 -29.54
N ILE A 1129 -2.41 9.08 -29.60
CA ILE A 1129 -1.99 8.24 -28.49
C ILE A 1129 -0.78 8.79 -27.76
N TYR A 1130 -0.17 9.86 -28.26
CA TYR A 1130 0.93 10.45 -27.50
C TYR A 1130 0.45 11.17 -26.26
N MET A 1131 -0.81 11.63 -26.22
CA MET A 1131 -1.35 12.31 -25.04
C MET A 1131 -2.02 11.35 -24.09
N TYR A 1132 -1.53 10.13 -24.07
CA TYR A 1132 -1.82 9.05 -23.15
C TYR A 1132 -0.67 9.08 -22.17
N LEU A 1133 0.30 9.93 -22.50
CA LEU A 1133 1.39 10.33 -21.65
C LEU A 1133 1.07 11.57 -20.84
N TYR A 1134 -0.05 12.22 -21.12
CA TYR A 1134 -0.53 13.26 -20.23
C TYR A 1134 -0.78 12.71 -18.84
N PHE A 1135 -1.40 11.53 -18.79
CA PHE A 1135 -1.74 10.94 -17.50
C PHE A 1135 -0.50 10.62 -16.68
N ILE A 1136 0.61 10.30 -17.34
CA ILE A 1136 1.80 9.91 -16.61
C ILE A 1136 2.41 11.11 -15.89
N PHE A 1137 2.36 12.28 -16.50
CA PHE A 1137 2.76 13.48 -15.78
C PHE A 1137 1.70 13.89 -14.77
N PHE A 1138 0.48 13.42 -14.91
CA PHE A 1138 -0.47 13.57 -13.81
C PHE A 1138 -0.22 12.55 -12.71
N ILE A 1139 -0.22 11.27 -13.07
CA ILE A 1139 -0.39 10.20 -12.11
C ILE A 1139 0.82 10.08 -11.19
N VAL A 1140 1.96 10.61 -11.59
CA VAL A 1140 3.09 10.75 -10.69
C VAL A 1140 2.87 11.92 -9.74
N PHE A 1141 2.55 13.08 -10.28
CA PHE A 1141 2.41 14.25 -9.43
C PHE A 1141 1.05 14.26 -8.74
N GLY A 1142 0.17 13.33 -9.09
CA GLY A 1142 -1.06 13.17 -8.36
C GLY A 1142 -1.08 12.03 -7.37
N SER A 1143 -0.76 10.82 -7.82
CA SER A 1143 -1.06 9.63 -7.04
C SER A 1143 0.08 9.16 -6.16
N PHE A 1144 1.32 9.38 -6.54
CA PHE A 1144 2.40 8.89 -5.71
C PHE A 1144 3.02 10.00 -4.90
N PHE A 1145 2.90 11.24 -5.37
CA PHE A 1145 3.53 12.35 -4.71
C PHE A 1145 2.59 13.05 -3.74
N ILE A 1146 1.29 12.96 -3.93
CA ILE A 1146 0.31 13.63 -3.09
C ILE A 1146 -0.64 12.65 -2.42
N LEU A 1147 -1.19 11.72 -3.18
CA LEU A 1147 -2.10 10.75 -2.57
C LEU A 1147 -1.41 9.80 -1.61
N LYS A 1148 -0.11 9.61 -1.73
CA LYS A 1148 0.63 8.90 -0.71
C LYS A 1148 1.32 9.85 0.25
N LEU A 1149 1.11 11.15 0.10
CA LEU A 1149 1.61 12.07 1.10
C LEU A 1149 0.70 12.09 2.32
N PHE A 1150 -0.52 11.60 2.19
CA PHE A 1150 -1.37 11.34 3.35
C PHE A 1150 -0.76 10.32 4.29
N VAL A 1151 0.05 9.41 3.75
CA VAL A 1151 0.72 8.44 4.61
C VAL A 1151 1.84 9.13 5.39
N CYS A 1152 2.59 10.02 4.74
CA CYS A 1152 3.74 10.64 5.41
C CYS A 1152 3.35 11.77 6.33
N ILE A 1153 2.06 12.07 6.44
CA ILE A 1153 1.55 12.85 7.56
C ILE A 1153 1.20 11.92 8.70
N LEU A 1154 0.44 10.89 8.39
CA LEU A 1154 -0.21 10.03 9.35
C LEU A 1154 0.77 9.18 10.15
N ILE A 1155 1.97 8.94 9.62
CA ILE A 1155 2.99 8.25 10.40
C ILE A 1155 3.67 9.23 11.35
N ASP A 1156 3.94 10.45 10.87
CA ASP A 1156 4.62 11.44 11.69
C ASP A 1156 3.80 11.83 12.92
N ILE A 1157 2.48 11.76 12.82
CA ILE A 1157 1.66 12.12 13.96
C ILE A 1157 1.59 10.95 14.94
N PHE A 1158 1.57 9.73 14.43
CA PHE A 1158 1.28 8.61 15.31
C PHE A 1158 2.45 8.27 16.23
N ARG A 1159 3.69 8.56 15.82
CA ARG A 1159 4.80 8.39 16.73
C ARG A 1159 4.70 9.34 17.92
N GLN A 1160 4.22 10.56 17.67
CA GLN A 1160 4.12 11.53 18.74
C GLN A 1160 3.03 11.16 19.74
N GLN A 1161 1.97 10.50 19.30
CA GLN A 1161 0.89 10.23 20.24
C GLN A 1161 1.22 9.05 21.14
N ARG A 1162 2.16 8.20 20.71
CA ARG A 1162 2.69 7.16 21.58
C ARG A 1162 3.57 7.75 22.67
N ARG A 1163 4.24 8.86 22.35
CA ARG A 1163 5.11 9.56 23.28
C ARG A 1163 4.32 10.17 24.42
N LYS A 1164 3.08 10.54 24.15
CA LYS A 1164 2.24 11.20 25.14
C LYS A 1164 1.32 10.21 25.84
N ALA A 1165 1.34 8.96 25.37
CA ALA A 1165 0.85 7.84 26.16
C ALA A 1165 1.85 7.47 27.25
N GLU A 1166 3.09 7.21 26.85
CA GLU A 1166 3.94 6.25 27.55
C GLU A 1166 5.19 6.94 28.11
N GLY A 1167 5.56 8.06 27.51
CA GLY A 1167 6.95 8.40 27.32
C GLY A 1167 7.25 9.85 27.69
N LEU A 1168 7.83 10.59 26.75
CA LEU A 1168 8.20 11.98 26.98
C LEU A 1168 8.42 12.72 25.68
N SER A 1169 9.00 13.91 25.77
CA SER A 1169 9.51 14.62 24.60
C SER A 1169 10.90 15.16 24.83
N ALA A 1170 11.46 14.85 26.00
CA ALA A 1170 12.76 15.38 26.40
C ALA A 1170 13.94 14.57 25.88
N THR A 1171 13.79 13.25 25.82
CA THR A 1171 14.86 12.38 25.36
C THR A 1171 15.17 12.60 23.89
N ASP A 1172 14.19 12.30 23.04
CA ASP A 1172 14.13 12.91 21.71
C ASP A 1172 15.29 12.44 20.84
N SER A 1173 16.25 11.75 21.44
CA SER A 1173 17.38 11.19 20.71
C SER A 1173 17.41 9.67 20.83
N ARG A 1174 16.28 9.09 21.23
CA ARG A 1174 15.85 7.80 20.68
C ARG A 1174 16.59 6.66 21.34
N THR A 1175 17.60 6.97 22.14
CA THR A 1175 18.36 5.97 22.87
C THR A 1175 17.90 5.86 24.32
N GLN A 1176 17.82 7.00 25.00
CA GLN A 1176 17.35 7.05 26.37
C GLN A 1176 16.00 6.34 26.51
N LEU A 1177 15.16 6.46 25.50
CA LEU A 1177 13.83 5.86 25.52
C LEU A 1177 13.91 4.35 25.42
N ILE A 1178 14.89 3.86 24.65
CA ILE A 1178 15.14 2.42 24.54
C ILE A 1178 15.52 1.85 25.92
N TYR A 1179 16.42 2.57 26.56
CA TYR A 1179 16.93 2.21 27.89
C TYR A 1179 15.76 2.11 28.88
N ARG A 1180 14.90 3.12 28.86
CA ARG A 1180 13.75 3.16 29.76
C ARG A 1180 12.82 1.97 29.54
N ARG A 1181 12.64 1.60 28.27
CA ARG A 1181 11.74 0.51 27.91
C ARG A 1181 12.30 -0.83 28.36
N ALA A 1182 13.61 -1.00 28.23
CA ALA A 1182 14.29 -2.16 28.79
C ALA A 1182 14.12 -2.21 30.31
N VAL A 1183 14.30 -1.07 30.96
CA VAL A 1183 14.14 -0.98 32.42
C VAL A 1183 12.74 -1.46 32.82
N MET A 1184 11.73 -0.95 32.11
CA MET A 1184 10.34 -1.29 32.42
C MET A 1184 10.06 -2.77 32.16
N ARG A 1185 10.70 -3.31 31.12
CA ARG A 1185 10.57 -4.73 30.82
C ARG A 1185 11.18 -5.58 31.93
N THR A 1186 12.32 -5.15 32.44
CA THR A 1186 12.96 -5.79 33.58
C THR A 1186 12.05 -5.80 34.80
N MET A 1187 11.44 -4.65 35.08
CA MET A 1187 10.60 -4.50 36.26
C MET A 1187 9.41 -5.45 36.23
N SER A 1188 9.11 -5.96 35.04
CA SER A 1188 7.81 -6.57 34.78
C SER A 1188 7.72 -7.96 35.40
N ALA A 1189 8.35 -8.93 34.75
CA ALA A 1189 7.88 -10.32 34.81
C ALA A 1189 8.25 -10.97 36.14
N LYS A 1190 7.28 -11.68 36.72
CA LYS A 1190 7.58 -12.76 37.64
C LYS A 1190 7.34 -14.12 36.99
N PRO A 1191 7.48 -15.24 37.82
CA PRO A 1191 7.96 -16.41 37.07
C PRO A 1191 6.83 -17.36 36.73
N VAL A 1192 7.12 -18.37 35.92
CA VAL A 1192 6.18 -19.45 35.68
C VAL A 1192 5.99 -20.31 36.93
N LYS A 1193 4.90 -21.07 36.97
CA LYS A 1193 4.73 -22.13 37.94
C LYS A 1193 5.42 -23.41 37.50
N ARG A 1194 5.29 -23.75 36.23
CA ARG A 1194 5.99 -24.92 35.72
C ARG A 1194 5.15 -26.15 36.02
N ILE A 1195 4.11 -26.35 35.23
CA ILE A 1195 2.81 -26.85 35.70
C ILE A 1195 3.02 -28.15 36.38
N PRO A 1196 3.14 -28.13 37.70
CA PRO A 1196 4.24 -29.00 38.14
C PRO A 1196 3.73 -30.31 38.73
N LYS A 1197 3.32 -31.24 37.87
CA LYS A 1197 3.24 -32.65 38.25
C LYS A 1197 2.00 -32.91 39.10
N PRO A 1198 1.07 -33.81 38.59
CA PRO A 1198 0.47 -34.64 39.63
C PRO A 1198 1.12 -36.02 39.70
N THR A 1199 0.78 -36.78 40.74
CA THR A 1199 1.44 -38.05 41.00
C THR A 1199 0.60 -39.23 40.52
N CYS A 1200 0.90 -39.72 39.32
CA CYS A 1200 0.96 -41.15 39.07
C CYS A 1200 -0.43 -41.74 38.86
N HIS A 1201 -0.53 -42.72 37.97
CA HIS A 1201 -0.07 -44.07 38.27
C HIS A 1201 1.28 -44.35 37.63
N PRO A 1202 1.25 -44.87 36.33
CA PRO A 1202 2.27 -44.26 35.47
C PRO A 1202 1.67 -43.18 34.57
N GLN A 1203 0.60 -42.55 35.02
CA GLN A 1203 0.26 -41.20 34.60
C GLN A 1203 1.52 -40.33 34.50
N SER A 1204 2.52 -40.66 35.31
CA SER A 1204 3.78 -39.93 35.28
C SER A 1204 4.41 -39.94 33.90
N LEU A 1205 4.51 -41.12 33.30
CA LEU A 1205 4.90 -41.26 31.91
C LEU A 1205 4.30 -40.14 31.06
N MET A 1206 2.98 -39.99 31.13
CA MET A 1206 2.26 -39.13 30.20
C MET A 1206 2.83 -37.71 30.21
N TYR A 1207 3.24 -37.26 31.39
CA TYR A 1207 3.84 -35.93 31.53
C TYR A 1207 5.33 -35.96 31.19
N ASP A 1208 5.89 -37.16 31.12
CA ASP A 1208 7.25 -37.34 30.63
C ASP A 1208 7.31 -37.29 29.12
N ILE A 1209 6.14 -37.27 28.49
CA ILE A 1209 6.06 -37.25 27.03
C ILE A 1209 5.30 -36.01 26.53
N SER A 1210 4.46 -35.46 27.40
CA SER A 1210 3.70 -34.26 27.06
C SER A 1210 4.60 -33.04 26.95
N VAL A 1211 5.61 -32.97 27.82
CA VAL A 1211 6.50 -31.83 27.87
C VAL A 1211 7.74 -32.06 27.01
N ASN A 1212 8.01 -33.32 26.69
CA ASN A 1212 9.21 -33.68 25.95
C ASN A 1212 9.35 -32.87 24.65
N ARG A 1213 10.57 -32.82 24.12
CA ARG A 1213 10.84 -32.10 22.89
C ARG A 1213 10.80 -33.03 21.69
N LYS A 1214 10.55 -34.31 21.95
CA LYS A 1214 10.14 -35.24 20.90
C LYS A 1214 8.72 -34.94 20.43
N PHE A 1215 7.78 -34.92 21.38
CA PHE A 1215 6.37 -35.13 21.07
C PHE A 1215 5.78 -33.92 20.36
N GLU A 1216 6.33 -32.75 20.66
CA GLU A 1216 5.76 -31.49 20.18
C GLU A 1216 6.12 -31.24 18.72
N TYR A 1217 7.40 -31.48 18.38
CA TYR A 1217 7.82 -31.54 16.99
C TYR A 1217 7.01 -32.56 16.21
N THR A 1218 7.03 -33.81 16.67
CA THR A 1218 6.62 -34.94 15.84
C THR A 1218 5.10 -34.97 15.64
N MET A 1219 4.37 -34.60 16.68
CA MET A 1219 2.93 -34.39 16.58
C MET A 1219 2.62 -33.15 15.75
N MET A 1220 3.39 -32.09 15.96
CA MET A 1220 3.33 -30.92 15.10
C MET A 1220 3.66 -31.27 13.66
N ILE A 1221 4.77 -31.99 13.47
CA ILE A 1221 5.16 -32.47 12.14
C ILE A 1221 4.00 -33.21 11.47
N LEU A 1222 3.15 -33.83 12.28
CA LEU A 1222 1.97 -34.51 11.77
C LEU A 1222 0.92 -33.52 11.28
N ILE A 1223 0.84 -32.37 11.94
CA ILE A 1223 -0.13 -31.35 11.57
C ILE A 1223 0.20 -30.74 10.21
N ILE A 1224 1.49 -30.59 9.93
CA ILE A 1224 1.95 -30.14 8.62
C ILE A 1224 1.69 -31.21 7.56
N LEU A 1225 1.76 -32.47 7.97
CA LEU A 1225 1.33 -33.58 7.11
C LEU A 1225 -0.15 -33.48 6.79
N ASN A 1226 -0.97 -33.23 7.81
CA ASN A 1226 -2.41 -33.16 7.64
C ASN A 1226 -2.83 -32.00 6.75
N VAL A 1227 -2.06 -30.92 6.78
CA VAL A 1227 -2.24 -29.81 5.85
C VAL A 1227 -2.11 -30.29 4.41
N ALA A 1228 -1.02 -30.97 4.11
CA ALA A 1228 -0.59 -31.18 2.72
C ALA A 1228 -1.45 -32.24 2.04
N VAL A 1229 -2.05 -33.11 2.84
CA VAL A 1229 -3.25 -33.84 2.42
C VAL A 1229 -4.21 -32.93 1.67
N MET A 1230 -4.66 -31.88 2.35
CA MET A 1230 -5.73 -31.02 1.82
C MET A 1230 -5.29 -30.33 0.53
N ALA A 1231 -3.98 -30.30 0.30
CA ALA A 1231 -3.42 -29.52 -0.80
C ALA A 1231 -3.53 -30.28 -2.12
N ILE A 1232 -3.78 -31.58 -2.03
CA ILE A 1232 -3.72 -32.46 -3.19
C ILE A 1232 -5.01 -32.36 -4.01
N ASP A 1233 -6.06 -31.83 -3.40
CA ASP A 1233 -7.43 -32.16 -3.79
C ASP A 1233 -7.90 -31.29 -4.95
N HIS A 1234 -8.37 -31.93 -6.01
CA HIS A 1234 -9.02 -31.22 -7.10
C HIS A 1234 -10.54 -31.23 -6.93
N TYR A 1235 -11.25 -30.66 -7.90
CA TYR A 1235 -12.68 -30.85 -8.01
C TYR A 1235 -13.01 -32.26 -8.52
N GLY A 1236 -13.63 -33.06 -7.65
CA GLY A 1236 -14.55 -34.09 -8.10
C GLY A 1236 -13.86 -35.17 -8.92
N GLN A 1237 -13.20 -36.09 -8.24
CA GLN A 1237 -11.75 -36.25 -8.38
C GLN A 1237 -11.37 -37.70 -8.62
N SER A 1238 -12.33 -38.48 -9.13
CA SER A 1238 -12.37 -39.91 -8.87
C SER A 1238 -12.72 -40.21 -7.41
N MET A 1239 -13.38 -41.33 -7.18
CA MET A 1239 -13.42 -41.95 -5.86
C MET A 1239 -12.05 -42.48 -5.46
N GLU A 1240 -11.25 -42.86 -6.46
CA GLU A 1240 -9.91 -43.36 -6.21
C GLU A 1240 -9.14 -42.45 -5.26
N PHE A 1241 -9.13 -41.16 -5.57
CA PHE A 1241 -8.49 -40.18 -4.70
C PHE A 1241 -9.28 -39.99 -3.40
N SER A 1242 -10.60 -40.12 -3.51
CA SER A 1242 -11.50 -39.91 -2.39
C SER A 1242 -11.27 -40.95 -1.32
N GLU A 1243 -11.04 -42.19 -1.76
CA GLU A 1243 -10.77 -43.29 -0.85
C GLU A 1243 -9.49 -43.07 -0.07
N VAL A 1244 -8.48 -42.53 -0.76
CA VAL A 1244 -7.17 -42.31 -0.16
C VAL A 1244 -7.24 -41.28 0.96
N LEU A 1245 -7.88 -40.15 0.67
CA LEU A 1245 -7.95 -39.05 1.62
C LEU A 1245 -8.83 -39.40 2.81
N ASP A 1246 -9.91 -40.14 2.55
CA ASP A 1246 -10.68 -40.77 3.62
C ASP A 1246 -9.79 -41.66 4.49
N TYR A 1247 -8.98 -42.50 3.84
CA TYR A 1247 -8.10 -43.41 4.56
C TYR A 1247 -7.10 -42.65 5.44
N LEU A 1248 -6.50 -41.61 4.87
CA LEU A 1248 -5.42 -40.89 5.54
C LEU A 1248 -5.94 -40.02 6.67
N ASN A 1249 -7.11 -39.41 6.45
CA ASN A 1249 -7.78 -38.65 7.49
C ASN A 1249 -8.15 -39.51 8.70
N LEU A 1250 -8.47 -40.78 8.44
CA LEU A 1250 -8.74 -41.73 9.50
C LEU A 1250 -7.50 -41.97 10.36
N ILE A 1251 -6.36 -42.13 9.70
CA ILE A 1251 -5.10 -42.38 10.39
C ILE A 1251 -4.79 -41.26 11.37
N PHE A 1252 -4.82 -40.03 10.88
CA PHE A 1252 -4.18 -38.90 11.56
C PHE A 1252 -4.90 -38.58 12.87
N ILE A 1253 -6.21 -38.76 12.88
CA ILE A 1253 -7.02 -38.43 14.03
C ILE A 1253 -6.83 -39.44 15.15
N ILE A 1254 -6.44 -40.66 14.81
CA ILE A 1254 -6.14 -41.66 15.82
C ILE A 1254 -4.91 -41.25 16.61
N ILE A 1255 -3.89 -40.79 15.88
CA ILE A 1255 -2.67 -40.29 16.50
C ILE A 1255 -2.99 -39.05 17.32
N PHE A 1256 -3.85 -38.20 16.76
CA PHE A 1256 -4.28 -36.99 17.46
C PHE A 1256 -5.09 -37.33 18.71
N PHE A 1257 -5.93 -38.36 18.61
CA PHE A 1257 -6.70 -38.82 19.75
C PHE A 1257 -5.79 -39.35 20.86
N VAL A 1258 -4.64 -39.87 20.46
CA VAL A 1258 -3.60 -40.23 21.42
C VAL A 1258 -2.90 -38.98 21.95
N GLU A 1259 -2.64 -38.02 21.06
CA GLU A 1259 -2.03 -36.76 21.44
C GLU A 1259 -2.86 -36.06 22.53
N CYS A 1260 -4.17 -36.12 22.39
CA CYS A 1260 -5.07 -35.38 23.27
C CYS A 1260 -4.98 -35.89 24.70
N VAL A 1261 -5.12 -37.20 24.87
CA VAL A 1261 -5.26 -37.79 26.20
C VAL A 1261 -3.94 -37.80 26.94
N ILE A 1262 -2.85 -38.01 26.20
CA ILE A 1262 -1.51 -37.81 26.74
C ILE A 1262 -1.27 -36.34 27.08
N LYS A 1263 -1.84 -35.44 26.28
CA LYS A 1263 -1.83 -34.03 26.60
C LYS A 1263 -2.78 -33.70 27.75
N VAL A 1264 -3.94 -34.35 27.74
CA VAL A 1264 -4.95 -34.13 28.78
C VAL A 1264 -4.46 -34.61 30.14
N SER A 1265 -4.06 -35.88 30.20
CA SER A 1265 -3.71 -36.50 31.47
C SER A 1265 -2.52 -35.81 32.12
N GLY A 1266 -1.78 -35.03 31.33
CA GLY A 1266 -0.49 -34.52 31.75
C GLY A 1266 -0.61 -33.19 32.46
N LEU A 1267 -1.57 -32.38 32.03
CA LEU A 1267 -1.68 -31.00 32.50
C LEU A 1267 -3.13 -30.63 32.80
N ARG A 1268 -4.03 -31.01 31.88
CA ARG A 1268 -5.44 -31.17 32.22
C ARG A 1268 -6.17 -29.82 32.21
N HIS A 1269 -5.83 -28.98 33.17
CA HIS A 1269 -6.42 -27.64 33.26
C HIS A 1269 -5.53 -26.60 32.60
N HIS A 1270 -4.21 -26.79 32.72
CA HIS A 1270 -3.26 -25.98 31.97
C HIS A 1270 -3.35 -26.26 30.47
N TYR A 1271 -4.17 -27.23 30.11
CA TYR A 1271 -4.61 -27.38 28.72
C TYR A 1271 -5.26 -26.11 28.21
N PHE A 1272 -6.10 -25.50 29.03
CA PHE A 1272 -7.10 -24.56 28.55
C PHE A 1272 -6.65 -23.12 28.75
N LYS A 1273 -5.62 -22.93 29.58
CA LYS A 1273 -4.75 -21.77 29.48
C LYS A 1273 -3.87 -21.84 28.24
N ASP A 1274 -4.02 -22.93 27.48
CA ASP A 1274 -3.14 -23.21 26.36
C ASP A 1274 -3.89 -23.21 25.03
N PRO A 1275 -3.80 -22.12 24.30
CA PRO A 1275 -4.83 -21.71 23.36
C PRO A 1275 -5.04 -22.68 22.23
N TRP A 1276 -3.93 -23.09 21.64
CA TRP A 1276 -4.07 -23.97 20.49
C TRP A 1276 -4.75 -25.28 20.86
N ASN A 1277 -4.40 -25.82 22.02
CA ASN A 1277 -4.82 -27.15 22.40
C ASN A 1277 -6.33 -27.25 22.59
N ILE A 1278 -6.93 -26.17 23.08
CA ILE A 1278 -8.39 -26.02 23.06
C ILE A 1278 -8.93 -26.19 21.64
N ILE A 1279 -8.31 -25.53 20.68
CA ILE A 1279 -8.60 -25.74 19.28
C ILE A 1279 -8.20 -27.15 18.85
N ASP A 1280 -6.99 -27.57 19.22
CA ASP A 1280 -6.53 -28.91 18.95
C ASP A 1280 -7.45 -29.96 19.56
N PHE A 1281 -8.22 -29.54 20.57
CA PHE A 1281 -9.13 -30.45 21.26
C PHE A 1281 -10.46 -30.55 20.53
N LEU A 1282 -10.93 -29.41 20.00
CA LEU A 1282 -12.26 -29.35 19.40
C LEU A 1282 -12.31 -30.17 18.11
N TYR A 1283 -11.31 -29.98 17.25
CA TYR A 1283 -11.26 -30.69 15.97
C TYR A 1283 -11.15 -32.20 16.18
N VAL A 1284 -10.45 -32.59 17.25
CA VAL A 1284 -10.41 -34.00 17.66
C VAL A 1284 -11.81 -34.49 17.97
N VAL A 1285 -12.49 -33.78 18.86
CA VAL A 1285 -13.84 -34.11 19.34
C VAL A 1285 -14.81 -34.15 18.17
N LEU A 1286 -14.69 -33.16 17.28
CA LEU A 1286 -15.59 -33.12 16.13
C LEU A 1286 -15.30 -34.27 15.17
N ALA A 1287 -14.03 -34.65 15.08
CA ALA A 1287 -13.65 -35.84 14.31
C ALA A 1287 -14.34 -37.08 14.85
N ILE A 1288 -14.56 -37.12 16.15
CA ILE A 1288 -15.25 -38.23 16.79
C ILE A 1288 -16.77 -38.10 16.61
N ALA A 1289 -17.26 -36.87 16.71
CA ALA A 1289 -18.55 -36.52 16.13
C ALA A 1289 -18.65 -36.96 14.68
N GLY A 1290 -17.68 -36.55 13.88
CA GLY A 1290 -17.64 -36.91 12.47
C GLY A 1290 -17.76 -38.41 12.25
N LEU A 1291 -16.70 -39.14 12.54
CA LEU A 1291 -16.38 -40.37 11.81
C LEU A 1291 -16.79 -41.60 12.62
N MET A 1292 -17.25 -41.37 13.84
CA MET A 1292 -17.16 -42.38 14.90
C MET A 1292 -18.44 -43.20 14.99
N LEU A 1293 -19.58 -42.52 14.97
CA LEU A 1293 -20.85 -43.14 15.29
C LEU A 1293 -21.61 -43.52 14.02
N SER A 1294 -22.07 -42.51 13.29
CA SER A 1294 -21.51 -42.22 11.97
C SER A 1294 -21.95 -40.83 11.50
N ASP A 1295 -23.25 -40.67 11.26
CA ASP A 1295 -23.84 -39.35 11.07
C ASP A 1295 -25.29 -39.33 11.52
N VAL A 1296 -26.07 -40.31 11.06
CA VAL A 1296 -27.29 -40.02 10.32
C VAL A 1296 -27.09 -38.89 9.32
N ILE A 1297 -27.29 -37.66 9.78
CA ILE A 1297 -28.02 -36.66 8.99
C ILE A 1297 -27.14 -35.44 8.71
N GLU A 1298 -26.49 -34.94 9.76
CA GLU A 1298 -25.84 -33.63 9.70
C GLU A 1298 -26.86 -32.51 9.58
N LYS A 1299 -26.38 -31.32 9.24
CA LYS A 1299 -26.57 -30.14 10.07
C LYS A 1299 -26.35 -30.47 11.56
N TYR A 1300 -27.30 -31.20 12.14
CA TYR A 1300 -27.75 -30.92 13.49
C TYR A 1300 -26.59 -30.97 14.48
N PHE A 1301 -25.43 -31.37 13.99
CA PHE A 1301 -24.16 -31.03 14.65
C PHE A 1301 -23.26 -30.21 13.73
N ILE A 1302 -22.86 -30.81 12.60
CA ILE A 1302 -21.53 -30.62 12.07
C ILE A 1302 -21.57 -30.00 10.68
N SER A 1303 -21.60 -30.85 9.65
CA SER A 1303 -21.43 -30.41 8.28
C SER A 1303 -20.00 -29.93 8.04
N PRO A 1304 -19.64 -29.70 6.70
CA PRO A 1304 -18.24 -30.00 6.45
C PRO A 1304 -17.38 -28.73 6.44
N THR A 1305 -18.02 -27.58 6.50
CA THR A 1305 -17.31 -26.31 6.57
C THR A 1305 -16.37 -26.26 7.77
N LEU A 1306 -16.94 -26.34 8.97
CA LEU A 1306 -16.21 -26.00 10.19
C LEU A 1306 -15.26 -27.12 10.58
N LEU A 1307 -15.64 -28.36 10.27
CA LEU A 1307 -14.80 -29.51 10.53
C LEU A 1307 -13.40 -29.32 9.94
N ARG A 1308 -13.35 -28.85 8.70
CA ARG A 1308 -12.08 -28.69 7.99
C ARG A 1308 -11.45 -27.34 8.34
N ILE A 1309 -12.29 -26.37 8.71
CA ILE A 1309 -11.80 -25.05 9.11
C ILE A 1309 -10.96 -25.15 10.38
N LEU A 1310 -11.44 -25.92 11.35
CA LEU A 1310 -10.75 -26.06 12.62
C LEU A 1310 -9.49 -26.89 12.46
N ARG A 1311 -9.46 -27.76 11.45
CA ARG A 1311 -8.25 -28.50 11.17
C ARG A 1311 -7.15 -27.60 10.64
N ILE A 1312 -7.51 -26.62 9.82
CA ILE A 1312 -6.51 -25.72 9.26
C ILE A 1312 -6.03 -24.74 10.33
N LEU A 1313 -6.91 -24.36 11.25
CA LEU A 1313 -6.57 -23.34 12.24
C LEU A 1313 -5.50 -23.77 13.21
N ARG A 1314 -5.26 -25.08 13.29
CA ARG A 1314 -4.18 -25.61 14.10
C ARG A 1314 -2.82 -25.20 13.57
N VAL A 1315 -2.70 -25.16 12.24
CA VAL A 1315 -1.40 -25.04 11.60
C VAL A 1315 -0.73 -23.71 11.95
N GLY A 1316 -1.49 -22.81 12.56
CA GLY A 1316 -0.93 -21.58 13.10
C GLY A 1316 -0.25 -21.80 14.44
N ARG A 1317 -0.07 -23.07 14.81
CA ARG A 1317 0.69 -23.41 16.01
C ARG A 1317 2.18 -23.14 15.82
N LEU A 1318 2.56 -22.81 14.59
CA LEU A 1318 3.95 -22.88 14.17
C LEU A 1318 4.72 -21.62 14.56
N LEU A 1319 4.00 -20.51 14.66
CA LEU A 1319 4.60 -19.23 15.04
C LEU A 1319 5.23 -19.32 16.42
N ARG A 1320 4.87 -20.36 17.17
CA ARG A 1320 5.56 -20.69 18.41
C ARG A 1320 6.95 -21.25 18.13
N TYR A 1321 7.14 -21.81 16.94
CA TYR A 1321 8.15 -22.83 16.72
C TYR A 1321 9.26 -22.31 15.80
N PHE A 1322 9.26 -21.00 15.57
CA PHE A 1322 9.96 -20.42 14.43
C PHE A 1322 11.35 -19.96 14.81
N GLN A 1323 11.74 -20.22 16.05
CA GLN A 1323 12.72 -19.39 16.74
C GLN A 1323 14.11 -19.54 16.12
N SER A 1324 14.15 -20.00 14.87
CA SER A 1324 15.38 -20.51 14.29
C SER A 1324 16.27 -19.38 13.79
N ALA A 1325 16.05 -18.97 12.53
CA ALA A 1325 16.61 -17.72 12.04
C ALA A 1325 15.79 -16.52 12.47
N ARG A 1326 16.42 -15.59 13.18
CA ARG A 1326 15.76 -14.85 14.26
C ARG A 1326 15.32 -13.48 13.79
N GLY A 1327 15.31 -13.28 12.47
CA GLY A 1327 14.78 -12.05 11.89
C GLY A 1327 13.29 -12.13 11.65
N MET A 1328 12.75 -13.33 11.68
CA MET A 1328 11.39 -13.58 11.22
C MET A 1328 10.42 -13.75 12.39
N ARG A 1329 10.91 -14.40 13.45
CA ARG A 1329 10.30 -14.28 14.77
C ARG A 1329 10.54 -12.90 15.36
N LEU A 1330 11.52 -12.18 14.81
CA LEU A 1330 11.81 -10.82 15.25
C LEU A 1330 10.66 -9.88 14.89
N LEU A 1331 10.03 -10.13 13.75
CA LEU A 1331 9.07 -9.20 13.18
C LEU A 1331 7.64 -9.54 13.59
N LEU A 1332 7.47 -10.75 14.14
CA LEU A 1332 6.14 -11.28 14.39
C LEU A 1332 5.73 -11.08 15.85
N LEU A 1333 6.73 -11.04 16.74
CA LEU A 1333 6.62 -10.29 17.97
C LEU A 1333 6.04 -8.89 17.72
N ALA A 1334 6.55 -8.22 16.69
CA ALA A 1334 6.01 -6.94 16.27
C ALA A 1334 4.50 -6.98 16.16
N LEU A 1335 3.99 -7.98 15.44
CA LEU A 1335 2.59 -7.99 15.02
C LEU A 1335 1.65 -7.95 16.22
N ARG A 1336 1.97 -8.74 17.24
CA ARG A 1336 1.15 -8.81 18.44
C ARG A 1336 1.20 -7.51 19.23
N LYS A 1337 2.37 -6.87 19.21
CA LYS A 1337 2.53 -5.56 19.86
C LYS A 1337 1.60 -4.53 19.24
N ALA A 1338 0.98 -4.88 18.12
CA ALA A 1338 0.19 -3.93 17.35
C ALA A 1338 -1.27 -4.37 17.27
N LEU A 1339 -1.50 -5.66 17.38
CA LEU A 1339 -2.78 -6.26 16.99
C LEU A 1339 -3.93 -5.67 17.80
N ARG A 1340 -3.62 -5.26 19.03
CA ARG A 1340 -4.64 -4.78 19.97
C ARG A 1340 -5.02 -3.33 19.65
N THR A 1341 -4.04 -2.54 19.23
CA THR A 1341 -4.31 -1.24 18.63
C THR A 1341 -4.79 -1.40 17.19
N LEU A 1342 -4.49 -2.54 16.58
CA LEU A 1342 -4.85 -2.78 15.19
C LEU A 1342 -6.30 -3.26 15.07
N PHE A 1343 -6.73 -4.07 16.03
CA PHE A 1343 -8.15 -4.34 16.21
C PHE A 1343 -8.93 -3.05 16.45
N ASN A 1344 -8.33 -2.12 17.20
CA ASN A 1344 -9.01 -0.90 17.60
C ASN A 1344 -9.40 -0.04 16.41
N VAL A 1345 -8.44 0.19 15.51
CA VAL A 1345 -8.74 0.81 14.22
C VAL A 1345 -9.75 -0.02 13.44
N SER A 1346 -9.66 -1.34 13.56
CA SER A 1346 -10.63 -2.23 12.93
C SER A 1346 -12.05 -1.80 13.25
N PHE A 1347 -12.24 -1.19 14.41
CA PHE A 1347 -13.57 -0.95 14.94
C PHE A 1347 -14.19 0.32 14.34
N LEU A 1348 -13.37 1.37 14.23
CA LEU A 1348 -13.78 2.59 13.55
C LEU A 1348 -14.24 2.29 12.13
N LEU A 1349 -13.59 1.34 11.48
CA LEU A 1349 -13.91 0.98 10.10
C LEU A 1349 -15.22 0.20 10.04
N PHE A 1350 -15.38 -0.76 10.95
CA PHE A 1350 -16.69 -1.34 11.24
C PHE A 1350 -17.71 -0.25 11.53
N VAL A 1351 -17.27 0.81 12.19
CA VAL A 1351 -18.18 1.80 12.77
C VAL A 1351 -18.65 2.80 11.72
N ILE A 1352 -17.71 3.54 11.16
CA ILE A 1352 -18.03 4.55 10.17
C ILE A 1352 -18.53 3.92 8.87
N MET A 1353 -18.36 2.61 8.75
CA MET A 1353 -19.26 1.80 7.94
C MET A 1353 -20.69 1.90 8.45
N PHE A 1354 -20.91 1.50 9.70
CA PHE A 1354 -22.23 1.54 10.31
C PHE A 1354 -22.81 2.96 10.30
N VAL A 1355 -21.95 3.94 10.56
CA VAL A 1355 -22.23 5.33 10.21
C VAL A 1355 -22.92 5.42 8.85
N TYR A 1356 -22.15 5.18 7.79
CA TYR A 1356 -22.47 5.72 6.47
C TYR A 1356 -23.44 4.81 5.73
N ALA A 1357 -23.60 3.59 6.23
CA ALA A 1357 -24.60 2.67 5.69
C ALA A 1357 -26.01 3.11 6.04
N VAL A 1358 -26.24 3.38 7.33
CA VAL A 1358 -27.53 3.87 7.80
C VAL A 1358 -27.82 5.26 7.24
N PHE A 1359 -26.80 6.10 7.18
CA PHE A 1359 -26.96 7.48 6.75
C PHE A 1359 -27.16 7.55 5.23
N GLY A 1360 -26.46 6.69 4.51
CA GLY A 1360 -26.71 6.51 3.09
C GLY A 1360 -28.01 5.78 2.82
N MET A 1361 -28.33 4.82 3.67
CA MET A 1361 -29.52 3.98 3.48
C MET A 1361 -30.78 4.83 3.38
N GLU A 1362 -30.92 5.79 4.31
CA GLU A 1362 -32.02 6.74 4.25
C GLU A 1362 -31.81 7.82 3.20
N PHE A 1363 -30.63 7.84 2.58
CA PHE A 1363 -30.43 8.54 1.32
C PHE A 1363 -30.80 7.63 0.15
N PHE A 1364 -30.37 6.38 0.24
CA PHE A 1364 -30.25 5.53 -0.95
C PHE A 1364 -31.20 4.34 -0.87
N MET A 1365 -32.46 4.62 -0.59
CA MET A 1365 -33.56 3.80 -1.09
C MET A 1365 -33.52 3.71 -2.62
N HIS A 1366 -34.66 3.36 -3.20
CA HIS A 1366 -34.68 2.73 -4.52
C HIS A 1366 -34.11 3.67 -5.59
N ILE A 1367 -33.15 3.17 -6.36
CA ILE A 1367 -32.36 4.02 -7.23
C ILE A 1367 -32.03 3.32 -8.55
N ARG A 1368 -33.05 2.70 -9.14
CA ARG A 1368 -32.83 1.73 -10.21
C ARG A 1368 -32.19 0.45 -9.68
N ASP A 1369 -31.56 -0.31 -10.58
CA ASP A 1369 -30.11 -0.42 -10.59
C ASP A 1369 -29.56 -0.37 -12.01
N ALA A 1370 -28.46 0.35 -12.20
CA ALA A 1370 -27.53 0.06 -13.29
C ALA A 1370 -26.08 0.22 -12.84
N GLY A 1371 -25.41 -0.90 -12.62
CA GLY A 1371 -24.05 -1.09 -13.10
C GLY A 1371 -23.06 -1.29 -11.97
N ALA A 1372 -23.56 -1.32 -10.75
CA ALA A 1372 -22.90 -2.03 -9.66
C ALA A 1372 -23.74 -2.01 -8.38
N ILE A 1373 -25.02 -2.33 -8.52
CA ILE A 1373 -25.82 -2.74 -7.38
C ILE A 1373 -26.77 -3.89 -7.75
N ASP A 1374 -26.20 -5.05 -8.03
CA ASP A 1374 -26.73 -5.96 -9.02
C ASP A 1374 -28.17 -6.35 -8.70
N ASP A 1375 -28.81 -5.56 -7.85
CA ASP A 1375 -30.06 -5.97 -7.22
C ASP A 1375 -29.84 -7.09 -6.21
N VAL A 1376 -28.58 -7.32 -5.86
CA VAL A 1376 -28.24 -7.97 -4.60
C VAL A 1376 -27.30 -7.11 -3.78
N TYR A 1377 -26.56 -6.24 -4.44
CA TYR A 1377 -25.54 -5.43 -3.78
C TYR A 1377 -26.02 -4.00 -3.54
N ASN A 1378 -27.28 -3.88 -3.14
CA ASN A 1378 -27.93 -2.57 -3.10
C ASN A 1378 -27.67 -1.84 -1.78
N PHE A 1379 -28.16 -0.61 -1.69
CA PHE A 1379 -28.24 0.09 -0.41
C PHE A 1379 -29.58 -0.17 0.27
N LYS A 1380 -30.29 -1.20 -0.19
CA LYS A 1380 -31.64 -1.47 0.26
C LYS A 1380 -31.68 -1.80 1.75
N THR A 1381 -31.02 -2.90 2.11
CA THR A 1381 -31.08 -3.40 3.49
C THR A 1381 -29.92 -2.86 4.32
N PHE A 1382 -29.58 -3.58 5.39
CA PHE A 1382 -28.45 -3.23 6.22
C PHE A 1382 -27.29 -4.22 6.02
N GLY A 1383 -27.63 -5.43 5.60
CA GLY A 1383 -26.61 -6.41 5.22
C GLY A 1383 -25.74 -5.92 4.08
N GLN A 1384 -26.36 -5.64 2.94
CA GLN A 1384 -25.62 -5.36 1.72
C GLN A 1384 -24.97 -3.98 1.76
N SER A 1385 -25.49 -3.12 2.63
CA SER A 1385 -24.93 -1.79 2.82
C SER A 1385 -23.54 -1.85 3.46
N ILE A 1386 -23.23 -3.00 4.06
CA ILE A 1386 -21.87 -3.27 4.52
C ILE A 1386 -21.09 -4.09 3.49
N ILE A 1387 -21.79 -4.97 2.80
CA ILE A 1387 -21.21 -5.70 1.67
C ILE A 1387 -20.71 -4.73 0.60
N LEU A 1388 -21.54 -3.75 0.26
CA LEU A 1388 -21.13 -2.67 -0.63
C LEU A 1388 -19.84 -2.02 -0.15
N LEU A 1389 -19.81 -1.62 1.12
CA LEU A 1389 -18.94 -0.55 1.57
C LEU A 1389 -17.57 -1.09 1.95
N PHE A 1390 -17.47 -2.40 2.11
CA PHE A 1390 -16.18 -3.06 2.24
C PHE A 1390 -15.45 -3.16 0.91
N GLN A 1391 -16.23 -3.17 -0.18
CA GLN A 1391 -15.71 -2.85 -1.50
C GLN A 1391 -15.18 -1.43 -1.55
N LEU A 1392 -15.97 -0.48 -1.07
CA LEU A 1392 -15.58 0.93 -1.07
C LEU A 1392 -14.54 1.22 0.01
N ALA A 1393 -14.50 0.35 1.02
CA ALA A 1393 -13.54 0.51 2.12
C ALA A 1393 -12.13 0.68 1.59
N THR A 1394 -11.70 -0.23 0.72
CA THR A 1394 -10.42 -0.11 0.03
C THR A 1394 -10.56 0.69 -1.26
N SER A 1395 -11.79 1.07 -1.58
CA SER A 1395 -12.04 1.95 -2.72
C SER A 1395 -11.82 1.22 -4.03
N ALA A 1396 -12.22 -0.04 -4.08
CA ALA A 1396 -12.18 -0.82 -5.31
C ALA A 1396 -13.57 -0.97 -5.91
N GLY A 1397 -13.87 -0.15 -6.92
CA GLY A 1397 -15.13 -0.24 -7.63
C GLY A 1397 -16.09 0.87 -7.23
N TRP A 1398 -15.55 2.04 -6.95
CA TRP A 1398 -16.37 3.15 -6.51
C TRP A 1398 -16.82 4.03 -7.62
N ASP A 1399 -16.31 3.81 -8.80
CA ASP A 1399 -16.82 4.45 -10.01
C ASP A 1399 -18.20 3.92 -10.38
N GLY A 1400 -18.25 2.66 -10.77
CA GLY A 1400 -19.51 2.02 -11.14
C GLY A 1400 -20.57 2.16 -10.07
N VAL A 1401 -20.13 2.20 -8.82
CA VAL A 1401 -21.00 2.59 -7.70
C VAL A 1401 -21.46 4.03 -7.85
N TYR A 1402 -20.51 4.93 -8.09
CA TYR A 1402 -20.82 6.34 -8.35
C TYR A 1402 -21.75 6.49 -9.53
N PHE A 1403 -21.53 5.72 -10.59
CA PHE A 1403 -22.33 5.83 -11.80
C PHE A 1403 -23.79 5.47 -11.56
N ALA A 1404 -24.07 4.63 -10.58
CA ALA A 1404 -25.45 4.39 -10.20
C ALA A 1404 -26.05 5.60 -9.52
N ILE A 1405 -25.39 6.09 -8.48
CA ILE A 1405 -25.96 7.10 -7.60
C ILE A 1405 -25.82 8.50 -8.21
N ALA A 1406 -25.20 8.56 -9.38
CA ALA A 1406 -25.18 9.79 -10.18
C ALA A 1406 -26.06 9.67 -11.41
N ASN A 1407 -26.68 8.51 -11.58
CA ASN A 1407 -27.53 8.26 -12.74
C ASN A 1407 -28.85 9.02 -12.65
N GLU A 1408 -29.09 9.90 -13.63
CA GLU A 1408 -30.14 10.90 -13.52
C GLU A 1408 -31.12 10.80 -14.69
N GLU A 1409 -30.86 9.86 -15.59
CA GLU A 1409 -31.60 9.78 -16.84
C GLU A 1409 -33.09 9.54 -16.59
N ASP A 1410 -33.43 8.30 -16.26
CA ASP A 1410 -34.81 7.95 -15.93
C ASP A 1410 -35.20 8.52 -14.57
N CYS A 1411 -36.50 8.76 -14.40
CA CYS A 1411 -37.11 8.76 -13.06
C CYS A 1411 -38.61 9.01 -13.15
N ARG A 1412 -39.35 8.45 -12.21
CA ARG A 1412 -40.76 8.77 -12.05
C ARG A 1412 -40.75 9.53 -10.76
N ALA A 1413 -40.96 10.85 -10.87
CA ALA A 1413 -40.74 11.80 -9.78
C ALA A 1413 -41.55 11.46 -8.54
N PRO A 1414 -40.85 11.28 -7.44
CA PRO A 1414 -41.50 10.72 -6.25
C PRO A 1414 -42.53 11.66 -5.65
N ASP A 1415 -43.77 11.22 -5.66
CA ASP A 1415 -44.91 12.11 -5.40
C ASP A 1415 -45.18 12.30 -3.91
N HIS A 1416 -44.62 11.42 -3.07
CA HIS A 1416 -44.94 11.29 -1.65
C HIS A 1416 -46.45 11.17 -1.48
N GLU A 1417 -47.05 10.25 -2.21
CA GLU A 1417 -48.49 10.11 -2.24
C GLU A 1417 -48.80 8.65 -2.20
N LEU A 1418 -50.05 8.35 -2.54
CA LEU A 1418 -50.41 7.01 -2.98
C LEU A 1418 -49.49 6.69 -4.15
N GLY A 1419 -48.95 5.46 -4.20
CA GLY A 1419 -47.89 5.22 -5.17
C GLY A 1419 -46.43 5.12 -4.73
N TYR A 1420 -45.74 6.25 -4.72
CA TYR A 1420 -44.47 6.47 -5.42
C TYR A 1420 -43.49 5.34 -5.63
N PRO A 1421 -43.07 5.19 -6.89
CA PRO A 1421 -41.76 4.60 -7.19
C PRO A 1421 -40.72 5.62 -6.82
N GLY A 1422 -39.98 5.41 -5.75
CA GLY A 1422 -38.94 6.35 -5.37
C GLY A 1422 -37.68 6.29 -6.21
N ASN A 1423 -37.65 5.40 -7.20
CA ASN A 1423 -36.42 4.97 -7.85
C ASN A 1423 -35.76 6.04 -8.69
N CYS A 1424 -35.16 7.01 -8.00
CA CYS A 1424 -34.78 8.23 -8.66
C CYS A 1424 -33.64 8.97 -8.00
N GLY A 1425 -32.43 8.81 -8.50
CA GLY A 1425 -31.48 9.90 -8.43
C GLY A 1425 -30.81 10.28 -7.14
N SER A 1426 -29.71 11.02 -7.24
CA SER A 1426 -28.96 11.45 -6.07
C SER A 1426 -27.60 12.01 -6.45
N ARG A 1427 -27.59 13.16 -7.11
CA ARG A 1427 -26.35 13.79 -7.55
C ARG A 1427 -25.58 14.36 -6.35
N ALA A 1428 -25.82 15.63 -6.04
CA ALA A 1428 -25.16 16.28 -4.93
C ALA A 1428 -25.16 15.40 -3.69
N LEU A 1429 -26.10 14.47 -3.64
CA LEU A 1429 -26.22 13.56 -2.50
C LEU A 1429 -25.18 12.45 -2.57
N GLY A 1430 -24.51 12.36 -3.71
CA GLY A 1430 -23.48 11.35 -3.90
C GLY A 1430 -22.08 11.91 -3.80
N ILE A 1431 -21.81 12.97 -4.55
CA ILE A 1431 -20.50 13.61 -4.55
C ILE A 1431 -20.05 13.91 -3.13
N ALA A 1432 -20.94 14.48 -2.33
CA ALA A 1432 -20.63 14.82 -0.94
C ALA A 1432 -20.73 13.60 -0.04
N TYR A 1433 -20.72 12.42 -0.66
CA TYR A 1433 -20.80 11.17 0.10
C TYR A 1433 -19.60 10.28 -0.18
N LEU A 1434 -19.33 10.04 -1.47
CA LEU A 1434 -18.21 9.20 -1.87
C LEU A 1434 -16.89 9.89 -1.65
N VAL A 1435 -16.81 11.18 -2.01
CA VAL A 1435 -15.62 11.96 -1.70
C VAL A 1435 -15.48 12.11 -0.20
N SER A 1436 -16.61 12.18 0.50
CA SER A 1436 -16.55 12.16 1.95
C SER A 1436 -16.35 10.74 2.47
N TYR A 1437 -16.44 9.75 1.60
CA TYR A 1437 -16.06 8.44 2.07
C TYR A 1437 -14.59 8.14 1.83
N LEU A 1438 -14.12 8.38 0.60
CA LEU A 1438 -12.79 7.95 0.21
C LEU A 1438 -11.71 8.70 0.98
N ILE A 1439 -11.98 9.95 1.33
CA ILE A 1439 -11.06 10.68 2.19
C ILE A 1439 -11.04 10.06 3.58
N ILE A 1440 -12.19 9.65 4.07
CA ILE A 1440 -12.25 9.07 5.40
C ILE A 1440 -11.71 7.66 5.41
N THR A 1441 -12.12 6.82 4.47
CA THR A 1441 -11.66 5.45 4.56
C THR A 1441 -10.36 5.24 3.82
N CYS A 1442 -10.33 5.49 2.52
CA CYS A 1442 -9.17 5.10 1.73
C CYS A 1442 -7.99 6.01 1.99
N LEU A 1443 -8.24 7.22 2.49
CA LEU A 1443 -7.07 8.05 2.71
C LEU A 1443 -6.58 8.00 4.14
N VAL A 1444 -7.36 8.42 5.12
CA VAL A 1444 -6.76 8.52 6.44
C VAL A 1444 -6.73 7.18 7.16
N VAL A 1445 -7.89 6.55 7.36
CA VAL A 1445 -7.98 5.47 8.34
C VAL A 1445 -7.31 4.20 7.82
N ILE A 1446 -7.30 4.00 6.51
CA ILE A 1446 -6.68 2.78 6.01
C ILE A 1446 -5.18 3.01 5.89
N ASN A 1447 -4.74 4.26 6.00
CA ASN A 1447 -3.31 4.50 6.10
C ASN A 1447 -2.91 4.70 7.55
N MET A 1448 -3.87 5.11 8.37
CA MET A 1448 -3.71 5.01 9.83
C MET A 1448 -3.43 3.57 10.23
N TYR A 1449 -4.05 2.63 9.51
CA TYR A 1449 -3.75 1.22 9.65
C TYR A 1449 -2.26 0.96 9.44
N ALA A 1450 -1.66 1.69 8.51
CA ALA A 1450 -0.26 1.46 8.14
C ALA A 1450 0.67 2.10 9.17
N ALA A 1451 0.21 3.19 9.80
CA ALA A 1451 1.06 3.97 10.69
C ALA A 1451 1.31 3.24 12.00
N VAL A 1452 0.40 2.32 12.33
CA VAL A 1452 0.55 1.51 13.54
C VAL A 1452 1.67 0.48 13.37
N ILE A 1453 1.67 -0.21 12.24
CA ILE A 1453 2.56 -1.34 12.03
C ILE A 1453 4.00 -0.88 11.85
N LEU A 1454 4.17 0.30 11.26
CA LEU A 1454 5.49 0.79 10.87
C LEU A 1454 6.14 1.56 12.01
N ASP A 1455 5.32 2.08 12.92
CA ASP A 1455 5.80 2.52 14.23
C ASP A 1455 6.38 1.37 15.03
N TYR A 1456 5.57 0.33 15.23
CA TYR A 1456 5.93 -0.77 16.12
C TYR A 1456 7.10 -1.57 15.56
N VAL A 1457 7.05 -1.85 14.27
CA VAL A 1457 8.09 -2.63 13.61
C VAL A 1457 9.39 -1.85 13.48
N LEU A 1458 9.28 -0.52 13.50
CA LEU A 1458 10.43 0.34 13.67
C LEU A 1458 10.97 0.27 15.08
N GLU A 1459 10.07 0.29 16.07
CA GLU A 1459 10.47 0.24 17.47
C GLU A 1459 11.24 -1.03 17.79
N VAL A 1460 11.04 -2.07 16.98
CA VAL A 1460 11.43 -3.43 17.34
C VAL A 1460 12.81 -3.77 16.82
N TYR A 1461 13.01 -3.59 15.53
CA TYR A 1461 14.35 -3.47 14.96
C TYR A 1461 15.19 -2.46 15.73
N GLU A 1462 14.52 -1.45 16.29
CA GLU A 1462 15.20 -0.43 17.09
C GLU A 1462 15.80 -1.03 18.34
N ASP A 1463 14.97 -1.67 19.15
CA ASP A 1463 15.44 -2.41 20.32
C ASP A 1463 16.54 -3.39 19.94
N SER A 1464 16.32 -4.13 18.86
CA SER A 1464 17.21 -5.22 18.48
C SER A 1464 18.60 -4.71 18.16
N LYS A 1465 18.68 -3.66 17.34
CA LYS A 1465 19.91 -2.91 17.16
C LYS A 1465 20.61 -2.67 18.49
N GLU A 1466 19.96 -1.89 19.36
CA GLU A 1466 20.62 -1.36 20.55
C GLU A 1466 20.90 -2.47 21.56
N GLY A 1467 19.98 -3.42 21.66
CA GLY A 1467 18.97 -3.38 22.71
C GLY A 1467 18.52 -4.77 23.13
N LEU A 1468 17.28 -4.87 23.61
CA LEU A 1468 16.78 -6.10 24.21
C LEU A 1468 15.32 -6.32 23.87
N THR A 1469 15.06 -7.09 22.82
CA THR A 1469 13.70 -7.41 22.41
C THR A 1469 12.92 -8.05 23.56
N ASP A 1470 11.68 -8.46 23.29
CA ASP A 1470 10.86 -9.11 24.28
C ASP A 1470 11.10 -10.63 24.29
N ASP A 1471 11.42 -11.17 23.13
CA ASP A 1471 11.81 -12.58 23.03
C ASP A 1471 12.88 -12.93 24.06
N ASP A 1472 13.92 -12.11 24.12
CA ASP A 1472 15.02 -12.36 25.06
C ASP A 1472 14.51 -12.50 26.49
N TYR A 1473 13.71 -11.53 26.92
CA TYR A 1473 13.13 -11.56 28.26
C TYR A 1473 12.36 -12.86 28.49
N ASP A 1474 11.63 -13.31 27.47
CA ASP A 1474 10.83 -14.52 27.57
C ASP A 1474 11.71 -15.75 27.74
N MET A 1475 12.77 -15.83 26.96
CA MET A 1475 13.69 -16.96 27.02
C MET A 1475 14.41 -17.03 28.36
N PHE A 1476 14.68 -15.86 28.93
CA PHE A 1476 15.28 -15.79 30.26
C PHE A 1476 14.43 -16.53 31.29
N PHE A 1477 13.14 -16.24 31.30
CA PHE A 1477 12.25 -16.78 32.34
C PHE A 1477 11.90 -18.24 32.06
N GLU A 1478 11.82 -18.59 30.78
CA GLU A 1478 11.81 -19.99 30.37
C GLU A 1478 12.89 -20.79 31.10
N VAL A 1479 14.13 -20.34 30.99
CA VAL A 1479 15.25 -21.08 31.56
C VAL A 1479 15.37 -20.83 33.06
N TRP A 1480 14.79 -19.72 33.52
CA TRP A 1480 14.62 -19.49 34.95
C TRP A 1480 13.66 -20.49 35.57
N GLN A 1481 12.52 -20.69 34.91
CA GLN A 1481 11.59 -21.75 35.28
C GLN A 1481 12.32 -23.09 35.40
N GLN A 1482 13.14 -23.40 34.40
CA GLN A 1482 13.91 -24.64 34.40
C GLN A 1482 14.70 -24.79 35.69
N PHE A 1483 15.32 -23.70 36.13
CA PHE A 1483 16.17 -23.73 37.31
C PHE A 1483 15.39 -23.42 38.58
N ASP A 1484 14.16 -22.94 38.40
CA ASP A 1484 13.31 -22.56 39.52
C ASP A 1484 11.90 -23.05 39.25
N PRO A 1485 11.68 -24.36 39.41
CA PRO A 1485 10.42 -25.03 39.10
C PRO A 1485 9.29 -24.57 40.01
N GLU A 1486 9.62 -24.37 41.28
CA GLU A 1486 8.61 -24.07 42.29
C GLU A 1486 8.42 -22.57 42.47
N ALA A 1487 8.93 -21.80 41.52
CA ALA A 1487 8.74 -20.35 41.51
C ALA A 1487 8.95 -19.73 42.89
N THR A 1488 10.04 -20.13 43.55
CA THR A 1488 10.44 -19.53 44.81
C THR A 1488 11.04 -18.16 44.49
N GLN A 1489 11.35 -17.94 43.22
CA GLN A 1489 11.99 -16.72 42.78
C GLN A 1489 13.36 -16.56 43.44
N TYR A 1490 14.03 -17.68 43.66
CA TYR A 1490 15.44 -17.67 44.00
C TYR A 1490 16.23 -18.67 43.18
N ILE A 1491 17.53 -18.71 43.41
CA ILE A 1491 18.39 -19.72 42.82
C ILE A 1491 19.64 -19.87 43.68
N ARG A 1492 20.18 -21.08 43.75
CA ARG A 1492 21.32 -21.35 44.63
C ARG A 1492 22.62 -20.80 44.05
N TYR A 1493 23.61 -20.59 44.91
CA TYR A 1493 24.89 -20.02 44.47
C TYR A 1493 25.53 -20.87 43.38
N ASP A 1494 25.60 -22.18 43.62
CA ASP A 1494 26.32 -23.09 42.72
C ASP A 1494 25.62 -23.29 41.38
N GLN A 1495 24.31 -23.07 41.34
CA GLN A 1495 23.56 -23.24 40.11
C GLN A 1495 23.62 -21.99 39.22
N LEU A 1496 24.10 -20.87 39.78
CA LEU A 1496 24.14 -19.61 39.03
C LEU A 1496 24.92 -19.74 37.73
N SER A 1497 26.14 -20.27 37.81
CA SER A 1497 27.02 -20.43 36.65
C SER A 1497 26.31 -21.17 35.51
N GLU A 1498 25.62 -22.24 35.87
CA GLU A 1498 24.87 -23.03 34.90
C GLU A 1498 23.74 -22.21 34.28
N LEU A 1499 23.09 -21.39 35.10
CA LEU A 1499 22.00 -20.55 34.62
C LEU A 1499 22.51 -19.50 33.63
N LEU A 1500 23.69 -18.94 33.92
CA LEU A 1500 24.32 -17.97 33.03
C LEU A 1500 24.79 -18.65 31.74
N GLU A 1501 25.05 -19.94 31.81
CA GLU A 1501 25.42 -20.71 30.63
C GLU A 1501 24.19 -21.09 29.79
N ALA A 1502 23.03 -21.13 30.44
CA ALA A 1502 21.82 -21.66 29.82
C ALA A 1502 21.00 -20.62 29.06
N LEU A 1503 21.59 -19.46 28.78
CA LEU A 1503 20.84 -18.39 28.13
C LEU A 1503 21.27 -18.21 26.68
N GLN A 1504 20.41 -17.59 25.88
CA GLN A 1504 20.78 -17.24 24.52
C GLN A 1504 21.45 -15.88 24.54
N PRO A 1505 22.36 -15.64 23.57
CA PRO A 1505 22.96 -14.30 23.46
C PRO A 1505 21.88 -13.26 23.26
N PRO A 1506 22.12 -12.02 23.72
CA PRO A 1506 23.38 -11.60 24.36
C PRO A 1506 23.38 -11.74 25.89
N LEU A 1507 22.25 -12.08 26.49
CA LEU A 1507 22.16 -12.27 27.93
C LEU A 1507 23.15 -13.34 28.42
N GLN A 1508 23.43 -14.30 27.55
CA GLN A 1508 24.20 -15.49 27.92
C GLN A 1508 25.63 -15.13 28.30
N VAL A 1509 26.05 -15.60 29.47
CA VAL A 1509 27.45 -15.55 29.88
C VAL A 1509 27.99 -16.96 29.85
N GLN A 1510 28.80 -17.26 28.82
CA GLN A 1510 29.24 -18.61 28.55
C GLN A 1510 30.40 -19.01 29.46
N LYS A 1511 30.49 -20.29 29.80
CA LYS A 1511 31.55 -20.78 30.68
C LYS A 1511 32.87 -20.94 29.93
N PRO A 1512 33.98 -20.59 30.57
CA PRO A 1512 33.99 -20.32 32.02
C PRO A 1512 33.53 -18.88 32.31
N ASN A 1513 32.80 -18.68 33.39
CA ASN A 1513 32.15 -17.41 33.62
C ASN A 1513 32.18 -16.91 35.06
N LYS A 1514 32.88 -17.63 35.92
CA LYS A 1514 32.93 -17.30 37.34
C LYS A 1514 33.50 -15.89 37.56
N TYR A 1515 34.60 -15.59 36.89
CA TYR A 1515 35.33 -14.35 37.11
C TYR A 1515 34.51 -13.16 36.59
N LYS A 1516 33.57 -13.43 35.70
CA LYS A 1516 32.73 -12.38 35.13
C LYS A 1516 31.50 -12.13 35.99
N ILE A 1517 30.77 -13.19 36.30
CA ILE A 1517 29.68 -13.13 37.27
C ILE A 1517 30.12 -12.38 38.53
N LEU A 1518 31.29 -12.73 39.05
CA LEU A 1518 31.80 -12.12 40.27
C LEU A 1518 31.95 -10.60 40.09
N SER A 1519 31.86 -10.15 38.85
CA SER A 1519 32.04 -8.75 38.53
C SER A 1519 30.72 -7.98 38.74
N MET A 1520 29.60 -8.65 38.45
CA MET A 1520 28.31 -7.99 38.48
C MET A 1520 27.77 -7.92 39.90
N ASN A 1521 26.92 -6.95 40.19
CA ASN A 1521 26.35 -6.82 41.53
C ASN A 1521 25.31 -7.89 41.75
N ILE A 1522 25.67 -8.93 42.49
CA ILE A 1522 24.73 -10.00 42.73
C ILE A 1522 24.63 -10.26 44.20
N PRO A 1523 23.69 -9.58 44.85
CA PRO A 1523 23.49 -9.78 46.29
C PRO A 1523 22.91 -11.16 46.54
N ILE A 1524 23.35 -11.78 47.63
CA ILE A 1524 22.78 -13.05 48.06
C ILE A 1524 22.12 -12.91 49.43
N CYS A 1525 20.94 -13.53 49.53
CA CYS A 1525 20.24 -13.66 50.79
C CYS A 1525 20.66 -14.99 51.40
N LYS A 1526 20.65 -15.07 52.72
CA LYS A 1526 21.00 -16.30 53.41
C LYS A 1526 19.89 -17.35 53.29
N ASP A 1527 20.22 -18.53 52.80
CA ASP A 1527 21.61 -18.99 52.77
C ASP A 1527 22.09 -19.19 51.33
N ASP A 1528 22.94 -18.28 50.87
CA ASP A 1528 23.54 -18.36 49.54
C ASP A 1528 22.50 -18.52 48.42
N HIS A 1529 21.39 -17.82 48.53
CA HIS A 1529 20.43 -17.74 47.44
C HIS A 1529 20.46 -16.35 46.80
N ILE A 1530 20.17 -16.32 45.51
CA ILE A 1530 20.16 -15.08 44.75
C ILE A 1530 18.78 -14.89 44.13
N PHE A 1531 18.28 -13.66 44.17
CA PHE A 1531 16.95 -13.35 43.64
C PHE A 1531 16.99 -13.08 42.15
N TYR A 1532 15.84 -13.17 41.50
CA TYR A 1532 15.78 -13.24 40.04
C TYR A 1532 16.12 -11.89 39.42
N LYS A 1533 15.68 -10.82 40.06
CA LYS A 1533 15.62 -9.51 39.42
C LYS A 1533 16.92 -8.73 39.65
N ASP A 1534 17.58 -9.01 40.76
CA ASP A 1534 19.02 -8.83 40.85
C ASP A 1534 19.74 -9.47 39.66
N VAL A 1535 19.36 -10.69 39.33
CA VAL A 1535 19.94 -11.40 38.20
C VAL A 1535 19.54 -10.75 36.88
N LEU A 1536 18.25 -10.45 36.74
CA LEU A 1536 17.75 -9.77 35.55
C LEU A 1536 18.41 -8.41 35.39
N GLU A 1537 18.38 -7.60 36.44
CA GLU A 1537 19.01 -6.29 36.43
C GLU A 1537 20.49 -6.41 36.05
N ALA A 1538 21.20 -7.25 36.78
CA ALA A 1538 22.64 -7.44 36.53
C ALA A 1538 22.93 -7.89 35.10
N LEU A 1539 22.20 -8.90 34.63
CA LEU A 1539 22.46 -9.50 33.33
C LEU A 1539 22.17 -8.52 32.20
N VAL A 1540 21.02 -7.85 32.29
CA VAL A 1540 20.62 -6.89 31.28
C VAL A 1540 21.56 -5.70 31.24
N LYS A 1541 22.01 -5.26 32.41
CA LYS A 1541 22.99 -4.19 32.51
C LYS A 1541 24.31 -4.59 31.87
N ASP A 1542 24.65 -5.87 31.96
CA ASP A 1542 25.81 -6.41 31.26
C ASP A 1542 25.70 -6.18 29.76
N VAL A 1543 24.57 -6.59 29.18
CA VAL A 1543 24.44 -6.71 27.74
C VAL A 1543 24.62 -5.36 27.05
N PHE A 1544 24.06 -4.32 27.66
CA PHE A 1544 24.20 -2.95 27.14
C PHE A 1544 25.63 -2.45 27.28
N SER A 1545 26.30 -2.90 28.35
CA SER A 1545 27.76 -2.98 28.35
C SER A 1545 28.26 -3.70 27.10
N ARG A 1546 28.08 -5.03 27.07
CA ARG A 1546 28.62 -5.84 26.00
C ARG A 1546 28.31 -5.22 24.63
N ARG A 1547 27.27 -4.41 24.58
CA ARG A 1547 26.98 -3.60 23.40
C ARG A 1547 27.98 -2.46 23.27
N GLY A 1548 28.07 -1.63 24.30
CA GLY A 1548 28.29 -0.21 24.12
C GLY A 1548 29.34 0.33 25.08
N SER A 1549 29.23 1.62 25.39
CA SER A 1549 30.06 2.23 26.43
C SER A 1549 29.27 3.26 27.23
N PRO A 1550 28.82 4.38 26.54
CA PRO A 1550 29.58 5.58 26.89
C PRO A 1550 28.81 6.45 27.89
N VAL A 1551 27.61 6.89 27.51
CA VAL A 1551 26.91 7.93 28.25
C VAL A 1551 25.46 7.52 28.50
N GLU A 1552 24.90 6.72 27.60
CA GLU A 1552 23.70 5.97 27.89
C GLU A 1552 23.72 5.39 29.30
N ALA A 1553 24.88 4.85 29.70
CA ALA A 1553 24.94 3.94 30.83
C ALA A 1553 24.52 4.63 32.11
N GLY A 1554 25.12 5.78 32.40
CA GLY A 1554 24.69 6.63 33.50
C GLY A 1554 23.20 6.93 33.44
N ASP A 1555 22.70 7.15 32.23
CA ASP A 1555 21.26 7.34 32.03
C ASP A 1555 20.48 6.12 32.54
N VAL A 1556 20.99 4.96 32.15
CA VAL A 1556 20.40 3.67 32.52
C VAL A 1556 20.36 3.53 34.05
N GLN A 1557 21.48 3.88 34.65
CA GLN A 1557 21.66 3.83 36.11
C GLN A 1557 20.62 4.71 36.79
N ALA A 1558 20.48 5.90 36.26
CA ALA A 1558 19.54 6.91 36.76
C ALA A 1558 18.11 6.35 36.72
N PRO A 1559 17.80 5.75 35.58
CA PRO A 1559 16.49 5.15 35.33
C PRO A 1559 16.20 4.08 36.38
N ASN A 1560 17.20 3.25 36.60
CA ASN A 1560 17.13 2.15 37.57
C ASN A 1560 16.82 2.70 38.96
N VAL A 1561 17.56 3.73 39.30
CA VAL A 1561 17.42 4.42 40.60
C VAL A 1561 15.99 4.91 40.79
N ASP A 1562 15.50 5.54 39.73
CA ASP A 1562 14.13 6.10 39.70
C ASP A 1562 13.11 4.99 39.96
N GLU A 1563 13.31 3.89 39.26
CA GLU A 1563 12.45 2.71 39.36
C GLU A 1563 12.41 2.21 40.81
N ALA A 1564 13.59 2.13 41.39
CA ALA A 1564 13.78 1.67 42.77
C ALA A 1564 13.00 2.57 43.72
C1 NAG B . -29.43 -25.70 -4.16
C2 NAG B . -30.70 -26.39 -4.68
C3 NAG B . -30.43 -27.88 -4.92
C4 NAG B . -29.21 -28.09 -5.79
C5 NAG B . -28.03 -27.35 -5.15
C6 NAG B . -26.75 -27.43 -5.93
C7 NAG B . -33.08 -26.19 -4.13
C8 NAG B . -34.08 -25.99 -3.03
N2 NAG B . -31.80 -26.21 -3.76
O3 NAG B . -31.60 -28.46 -5.49
O4 NAG B . -28.88 -29.47 -5.87
O5 NAG B . -28.36 -25.95 -5.04
O6 NAG B . -25.68 -26.90 -5.15
O7 NAG B . -33.42 -26.34 -5.30
C1 NAG B . -29.39 -30.05 -7.08
C2 NAG B . -28.54 -31.25 -7.50
C3 NAG B . -29.18 -31.93 -8.71
C4 NAG B . -30.61 -32.35 -8.38
C5 NAG B . -31.40 -31.10 -7.99
C6 NAG B . -32.82 -31.39 -7.59
C7 NAG B . -26.11 -31.64 -7.68
C8 NAG B . -24.79 -31.05 -8.05
N2 NAG B . -27.19 -30.84 -7.82
O3 NAG B . -28.39 -33.04 -9.12
O4 NAG B . -31.27 -32.99 -9.46
O5 NAG B . -30.76 -30.48 -6.87
O6 NAG B . -33.44 -30.24 -7.03
O7 NAG B . -26.22 -32.80 -7.30
C1 BMA B . -31.28 -34.41 -9.22
C2 BMA B . -32.54 -34.99 -9.88
C3 BMA B . -32.30 -36.42 -10.32
C4 BMA B . -30.93 -36.59 -11.02
C5 BMA B . -29.89 -36.24 -10.02
C6 BMA B . -28.46 -36.45 -10.51
O2 BMA B . -32.87 -34.29 -11.04
O3 BMA B . -33.35 -36.83 -11.16
O4 BMA B . -30.73 -37.92 -11.42
O5 BMA B . -30.05 -34.86 -9.76
O6 BMA B . -28.38 -37.76 -11.04
C1 BMA B . -34.47 -37.21 -10.36
C2 BMA B . -35.70 -37.25 -11.30
C3 BMA B . -36.85 -38.10 -10.71
C4 BMA B . -36.35 -39.42 -10.10
C5 BMA B . -35.32 -39.05 -9.04
C6 BMA B . -34.81 -40.24 -8.27
O2 BMA B . -35.34 -37.83 -12.52
O3 BMA B . -37.84 -38.37 -11.70
O4 BMA B . -37.41 -40.12 -9.51
O5 BMA B . -34.21 -38.46 -9.72
O6 BMA B . -33.96 -39.74 -7.26
C1 BMA B . -27.18 -38.42 -10.63
C2 BMA B . -27.61 -39.87 -10.31
C3 BMA B . -26.54 -40.91 -10.60
C4 BMA B . -25.71 -40.60 -11.84
C5 BMA B . -25.08 -39.25 -11.64
C6 BMA B . -24.07 -38.90 -12.75
O2 BMA B . -28.69 -40.25 -11.12
O3 BMA B . -27.18 -42.17 -10.76
O4 BMA B . -24.69 -41.56 -12.02
O5 BMA B . -26.17 -38.28 -11.66
O6 BMA B . -23.80 -40.07 -13.54
C1 NAG C . -35.34 10.10 -39.21
C2 NAG C . -36.63 10.65 -38.63
C3 NAG C . -37.68 10.79 -39.74
C4 NAG C . -37.13 11.51 -40.96
C5 NAG C . -35.74 11.01 -41.36
C6 NAG C . -35.06 11.86 -42.40
C7 NAG C . -36.86 9.95 -36.28
C8 NAG C . -37.45 8.96 -35.34
N2 NAG C . -37.13 9.77 -37.58
O3 NAG C . -38.80 11.49 -39.21
O4 NAG C . -37.97 11.22 -42.07
O5 NAG C . -34.87 10.97 -40.22
O6 NAG C . -33.73 11.41 -42.63
O7 NAG C . -36.15 10.87 -35.90
C1 NAG C . -38.80 12.34 -42.40
C2 NAG C . -39.16 12.23 -43.87
C3 NAG C . -40.08 13.39 -44.26
C4 NAG C . -41.31 13.43 -43.37
C5 NAG C . -40.92 13.40 -41.89
C6 NAG C . -42.10 13.18 -40.96
C7 NAG C . -37.47 11.07 -45.20
C8 NAG C . -36.23 11.20 -46.03
N2 NAG C . -37.97 12.20 -44.70
O3 NAG C . -40.46 13.25 -45.63
O4 NAG C . -42.03 14.62 -43.64
O5 NAG C . -40.00 12.32 -41.61
O6 NAG C . -42.11 11.86 -40.43
O7 NAG C . -38.00 9.99 -44.99
C1 BMA C . -43.35 14.39 -44.20
C2 BMA C . -43.66 15.52 -45.24
C3 BMA C . -44.98 15.22 -45.98
C4 BMA C . -45.07 13.74 -46.47
C5 BMA C . -44.80 12.80 -45.28
C6 BMA C . -44.86 11.34 -45.66
O2 BMA C . -42.65 15.60 -46.24
O3 BMA C . -45.20 16.10 -47.07
O4 BMA C . -46.34 13.47 -47.00
O5 BMA C . -43.48 13.09 -44.79
O6 BMA C . -45.13 10.59 -44.48
C1 NAG D . -30.70 -3.32 -29.18
C2 NAG D . -30.70 -2.82 -30.62
C3 NAG D . -30.77 -4.00 -31.61
C4 NAG D . -30.47 -5.36 -30.99
C5 NAG D . -29.53 -5.35 -29.77
C6 NAG D . -28.08 -5.54 -30.14
C7 NAG D . -31.80 -1.00 -31.86
C8 NAG D . -33.00 -0.11 -31.95
N2 NAG D . -31.79 -1.88 -30.86
O3 NAG D . -29.89 -3.74 -32.70
O4 NAG D . -31.68 -6.05 -30.64
O5 NAG D . -29.59 -4.14 -28.97
O6 NAG D . -27.25 -5.72 -29.00
O7 NAG D . -30.87 -0.91 -32.66
C1 NAG D . -32.22 -6.83 -31.71
C2 NAG D . -32.83 -8.13 -31.14
C3 NAG D . -33.57 -8.93 -32.22
C4 NAG D . -34.59 -8.03 -32.92
C5 NAG D . -33.86 -6.83 -33.52
C6 NAG D . -34.77 -5.85 -34.22
C7 NAG D . -31.99 -9.64 -29.39
C8 NAG D . -30.82 -10.44 -28.90
N2 NAG D . -31.80 -8.96 -30.52
O3 NAG D . -34.22 -10.04 -31.61
O4 NAG D . -35.37 -8.71 -33.91
O5 NAG D . -33.23 -6.10 -32.45
O6 NAG D . -34.08 -4.67 -34.55
O7 NAG D . -33.06 -9.62 -28.78
C1 BMA D . -34.69 -9.60 -34.84
C2 BMA D . -35.40 -10.97 -34.75
C3 BMA D . -34.76 -11.94 -35.77
C4 BMA D . -34.73 -11.35 -37.18
C5 BMA D . -34.02 -9.97 -37.16
C6 BMA D . -34.01 -9.27 -38.50
O2 BMA D . -36.78 -10.84 -35.10
O3 BMA D . -35.44 -13.19 -35.79
O4 BMA D . -34.03 -12.23 -38.06
O5 BMA D . -34.70 -9.11 -36.19
O6 BMA D . -33.13 -8.16 -38.41
C1 NAG E . -27.36 -27.38 -27.90
C2 NAG E . -27.00 -28.49 -28.87
C3 NAG E . -27.20 -28.01 -30.31
C4 NAG E . -28.63 -27.49 -30.51
C5 NAG E . -28.95 -26.44 -29.45
C6 NAG E . -30.41 -26.03 -29.45
C7 NAG E . -25.32 -29.91 -27.81
C8 NAG E . -23.87 -30.26 -27.71
N2 NAG E . -25.64 -28.94 -28.67
O3 NAG E . -26.95 -29.10 -31.19
O4 NAG E . -28.76 -26.94 -31.81
O5 NAG E . -28.69 -26.96 -28.14
O6 NAG E . -30.89 -25.84 -28.13
O7 NAG E . -26.17 -30.46 -27.12
C1 NAG E . -29.61 -27.83 -32.57
C2 NAG E . -30.35 -27.04 -33.66
C3 NAG E . -31.14 -28.01 -34.56
C4 NAG E . -30.26 -29.15 -35.06
C5 NAG E . -29.55 -29.81 -33.88
C6 NAG E . -28.58 -30.89 -34.29
C7 NAG E . -30.86 -24.84 -32.69
C8 NAG E . -31.95 -23.96 -32.12
N2 NAG E . -31.25 -26.06 -33.08
O3 NAG E . -31.68 -27.26 -35.65
O4 NAG E . -31.06 -30.14 -35.70
O5 NAG E . -28.80 -28.83 -33.16
O6 NAG E . -28.05 -31.55 -33.14
O7 NAG E . -29.70 -24.47 -32.78
C1 BMA E . -30.89 -30.04 -37.13
C2 BMA E . -30.76 -31.42 -37.76
C3 BMA E . -30.63 -31.28 -39.29
C4 BMA E . -31.69 -30.32 -39.93
C5 BMA E . -31.87 -29.01 -39.08
C6 BMA E . -33.08 -28.18 -39.49
O2 BMA E . -31.93 -32.18 -37.52
O3 BMA E . -30.66 -32.55 -39.94
O4 BMA E . -31.33 -29.97 -41.24
O5 BMA E . -32.01 -29.35 -37.69
O6 BMA E . -33.17 -27.05 -38.64
C1 NAG F . -26.70 -34.97 -26.45
C2 NAG F . -25.21 -34.89 -26.78
C3 NAG F . -25.00 -34.82 -28.29
C4 NAG F . -25.74 -35.95 -29.01
C5 NAG F . -27.20 -35.97 -28.57
C6 NAG F . -27.98 -37.13 -29.13
C7 NAG F . -23.42 -33.81 -25.49
C8 NAG F . -22.94 -32.54 -24.88
N2 NAG F . -24.59 -33.74 -26.13
O3 NAG F . -23.60 -34.88 -28.55
O4 NAG F . -25.77 -35.74 -30.41
O5 NAG F . -27.29 -36.08 -27.14
O6 NAG F . -29.03 -37.52 -28.25
O7 NAG F . -22.78 -34.85 -25.41
C1 NAG F . -24.72 -36.27 -31.22
C2 NAG F . -25.12 -37.59 -31.88
C3 NAG F . -24.10 -38.03 -32.95
C4 NAG F . -23.60 -36.86 -33.82
C5 NAG F . -23.33 -35.62 -32.98
C6 NAG F . -23.04 -34.38 -33.81
C7 NAG F . -26.07 -39.72 -31.05
C8 NAG F . -26.09 -40.68 -29.91
N2 NAG F . -25.27 -38.63 -30.89
O3 NAG F . -24.79 -38.97 -33.76
O4 NAG F . -22.35 -37.10 -34.46
O5 NAG F . -24.49 -35.32 -32.18
O6 NAG F . -21.85 -33.75 -33.39
O7 NAG F . -26.71 -39.89 -32.07
C1 BMA F . -21.86 -38.41 -34.83
C2 BMA F . -22.06 -38.56 -36.34
C3 BMA F . -21.45 -39.88 -36.79
C4 BMA F . -19.99 -40.00 -36.36
C5 BMA F . -19.90 -39.82 -34.83
C6 BMA F . -18.48 -39.76 -34.36
O2 BMA F . -21.33 -37.55 -37.01
O3 BMA F . -21.58 -40.07 -38.20
O4 BMA F . -19.49 -41.28 -36.72
O5 BMA F . -20.51 -38.56 -34.47
O6 BMA F . -18.02 -38.42 -34.56
C1 NAG G . -40.96 -40.76 -21.79
C2 NAG G . -42.31 -40.47 -22.44
C3 NAG G . -43.37 -41.49 -22.00
C4 NAG G . -42.87 -42.90 -22.25
C5 NAG G . -41.57 -43.10 -21.50
C6 NAG G . -40.96 -44.47 -21.73
C7 NAG G . -43.12 -38.27 -23.08
C8 NAG G . -43.55 -36.91 -22.61
N2 NAG G . -42.75 -39.13 -22.13
O3 NAG G . -44.54 -41.25 -22.76
O4 NAG G . -43.82 -43.86 -21.79
O5 NAG G . -40.62 -42.14 -21.98
O6 NAG G . -41.77 -45.49 -21.17
O7 NAG G . -43.13 -38.58 -24.27
C1 NAG G . -44.45 -44.53 -22.89
C2 NAG G . -45.27 -45.69 -22.34
C3 NAG G . -46.03 -46.38 -23.47
C4 NAG G . -46.89 -45.37 -24.22
C5 NAG G . -46.00 -44.24 -24.74
C6 NAG G . -46.77 -43.13 -25.41
C7 NAG G . -44.73 -47.13 -20.43
C8 NAG G . -43.74 -48.11 -19.85
N2 NAG G . -44.43 -46.64 -21.64
O3 NAG G . -46.86 -47.41 -22.94
O4 NAG G . -47.56 -45.99 -25.30
O5 NAG G . -45.29 -43.64 -23.64
O6 NAG G . -46.23 -41.86 -25.10
O7 NAG G . -45.75 -46.81 -19.83
C1 NAG H . -22.39 20.40 -40.93
C2 NAG H . -23.35 20.40 -42.14
C3 NAG H . -23.77 21.83 -42.50
C4 NAG H . -24.32 22.56 -41.29
C5 NAG H . -23.28 22.53 -40.17
C6 NAG H . -23.78 23.18 -38.90
C7 NAG H . -23.10 18.58 -43.80
C8 NAG H . -22.35 18.09 -44.98
N2 NAG H . -22.72 19.77 -43.30
O3 NAG H . -24.76 21.77 -43.52
O4 NAG H . -24.59 23.91 -41.62
O5 NAG H . -22.96 21.17 -39.85
O6 NAG H . -24.14 24.53 -39.14
O7 NAG H . -24.01 17.94 -43.27
#